data_1FGY
# 
_entry.id   1FGY 
# 
_audit_conform.dict_name       mmcif_pdbx.dic 
_audit_conform.dict_version    5.398 
_audit_conform.dict_location   http://mmcif.pdb.org/dictionaries/ascii/mmcif_pdbx.dic 
# 
loop_
_database_2.database_id 
_database_2.database_code 
_database_2.pdbx_database_accession 
_database_2.pdbx_DOI 
PDB   1FGY         pdb_00001fgy 10.2210/pdb1fgy/pdb 
RCSB  RCSB011576   ?            ?                   
WWPDB D_1000011576 ?            ?                   
# 
loop_
_pdbx_audit_revision_history.ordinal 
_pdbx_audit_revision_history.data_content_type 
_pdbx_audit_revision_history.major_revision 
_pdbx_audit_revision_history.minor_revision 
_pdbx_audit_revision_history.revision_date 
1 'Structure model' 1 0 2000-08-23 
2 'Structure model' 1 1 2008-04-27 
3 'Structure model' 1 2 2011-07-13 
4 'Structure model' 1 3 2024-11-06 
# 
_pdbx_audit_revision_details.ordinal             1 
_pdbx_audit_revision_details.revision_ordinal    1 
_pdbx_audit_revision_details.data_content_type   'Structure model' 
_pdbx_audit_revision_details.provider            repository 
_pdbx_audit_revision_details.type                'Initial release' 
_pdbx_audit_revision_details.description         ? 
_pdbx_audit_revision_details.details             ? 
# 
loop_
_pdbx_audit_revision_group.ordinal 
_pdbx_audit_revision_group.revision_ordinal 
_pdbx_audit_revision_group.data_content_type 
_pdbx_audit_revision_group.group 
1 2 'Structure model' 'Version format compliance' 
2 3 'Structure model' 'Version format compliance' 
3 4 'Structure model' 'Data collection'           
4 4 'Structure model' 'Database references'       
5 4 'Structure model' 'Derived calculations'      
6 4 'Structure model' 'Structure summary'         
# 
loop_
_pdbx_audit_revision_category.ordinal 
_pdbx_audit_revision_category.revision_ordinal 
_pdbx_audit_revision_category.data_content_type 
_pdbx_audit_revision_category.category 
1 4 'Structure model' chem_comp_atom            
2 4 'Structure model' chem_comp_bond            
3 4 'Structure model' database_2                
4 4 'Structure model' pdbx_entry_details        
5 4 'Structure model' pdbx_modification_feature 
6 4 'Structure model' struct_conn               
7 4 'Structure model' struct_ref_seq_dif        
8 4 'Structure model' struct_site               
# 
loop_
_pdbx_audit_revision_item.ordinal 
_pdbx_audit_revision_item.revision_ordinal 
_pdbx_audit_revision_item.data_content_type 
_pdbx_audit_revision_item.item 
1 4 'Structure model' '_database_2.pdbx_DOI'                
2 4 'Structure model' '_database_2.pdbx_database_accession' 
3 4 'Structure model' '_struct_conn.pdbx_leaving_atom_flag' 
4 4 'Structure model' '_struct_ref_seq_dif.details'         
5 4 'Structure model' '_struct_site.pdbx_auth_asym_id'      
6 4 'Structure model' '_struct_site.pdbx_auth_comp_id'      
7 4 'Structure model' '_struct_site.pdbx_auth_seq_id'       
# 
_pdbx_database_status.status_code                     REL 
_pdbx_database_status.entry_id                        1FGY 
_pdbx_database_status.recvd_initial_deposition_date   2000-07-29 
_pdbx_database_status.deposit_site                    RCSB 
_pdbx_database_status.process_site                    RCSB 
_pdbx_database_status.SG_entry                        . 
_pdbx_database_status.pdb_format_compatible           Y 
_pdbx_database_status.status_code_mr                  ? 
_pdbx_database_status.status_code_sf                  ? 
_pdbx_database_status.status_code_cs                  ? 
_pdbx_database_status.status_code_nmr_data            ? 
_pdbx_database_status.methods_development_category    ? 
# 
_pdbx_database_related.db_name        PDB 
_pdbx_database_related.db_id          1FGZ 
_pdbx_database_related.details        'GRP1 PLECKSTRIN HOMOLOGY DOMAIN WITHOUT IP4' 
_pdbx_database_related.content_type   unspecified 
# 
loop_
_audit_author.name 
_audit_author.pdbx_ordinal 
'Lietzke, S.E.'   1 
'Bose, S.'        2 
'Cronin, T.'      3 
'Klarlund, J.'    4 
'Chawla, A.'      5 
'Czech, M.P.'     6 
'Lambright, D.G.' 7 
# 
_citation.id                        primary 
_citation.title                     'Structural basis of 3-phosphoinositide recognition by pleckstrin homology domains.' 
_citation.journal_abbrev            Mol.Cell 
_citation.journal_volume            6 
_citation.page_first                385 
_citation.page_last                 394 
_citation.year                      2000 
_citation.journal_id_ASTM           MOCEFL 
_citation.country                   US 
_citation.journal_id_ISSN           1097-2765 
_citation.journal_id_CSD            2168 
_citation.book_publisher            ? 
_citation.pdbx_database_id_PubMed   10983985 
_citation.pdbx_database_id_DOI      '10.1016/S1097-2765(00)00038-1' 
# 
loop_
_citation_author.citation_id 
_citation_author.name 
_citation_author.ordinal 
_citation_author.identifier_ORCID 
primary 'Lietzke, S.E.'   1 ? 
primary 'Bose, S.'        2 ? 
primary 'Cronin, T.'      3 ? 
primary 'Klarlund, J.'    4 ? 
primary 'Chawla, A.'      5 ? 
primary 'Czech, M.P.'     6 ? 
primary 'Lambright, D.G.' 7 ? 
# 
loop_
_entity.id 
_entity.type 
_entity.src_method 
_entity.pdbx_description 
_entity.formula_weight 
_entity.pdbx_number_of_molecules 
_entity.pdbx_ec 
_entity.pdbx_mutation 
_entity.pdbx_fragment 
_entity.details 
1 polymer     man GRP1                                   15118.962 1   ? ? 'PLECKSTRIN HOMOLOGY DOMAIN (RESIDUES 261 - 387)' ? 
2 non-polymer syn 'INOSITOL-(1,3,4,5)-TETRAKISPHOSPHATE' 500.075   1   ? ? ?                                                 ? 
3 water       nat water                                  18.015    136 ? ? ?                                                 ? 
# 
_entity_name_com.entity_id   1 
_entity_name_com.name        'ARF1 GUANINE NUCLEOTIDE EXCHANGE FACTOR AND INTEGRIN BINDING PROTEIN HOMOLOG' 
# 
_entity_poly.entity_id                      1 
_entity_poly.type                           'polypeptide(L)' 
_entity_poly.nstd_linkage                   no 
_entity_poly.nstd_monomer                   yes 
_entity_poly.pdbx_seq_one_letter_code       
;TFFNPDREGWLLKLGGRVKTWKRRWFILTDNCLYYFEYTTDKEPRGIIPLENLSIREVLDPRKPNCFELYNPSHKGQVIK
ACKTEADGRVVEGNHVVYRISAPSPEEKEEW(MSE)KSIKASISRDPFYD(MSE)
;
_entity_poly.pdbx_seq_one_letter_code_can   
;TFFNPDREGWLLKLGGRVKTWKRRWFILTDNCLYYFEYTTDKEPRGIIPLENLSIREVLDPRKPNCFELYNPSHKGQVIK
ACKTEADGRVVEGNHVVYRISAPSPEEKEEWMKSIKASISRDPFYDM
;
_entity_poly.pdbx_strand_id                 A 
_entity_poly.pdbx_target_identifier         ? 
# 
loop_
_pdbx_entity_nonpoly.entity_id 
_pdbx_entity_nonpoly.name 
_pdbx_entity_nonpoly.comp_id 
2 'INOSITOL-(1,3,4,5)-TETRAKISPHOSPHATE' 4IP 
3 water                                  HOH 
# 
loop_
_entity_poly_seq.entity_id 
_entity_poly_seq.num 
_entity_poly_seq.mon_id 
_entity_poly_seq.hetero 
1 1   THR n 
1 2   PHE n 
1 3   PHE n 
1 4   ASN n 
1 5   PRO n 
1 6   ASP n 
1 7   ARG n 
1 8   GLU n 
1 9   GLY n 
1 10  TRP n 
1 11  LEU n 
1 12  LEU n 
1 13  LYS n 
1 14  LEU n 
1 15  GLY n 
1 16  GLY n 
1 17  ARG n 
1 18  VAL n 
1 19  LYS n 
1 20  THR n 
1 21  TRP n 
1 22  LYS n 
1 23  ARG n 
1 24  ARG n 
1 25  TRP n 
1 26  PHE n 
1 27  ILE n 
1 28  LEU n 
1 29  THR n 
1 30  ASP n 
1 31  ASN n 
1 32  CYS n 
1 33  LEU n 
1 34  TYR n 
1 35  TYR n 
1 36  PHE n 
1 37  GLU n 
1 38  TYR n 
1 39  THR n 
1 40  THR n 
1 41  ASP n 
1 42  LYS n 
1 43  GLU n 
1 44  PRO n 
1 45  ARG n 
1 46  GLY n 
1 47  ILE n 
1 48  ILE n 
1 49  PRO n 
1 50  LEU n 
1 51  GLU n 
1 52  ASN n 
1 53  LEU n 
1 54  SER n 
1 55  ILE n 
1 56  ARG n 
1 57  GLU n 
1 58  VAL n 
1 59  LEU n 
1 60  ASP n 
1 61  PRO n 
1 62  ARG n 
1 63  LYS n 
1 64  PRO n 
1 65  ASN n 
1 66  CYS n 
1 67  PHE n 
1 68  GLU n 
1 69  LEU n 
1 70  TYR n 
1 71  ASN n 
1 72  PRO n 
1 73  SER n 
1 74  HIS n 
1 75  LYS n 
1 76  GLY n 
1 77  GLN n 
1 78  VAL n 
1 79  ILE n 
1 80  LYS n 
1 81  ALA n 
1 82  CYS n 
1 83  LYS n 
1 84  THR n 
1 85  GLU n 
1 86  ALA n 
1 87  ASP n 
1 88  GLY n 
1 89  ARG n 
1 90  VAL n 
1 91  VAL n 
1 92  GLU n 
1 93  GLY n 
1 94  ASN n 
1 95  HIS n 
1 96  VAL n 
1 97  VAL n 
1 98  TYR n 
1 99  ARG n 
1 100 ILE n 
1 101 SER n 
1 102 ALA n 
1 103 PRO n 
1 104 SER n 
1 105 PRO n 
1 106 GLU n 
1 107 GLU n 
1 108 LYS n 
1 109 GLU n 
1 110 GLU n 
1 111 TRP n 
1 112 MSE n 
1 113 LYS n 
1 114 SER n 
1 115 ILE n 
1 116 LYS n 
1 117 ALA n 
1 118 SER n 
1 119 ILE n 
1 120 SER n 
1 121 ARG n 
1 122 ASP n 
1 123 PRO n 
1 124 PHE n 
1 125 TYR n 
1 126 ASP n 
1 127 MSE n 
# 
_entity_src_gen.entity_id                          1 
_entity_src_gen.pdbx_src_id                        1 
_entity_src_gen.pdbx_alt_source_flag               sample 
_entity_src_gen.pdbx_seq_type                      ? 
_entity_src_gen.pdbx_beg_seq_num                   ? 
_entity_src_gen.pdbx_end_seq_num                   ? 
_entity_src_gen.gene_src_common_name               'house mouse' 
_entity_src_gen.gene_src_genus                     Mus 
_entity_src_gen.pdbx_gene_src_gene                 ? 
_entity_src_gen.gene_src_species                   ? 
_entity_src_gen.gene_src_strain                    ? 
_entity_src_gen.gene_src_tissue                    ? 
_entity_src_gen.gene_src_tissue_fraction           ? 
_entity_src_gen.gene_src_details                   ? 
_entity_src_gen.pdbx_gene_src_fragment             ? 
_entity_src_gen.pdbx_gene_src_scientific_name      'Mus musculus' 
_entity_src_gen.pdbx_gene_src_ncbi_taxonomy_id     10090 
_entity_src_gen.pdbx_gene_src_variant              ? 
_entity_src_gen.pdbx_gene_src_cell_line            ? 
_entity_src_gen.pdbx_gene_src_atcc                 ? 
_entity_src_gen.pdbx_gene_src_organ                ? 
_entity_src_gen.pdbx_gene_src_organelle            ? 
_entity_src_gen.pdbx_gene_src_cell                 ? 
_entity_src_gen.pdbx_gene_src_cellular_location    ? 
_entity_src_gen.host_org_common_name               ? 
_entity_src_gen.pdbx_host_org_scientific_name      'Escherichia coli' 
_entity_src_gen.pdbx_host_org_ncbi_taxonomy_id     562 
_entity_src_gen.host_org_genus                     Escherichia 
_entity_src_gen.pdbx_host_org_gene                 ? 
_entity_src_gen.pdbx_host_org_organ                ? 
_entity_src_gen.host_org_species                   ? 
_entity_src_gen.pdbx_host_org_tissue               ? 
_entity_src_gen.pdbx_host_org_tissue_fraction      ? 
_entity_src_gen.pdbx_host_org_strain               ? 
_entity_src_gen.pdbx_host_org_variant              ? 
_entity_src_gen.pdbx_host_org_cell_line            ? 
_entity_src_gen.pdbx_host_org_atcc                 ? 
_entity_src_gen.pdbx_host_org_culture_collection   ? 
_entity_src_gen.pdbx_host_org_cell                 ? 
_entity_src_gen.pdbx_host_org_organelle            ? 
_entity_src_gen.pdbx_host_org_cellular_location    ? 
_entity_src_gen.pdbx_host_org_vector_type          ? 
_entity_src_gen.pdbx_host_org_vector               ? 
_entity_src_gen.host_org_details                   ? 
_entity_src_gen.expression_system_id               ? 
_entity_src_gen.plasmid_name                       ? 
_entity_src_gen.plasmid_details                    ? 
_entity_src_gen.pdbx_description                   ? 
# 
loop_
_chem_comp.id 
_chem_comp.type 
_chem_comp.mon_nstd_flag 
_chem_comp.name 
_chem_comp.pdbx_synonyms 
_chem_comp.formula 
_chem_comp.formula_weight 
4IP non-polymer         . 'INOSITOL-(1,3,4,5)-TETRAKISPHOSPHATE' ? 'C6 H16 O18 P4'  500.075 
ALA 'L-peptide linking' y ALANINE                                ? 'C3 H7 N O2'     89.093  
ARG 'L-peptide linking' y ARGININE                               ? 'C6 H15 N4 O2 1' 175.209 
ASN 'L-peptide linking' y ASPARAGINE                             ? 'C4 H8 N2 O3'    132.118 
ASP 'L-peptide linking' y 'ASPARTIC ACID'                        ? 'C4 H7 N O4'     133.103 
CYS 'L-peptide linking' y CYSTEINE                               ? 'C3 H7 N O2 S'   121.158 
GLN 'L-peptide linking' y GLUTAMINE                              ? 'C5 H10 N2 O3'   146.144 
GLU 'L-peptide linking' y 'GLUTAMIC ACID'                        ? 'C5 H9 N O4'     147.129 
GLY 'peptide linking'   y GLYCINE                                ? 'C2 H5 N O2'     75.067  
HIS 'L-peptide linking' y HISTIDINE                              ? 'C6 H10 N3 O2 1' 156.162 
HOH non-polymer         . WATER                                  ? 'H2 O'           18.015  
ILE 'L-peptide linking' y ISOLEUCINE                             ? 'C6 H13 N O2'    131.173 
LEU 'L-peptide linking' y LEUCINE                                ? 'C6 H13 N O2'    131.173 
LYS 'L-peptide linking' y LYSINE                                 ? 'C6 H15 N2 O2 1' 147.195 
MET 'L-peptide linking' y METHIONINE                             ? 'C5 H11 N O2 S'  149.211 
MSE 'L-peptide linking' n SELENOMETHIONINE                       ? 'C5 H11 N O2 Se' 196.106 
PHE 'L-peptide linking' y PHENYLALANINE                          ? 'C9 H11 N O2'    165.189 
PRO 'L-peptide linking' y PROLINE                                ? 'C5 H9 N O2'     115.130 
SER 'L-peptide linking' y SERINE                                 ? 'C3 H7 N O3'     105.093 
THR 'L-peptide linking' y THREONINE                              ? 'C4 H9 N O3'     119.119 
TRP 'L-peptide linking' y TRYPTOPHAN                             ? 'C11 H12 N2 O2'  204.225 
TYR 'L-peptide linking' y TYROSINE                               ? 'C9 H11 N O3'    181.189 
VAL 'L-peptide linking' y VALINE                                 ? 'C5 H11 N O2'    117.146 
# 
loop_
_pdbx_poly_seq_scheme.asym_id 
_pdbx_poly_seq_scheme.entity_id 
_pdbx_poly_seq_scheme.seq_id 
_pdbx_poly_seq_scheme.mon_id 
_pdbx_poly_seq_scheme.ndb_seq_num 
_pdbx_poly_seq_scheme.pdb_seq_num 
_pdbx_poly_seq_scheme.auth_seq_num 
_pdbx_poly_seq_scheme.pdb_mon_id 
_pdbx_poly_seq_scheme.auth_mon_id 
_pdbx_poly_seq_scheme.pdb_strand_id 
_pdbx_poly_seq_scheme.pdb_ins_code 
_pdbx_poly_seq_scheme.hetero 
A 1 1   THR 1   261 261 THR THR A . n 
A 1 2   PHE 2   262 262 PHE PHE A . n 
A 1 3   PHE 3   263 263 PHE PHE A . n 
A 1 4   ASN 4   264 264 ASN ASN A . n 
A 1 5   PRO 5   265 265 PRO PRO A . n 
A 1 6   ASP 6   266 266 ASP ASP A . n 
A 1 7   ARG 7   267 267 ARG ARG A . n 
A 1 8   GLU 8   268 268 GLU GLU A . n 
A 1 9   GLY 9   269 269 GLY GLY A . n 
A 1 10  TRP 10  270 270 TRP TRP A . n 
A 1 11  LEU 11  271 271 LEU LEU A . n 
A 1 12  LEU 12  272 272 LEU LEU A . n 
A 1 13  LYS 13  273 273 LYS LYS A . n 
A 1 14  LEU 14  274 274 LEU LEU A . n 
A 1 15  GLY 15  275 275 GLY GLY A . n 
A 1 16  GLY 16  276 276 GLY GLY A . n 
A 1 17  ARG 17  277 277 ARG ARG A . n 
A 1 18  VAL 18  278 278 VAL VAL A . n 
A 1 19  LYS 19  279 279 LYS LYS A . n 
A 1 20  THR 20  280 280 THR THR A . n 
A 1 21  TRP 21  281 281 TRP TRP A . n 
A 1 22  LYS 22  282 282 LYS LYS A . n 
A 1 23  ARG 23  283 283 ARG ARG A . n 
A 1 24  ARG 24  284 284 ARG ARG A . n 
A 1 25  TRP 25  285 285 TRP TRP A . n 
A 1 26  PHE 26  286 286 PHE PHE A . n 
A 1 27  ILE 27  287 287 ILE ILE A . n 
A 1 28  LEU 28  288 288 LEU LEU A . n 
A 1 29  THR 29  289 289 THR THR A . n 
A 1 30  ASP 30  290 290 ASP ASP A . n 
A 1 31  ASN 31  291 291 ASN ASN A . n 
A 1 32  CYS 32  292 292 CYS CYS A . n 
A 1 33  LEU 33  293 293 LEU LEU A . n 
A 1 34  TYR 34  294 294 TYR TYR A . n 
A 1 35  TYR 35  295 295 TYR TYR A . n 
A 1 36  PHE 36  296 296 PHE PHE A . n 
A 1 37  GLU 37  297 297 GLU GLU A . n 
A 1 38  TYR 38  298 298 TYR TYR A . n 
A 1 39  THR 39  299 299 THR THR A . n 
A 1 40  THR 40  300 300 THR THR A . n 
A 1 41  ASP 41  301 301 ASP ASP A . n 
A 1 42  LYS 42  302 302 LYS LYS A . n 
A 1 43  GLU 43  303 303 GLU GLU A . n 
A 1 44  PRO 44  304 304 PRO PRO A . n 
A 1 45  ARG 45  305 305 ARG ARG A . n 
A 1 46  GLY 46  306 306 GLY GLY A . n 
A 1 47  ILE 47  307 307 ILE ILE A . n 
A 1 48  ILE 48  308 308 ILE ILE A . n 
A 1 49  PRO 49  309 309 PRO PRO A . n 
A 1 50  LEU 50  310 310 LEU LEU A . n 
A 1 51  GLU 51  311 311 GLU GLU A . n 
A 1 52  ASN 52  312 312 ASN ASN A . n 
A 1 53  LEU 53  313 313 LEU LEU A . n 
A 1 54  SER 54  314 314 SER SER A . n 
A 1 55  ILE 55  315 315 ILE ILE A . n 
A 1 56  ARG 56  316 316 ARG ARG A . n 
A 1 57  GLU 57  317 317 GLU GLU A . n 
A 1 58  VAL 58  318 318 VAL VAL A . n 
A 1 59  LEU 59  319 319 LEU LEU A . n 
A 1 60  ASP 60  320 320 ASP ASP A . n 
A 1 61  PRO 61  321 321 PRO PRO A . n 
A 1 62  ARG 62  322 322 ARG ARG A . n 
A 1 63  LYS 63  323 323 LYS LYS A . n 
A 1 64  PRO 64  324 324 PRO PRO A . n 
A 1 65  ASN 65  325 325 ASN ASN A . n 
A 1 66  CYS 66  326 326 CYS CYS A . n 
A 1 67  PHE 67  327 327 PHE PHE A . n 
A 1 68  GLU 68  328 328 GLU GLU A . n 
A 1 69  LEU 69  329 329 LEU LEU A . n 
A 1 70  TYR 70  330 330 TYR TYR A . n 
A 1 71  ASN 71  331 331 ASN ASN A . n 
A 1 72  PRO 72  332 332 PRO PRO A . n 
A 1 73  SER 73  333 333 SER SER A . n 
A 1 74  HIS 74  334 334 HIS HIS A . n 
A 1 75  LYS 75  335 335 LYS LYS A . n 
A 1 76  GLY 76  336 336 GLY GLY A . n 
A 1 77  GLN 77  337 337 GLN GLN A . n 
A 1 78  VAL 78  338 338 VAL VAL A . n 
A 1 79  ILE 79  339 339 ILE ILE A . n 
A 1 80  LYS 80  340 340 LYS LYS A . n 
A 1 81  ALA 81  341 341 ALA ALA A . n 
A 1 82  CYS 82  342 342 CYS CYS A . n 
A 1 83  LYS 83  343 343 LYS LYS A . n 
A 1 84  THR 84  344 344 THR THR A . n 
A 1 85  GLU 85  345 345 GLU GLU A . n 
A 1 86  ALA 86  346 346 ALA ALA A . n 
A 1 87  ASP 87  347 347 ASP ASP A . n 
A 1 88  GLY 88  348 348 GLY GLY A . n 
A 1 89  ARG 89  349 349 ARG ARG A . n 
A 1 90  VAL 90  350 350 VAL VAL A . n 
A 1 91  VAL 91  351 351 VAL VAL A . n 
A 1 92  GLU 92  352 352 GLU GLU A . n 
A 1 93  GLY 93  353 353 GLY GLY A . n 
A 1 94  ASN 94  354 354 ASN ASN A . n 
A 1 95  HIS 95  355 355 HIS HIS A . n 
A 1 96  VAL 96  356 356 VAL VAL A . n 
A 1 97  VAL 97  357 357 VAL VAL A . n 
A 1 98  TYR 98  358 358 TYR TYR A . n 
A 1 99  ARG 99  359 359 ARG ARG A . n 
A 1 100 ILE 100 360 360 ILE ILE A . n 
A 1 101 SER 101 361 361 SER SER A . n 
A 1 102 ALA 102 362 362 ALA ALA A . n 
A 1 103 PRO 103 363 363 PRO PRO A . n 
A 1 104 SER 104 364 364 SER SER A . n 
A 1 105 PRO 105 365 365 PRO PRO A . n 
A 1 106 GLU 106 366 366 GLU GLU A . n 
A 1 107 GLU 107 367 367 GLU GLU A . n 
A 1 108 LYS 108 368 368 LYS LYS A . n 
A 1 109 GLU 109 369 369 GLU GLU A . n 
A 1 110 GLU 110 370 370 GLU GLU A . n 
A 1 111 TRP 111 371 371 TRP TRP A . n 
A 1 112 MSE 112 372 372 MSE SME A . n 
A 1 113 LYS 113 373 373 LYS LYS A . n 
A 1 114 SER 114 374 374 SER SER A . n 
A 1 115 ILE 115 375 375 ILE ILE A . n 
A 1 116 LYS 116 376 376 LYS LYS A . n 
A 1 117 ALA 117 377 377 ALA ALA A . n 
A 1 118 SER 118 378 378 SER SER A . n 
A 1 119 ILE 119 379 379 ILE ILE A . n 
A 1 120 SER 120 380 380 SER SER A . n 
A 1 121 ARG 121 381 381 ARG ARG A . n 
A 1 122 ASP 122 382 382 ASP ASP A . n 
A 1 123 PRO 123 383 383 PRO PRO A . n 
A 1 124 PHE 124 384 384 PHE PHE A . n 
A 1 125 TYR 125 385 385 TYR TYR A . n 
A 1 126 ASP 126 386 386 ASP ASP A . n 
A 1 127 MSE 127 387 387 MSE SME A . n 
# 
loop_
_pdbx_nonpoly_scheme.asym_id 
_pdbx_nonpoly_scheme.entity_id 
_pdbx_nonpoly_scheme.mon_id 
_pdbx_nonpoly_scheme.ndb_seq_num 
_pdbx_nonpoly_scheme.pdb_seq_num 
_pdbx_nonpoly_scheme.auth_seq_num 
_pdbx_nonpoly_scheme.pdb_mon_id 
_pdbx_nonpoly_scheme.auth_mon_id 
_pdbx_nonpoly_scheme.pdb_strand_id 
_pdbx_nonpoly_scheme.pdb_ins_code 
B 2 4IP 1   1101 101 4IP IP4 A . 
C 3 HOH 1   1    1   HOH HOH A . 
C 3 HOH 2   2    2   HOH HOH A . 
C 3 HOH 3   3    3   HOH HOH A . 
C 3 HOH 4   4    4   HOH HOH A . 
C 3 HOH 5   5    5   HOH HOH A . 
C 3 HOH 6   6    6   HOH HOH A . 
C 3 HOH 7   7    7   HOH HOH A . 
C 3 HOH 8   8    8   HOH HOH A . 
C 3 HOH 9   9    9   HOH HOH A . 
C 3 HOH 10  10   10  HOH HOH A . 
C 3 HOH 11  11   11  HOH HOH A . 
C 3 HOH 12  12   12  HOH HOH A . 
C 3 HOH 13  13   13  HOH HOH A . 
C 3 HOH 14  14   14  HOH HOH A . 
C 3 HOH 15  15   15  HOH HOH A . 
C 3 HOH 16  16   16  HOH HOH A . 
C 3 HOH 17  17   17  HOH HOH A . 
C 3 HOH 18  18   18  HOH HOH A . 
C 3 HOH 19  19   19  HOH HOH A . 
C 3 HOH 20  20   20  HOH HOH A . 
C 3 HOH 21  21   21  HOH HOH A . 
C 3 HOH 22  22   22  HOH HOH A . 
C 3 HOH 23  23   23  HOH HOH A . 
C 3 HOH 24  24   24  HOH HOH A . 
C 3 HOH 25  25   25  HOH HOH A . 
C 3 HOH 26  26   26  HOH HOH A . 
C 3 HOH 27  27   27  HOH HOH A . 
C 3 HOH 28  28   28  HOH HOH A . 
C 3 HOH 29  29   29  HOH HOH A . 
C 3 HOH 30  30   30  HOH HOH A . 
C 3 HOH 31  31   31  HOH HOH A . 
C 3 HOH 32  32   32  HOH HOH A . 
C 3 HOH 33  33   33  HOH HOH A . 
C 3 HOH 34  34   34  HOH HOH A . 
C 3 HOH 35  35   35  HOH HOH A . 
C 3 HOH 36  36   36  HOH HOH A . 
C 3 HOH 37  37   37  HOH HOH A . 
C 3 HOH 38  38   38  HOH HOH A . 
C 3 HOH 39  39   39  HOH HOH A . 
C 3 HOH 40  40   40  HOH HOH A . 
C 3 HOH 41  41   41  HOH HOH A . 
C 3 HOH 42  42   42  HOH HOH A . 
C 3 HOH 43  43   43  HOH HOH A . 
C 3 HOH 44  44   44  HOH HOH A . 
C 3 HOH 45  45   45  HOH HOH A . 
C 3 HOH 46  46   46  HOH HOH A . 
C 3 HOH 47  47   47  HOH HOH A . 
C 3 HOH 48  48   48  HOH HOH A . 
C 3 HOH 49  49   49  HOH HOH A . 
C 3 HOH 50  50   50  HOH HOH A . 
C 3 HOH 51  51   51  HOH HOH A . 
C 3 HOH 52  52   52  HOH HOH A . 
C 3 HOH 53  53   53  HOH HOH A . 
C 3 HOH 54  54   54  HOH HOH A . 
C 3 HOH 55  55   55  HOH HOH A . 
C 3 HOH 56  56   56  HOH HOH A . 
C 3 HOH 57  57   57  HOH HOH A . 
C 3 HOH 58  58   58  HOH HOH A . 
C 3 HOH 59  59   59  HOH HOH A . 
C 3 HOH 60  60   60  HOH HOH A . 
C 3 HOH 61  61   61  HOH HOH A . 
C 3 HOH 62  62   62  HOH HOH A . 
C 3 HOH 63  63   63  HOH HOH A . 
C 3 HOH 64  64   64  HOH HOH A . 
C 3 HOH 65  65   65  HOH HOH A . 
C 3 HOH 66  66   66  HOH HOH A . 
C 3 HOH 67  67   67  HOH HOH A . 
C 3 HOH 68  68   68  HOH HOH A . 
C 3 HOH 69  69   69  HOH HOH A . 
C 3 HOH 70  70   70  HOH HOH A . 
C 3 HOH 71  71   71  HOH HOH A . 
C 3 HOH 72  72   72  HOH HOH A . 
C 3 HOH 73  73   73  HOH HOH A . 
C 3 HOH 74  74   74  HOH HOH A . 
C 3 HOH 75  75   75  HOH HOH A . 
C 3 HOH 76  76   76  HOH HOH A . 
C 3 HOH 77  77   77  HOH HOH A . 
C 3 HOH 78  78   78  HOH HOH A . 
C 3 HOH 79  79   79  HOH HOH A . 
C 3 HOH 80  80   80  HOH HOH A . 
C 3 HOH 81  81   81  HOH HOH A . 
C 3 HOH 82  82   82  HOH HOH A . 
C 3 HOH 83  83   83  HOH HOH A . 
C 3 HOH 84  84   84  HOH HOH A . 
C 3 HOH 85  85   85  HOH HOH A . 
C 3 HOH 86  86   86  HOH HOH A . 
C 3 HOH 87  87   87  HOH HOH A . 
C 3 HOH 88  88   88  HOH HOH A . 
C 3 HOH 89  89   89  HOH HOH A . 
C 3 HOH 90  90   90  HOH HOH A . 
C 3 HOH 91  91   91  HOH HOH A . 
C 3 HOH 92  92   92  HOH HOH A . 
C 3 HOH 93  93   93  HOH HOH A . 
C 3 HOH 94  94   94  HOH HOH A . 
C 3 HOH 95  95   95  HOH HOH A . 
C 3 HOH 96  96   96  HOH HOH A . 
C 3 HOH 97  97   97  HOH HOH A . 
C 3 HOH 98  98   98  HOH HOH A . 
C 3 HOH 99  99   99  HOH HOH A . 
C 3 HOH 100 100  100 HOH HOH A . 
C 3 HOH 101 101  101 HOH HOH A . 
C 3 HOH 102 102  102 HOH HOH A . 
C 3 HOH 103 103  103 HOH HOH A . 
C 3 HOH 104 104  104 HOH HOH A . 
C 3 HOH 105 105  105 HOH HOH A . 
C 3 HOH 106 106  106 HOH HOH A . 
C 3 HOH 107 107  107 HOH HOH A . 
C 3 HOH 108 108  108 HOH HOH A . 
C 3 HOH 109 109  109 HOH HOH A . 
C 3 HOH 110 110  110 HOH HOH A . 
C 3 HOH 111 111  111 HOH HOH A . 
C 3 HOH 112 112  112 HOH HOH A . 
C 3 HOH 113 113  113 HOH HOH A . 
C 3 HOH 114 114  114 HOH HOH A . 
C 3 HOH 115 115  115 HOH HOH A . 
C 3 HOH 116 116  116 HOH HOH A . 
C 3 HOH 117 117  117 HOH HOH A . 
C 3 HOH 118 118  118 HOH HOH A . 
C 3 HOH 119 119  119 HOH HOH A . 
C 3 HOH 120 120  120 HOH HOH A . 
C 3 HOH 121 121  121 HOH HOH A . 
C 3 HOH 122 122  122 HOH HOH A . 
C 3 HOH 123 123  123 HOH HOH A . 
C 3 HOH 124 124  124 HOH HOH A . 
C 3 HOH 125 125  125 HOH HOH A . 
C 3 HOH 126 126  126 HOH HOH A . 
C 3 HOH 127 127  127 HOH HOH A . 
C 3 HOH 128 128  128 HOH HOH A . 
C 3 HOH 129 129  129 HOH HOH A . 
C 3 HOH 130 130  130 HOH HOH A . 
C 3 HOH 131 131  131 HOH HOH A . 
C 3 HOH 132 132  132 HOH HOH A . 
C 3 HOH 133 133  133 HOH HOH A . 
C 3 HOH 134 134  134 HOH HOH A . 
C 3 HOH 135 135  135 HOH HOH A . 
C 3 HOH 136 136  136 HOH HOH A . 
# 
loop_
_pdbx_unobs_or_zero_occ_atoms.id 
_pdbx_unobs_or_zero_occ_atoms.PDB_model_num 
_pdbx_unobs_or_zero_occ_atoms.polymer_flag 
_pdbx_unobs_or_zero_occ_atoms.occupancy_flag 
_pdbx_unobs_or_zero_occ_atoms.auth_asym_id 
_pdbx_unobs_or_zero_occ_atoms.auth_comp_id 
_pdbx_unobs_or_zero_occ_atoms.auth_seq_id 
_pdbx_unobs_or_zero_occ_atoms.PDB_ins_code 
_pdbx_unobs_or_zero_occ_atoms.auth_atom_id 
_pdbx_unobs_or_zero_occ_atoms.label_alt_id 
_pdbx_unobs_or_zero_occ_atoms.label_asym_id 
_pdbx_unobs_or_zero_occ_atoms.label_comp_id 
_pdbx_unobs_or_zero_occ_atoms.label_seq_id 
_pdbx_unobs_or_zero_occ_atoms.label_atom_id 
1 1 Y 0 A LYS 302 ? CG ? A LYS 42 CG 
2 1 Y 0 A LYS 302 ? CD ? A LYS 42 CD 
3 1 Y 0 A LYS 302 ? CE ? A LYS 42 CE 
4 1 Y 0 A LYS 302 ? NZ ? A LYS 42 NZ 
5 1 Y 0 A LYS 335 ? CG ? A LYS 75 CG 
6 1 Y 0 A LYS 335 ? CD ? A LYS 75 CD 
7 1 Y 0 A LYS 335 ? CE ? A LYS 75 CE 
8 1 Y 0 A LYS 335 ? NZ ? A LYS 75 NZ 
# 
loop_
_software.name 
_software.classification 
_software.version 
_software.citation_id 
_software.pdbx_ordinal 
SHARP     phasing          .     ? 1 
X-PLOR    refinement       3.851 ? 2 
DENZO     'data reduction' .     ? 3 
SCALEPACK 'data scaling'   .     ? 4 
# 
_cell.entry_id           1FGY 
_cell.length_a           41.3 
_cell.length_b           107.0 
_cell.length_c           36.9 
_cell.angle_alpha        90 
_cell.angle_beta         90 
_cell.angle_gamma        90 
_cell.Z_PDB              4 
_cell.pdbx_unique_axis   ? 
# 
_symmetry.entry_id                         1FGY 
_symmetry.space_group_name_H-M             'P 21 21 2' 
_symmetry.pdbx_full_space_group_name_H-M   ? 
_symmetry.cell_setting                     ? 
_symmetry.Int_Tables_number                18 
# 
_exptl.entry_id          1FGY 
_exptl.method            'X-RAY DIFFRACTION' 
_exptl.crystals_number   1 
# 
_exptl_crystal.id                    1 
_exptl_crystal.density_meas          ? 
_exptl_crystal.density_percent_sol   54.36 
_exptl_crystal.density_Matthews      2.69 
_exptl_crystal.description           ? 
# 
_diffrn.id                     1 
_diffrn.ambient_temp           100 
_diffrn.ambient_temp_details   ? 
_diffrn.crystal_id             1 
# 
_diffrn_detector.diffrn_id              1 
_diffrn_detector.detector               CCD 
_diffrn_detector.type                   'ADSC QUANTUM 4' 
_diffrn_detector.pdbx_collection_date   ? 
_diffrn_detector.details                ? 
# 
_diffrn_radiation.diffrn_id                        1 
_diffrn_radiation.wavelength_id                    1 
_diffrn_radiation.monochromator                    ? 
_diffrn_radiation.pdbx_monochromatic_or_laue_m_l   M 
_diffrn_radiation.pdbx_diffrn_protocol             'SINGLE WAVELENGTH' 
_diffrn_radiation.pdbx_scattering_type             x-ray 
# 
_diffrn_radiation_wavelength.id           1 
_diffrn_radiation_wavelength.wavelength   0.9915 
_diffrn_radiation_wavelength.wt           1.0 
# 
_diffrn_source.diffrn_id                   1 
_diffrn_source.source                      SYNCHROTRON 
_diffrn_source.type                        'NSLS BEAMLINE X4A' 
_diffrn_source.pdbx_wavelength             0.9915 
_diffrn_source.pdbx_synchrotron_site       NSLS 
_diffrn_source.pdbx_synchrotron_beamline   X4A 
_diffrn_source.pdbx_wavelength_list        ? 
# 
_reflns.entry_id                     1FGY 
_reflns.observed_criterion_sigma_I   -3.0 
_reflns.observed_criterion_sigma_F   0. 
_reflns.d_resolution_low             50. 
_reflns.d_resolution_high            1.54 
_reflns.number_obs                   24163 
_reflns.number_all                   24163 
_reflns.percent_possible_obs         94 
_reflns.pdbx_Rmerge_I_obs            0.0580000 
_reflns.pdbx_Rsym_value              ? 
_reflns.pdbx_netI_over_sigmaI        16.1 
_reflns.B_iso_Wilson_estimate        24 
_reflns.pdbx_redundancy              4 
_reflns.R_free_details               ? 
_reflns.limit_h_max                  ? 
_reflns.limit_h_min                  ? 
_reflns.limit_k_max                  ? 
_reflns.limit_k_min                  ? 
_reflns.limit_l_max                  ? 
_reflns.limit_l_min                  ? 
_reflns.observed_criterion_F_max     ? 
_reflns.observed_criterion_F_min     ? 
_reflns.pdbx_diffrn_id               1 
_reflns.pdbx_ordinal                 1 
# 
_reflns_shell.d_res_high             1.54 
_reflns_shell.d_res_low              1.59 
_reflns_shell.percent_possible_obs   ? 
_reflns_shell.percent_possible_all   85.3 
_reflns_shell.Rmerge_I_obs           0.3270000 
_reflns_shell.meanI_over_sigI_obs    ? 
_reflns_shell.pdbx_Rsym_value        ? 
_reflns_shell.pdbx_redundancy        4 
_reflns_shell.number_unique_all      ? 
_reflns_shell.pdbx_diffrn_id         ? 
_reflns_shell.pdbx_ordinal           1 
# 
_refine.entry_id                                 1FGY 
_refine.ls_number_reflns_obs                     22749 
_refine.ls_number_reflns_all                     24129 
_refine.pdbx_ls_sigma_I                          -3.0 
_refine.pdbx_ls_sigma_F                          2 
_refine.pdbx_data_cutoff_high_absF               ? 
_refine.pdbx_data_cutoff_low_absF                ? 
_refine.ls_d_res_low                             6 
_refine.ls_d_res_high                            1.5 
_refine.ls_percent_reflns_obs                    ? 
_refine.ls_R_factor_obs                          ? 
_refine.ls_R_factor_all                          ? 
_refine.ls_R_factor_R_work                       0.2130000 
_refine.ls_R_factor_R_free                       0.2470000 
_refine.ls_R_factor_R_free_error                 ? 
_refine.ls_R_factor_R_free_error_details         ? 
_refine.ls_percent_reflns_R_free                 ? 
_refine.ls_number_reflns_R_free                  1055 
_refine.ls_number_parameters                     ? 
_refine.ls_number_restraints                     ? 
_refine.occupancy_min                            ? 
_refine.occupancy_max                            ? 
_refine.B_iso_mean                               ? 
_refine.aniso_B[1][1]                            ? 
_refine.aniso_B[2][2]                            ? 
_refine.aniso_B[3][3]                            ? 
_refine.aniso_B[1][2]                            ? 
_refine.aniso_B[1][3]                            ? 
_refine.aniso_B[2][3]                            ? 
_refine.solvent_model_details                    ? 
_refine.solvent_model_param_ksol                 ? 
_refine.solvent_model_param_bsol                 ? 
_refine.pdbx_ls_cross_valid_method               ? 
_refine.details                                  ? 
_refine.pdbx_starting_model                      ? 
_refine.pdbx_method_to_determine_struct          ? 
_refine.pdbx_isotropic_thermal_model             ? 
_refine.pdbx_stereochemistry_target_values       'Engh & Huber' 
_refine.pdbx_stereochem_target_val_spec_case     ? 
_refine.pdbx_R_Free_selection_details            RANDOM 
_refine.pdbx_overall_ESU_R_Free                  ? 
_refine.overall_SU_B                             ? 
_refine.ls_redundancy_reflns_obs                 ? 
_refine.B_iso_min                                ? 
_refine.B_iso_max                                ? 
_refine.overall_SU_ML                            ? 
_refine.pdbx_overall_ESU_R                       ? 
_refine.pdbx_data_cutoff_high_rms_absF           ? 
_refine.pdbx_refine_id                           'X-RAY DIFFRACTION' 
_refine.pdbx_diffrn_id                           1 
_refine.pdbx_TLS_residual_ADP_flag               ? 
_refine.correlation_coeff_Fo_to_Fc               ? 
_refine.correlation_coeff_Fo_to_Fc_free          ? 
_refine.pdbx_solvent_vdw_probe_radii             ? 
_refine.pdbx_solvent_ion_probe_radii             ? 
_refine.pdbx_solvent_shrinkage_radii             ? 
_refine.pdbx_overall_phase_error                 ? 
_refine.overall_SU_R_Cruickshank_DPI             ? 
_refine.pdbx_overall_SU_R_free_Cruickshank_DPI   ? 
_refine.pdbx_overall_SU_R_Blow_DPI               ? 
_refine.pdbx_overall_SU_R_free_Blow_DPI          ? 
# 
_refine_hist.pdbx_refine_id                   'X-RAY DIFFRACTION' 
_refine_hist.cycle_id                         LAST 
_refine_hist.pdbx_number_atoms_protein        1058 
_refine_hist.pdbx_number_atoms_nucleic_acid   0 
_refine_hist.pdbx_number_atoms_ligand         28 
_refine_hist.number_atoms_solvent             136 
_refine_hist.number_atoms_total               1222 
_refine_hist.d_res_high                       1.5 
_refine_hist.d_res_low                        6 
# 
loop_
_refine_ls_restr.type 
_refine_ls_restr.dev_ideal 
_refine_ls_restr.dev_ideal_target 
_refine_ls_restr.weight 
_refine_ls_restr.number 
_refine_ls_restr.pdbx_refine_id 
_refine_ls_restr.pdbx_restraint_function 
x_bond_d    0.006 ? ? ? 'X-RAY DIFFRACTION' ? 
x_angle_deg 1.3   ? ? ? 'X-RAY DIFFRACTION' ? 
# 
_struct.entry_id                  1FGY 
_struct.title                     'GRP1 PH DOMAIN WITH INS(1,3,4,5)P4' 
_struct.pdbx_model_details        ? 
_struct.pdbx_CASP_flag            ? 
_struct.pdbx_model_type_details   ? 
# 
_struct_keywords.entry_id        1FGY 
_struct_keywords.pdbx_keywords   'SIGNALING PROTEIN' 
_struct_keywords.text            'PH DOMAIN, SIGNALING PROTEIN' 
# 
loop_
_struct_asym.id 
_struct_asym.pdbx_blank_PDB_chainid_flag 
_struct_asym.pdbx_modified 
_struct_asym.entity_id 
_struct_asym.details 
A N N 1 ? 
B N N 2 ? 
C N N 3 ? 
# 
_struct_ref.id                         1 
_struct_ref.db_code                    CYH3_MOUSE 
_struct_ref.db_name                    UNP 
_struct_ref.entity_id                  1 
_struct_ref.pdbx_db_accession          O08967 
_struct_ref.pdbx_align_begin           261 
_struct_ref.pdbx_seq_one_letter_code   
;TFFNPDREGWLLKLGGRVKTWKRRWFILTDNCLYYFEYTTDKEPRGIIPLENLSIREVEDPRKPNCFELYNPSHKGQVIK
ACKTEADGRVVEGNHVVYRISAPSPEEKEEWMKSIKASISRDPFYDM
;
_struct_ref.pdbx_db_isoform            ? 
# 
_struct_ref_seq.align_id                      1 
_struct_ref_seq.ref_id                        1 
_struct_ref_seq.pdbx_PDB_id_code              1FGY 
_struct_ref_seq.pdbx_strand_id                A 
_struct_ref_seq.seq_align_beg                 1 
_struct_ref_seq.pdbx_seq_align_beg_ins_code   ? 
_struct_ref_seq.seq_align_end                 127 
_struct_ref_seq.pdbx_seq_align_end_ins_code   ? 
_struct_ref_seq.pdbx_db_accession             O08967 
_struct_ref_seq.db_align_beg                  261 
_struct_ref_seq.pdbx_db_align_beg_ins_code    ? 
_struct_ref_seq.db_align_end                  387 
_struct_ref_seq.pdbx_db_align_end_ins_code    ? 
_struct_ref_seq.pdbx_auth_seq_align_beg       261 
_struct_ref_seq.pdbx_auth_seq_align_end       387 
# 
loop_
_struct_ref_seq_dif.align_id 
_struct_ref_seq_dif.pdbx_pdb_id_code 
_struct_ref_seq_dif.mon_id 
_struct_ref_seq_dif.pdbx_pdb_strand_id 
_struct_ref_seq_dif.seq_num 
_struct_ref_seq_dif.pdbx_pdb_ins_code 
_struct_ref_seq_dif.pdbx_seq_db_name 
_struct_ref_seq_dif.pdbx_seq_db_accession_code 
_struct_ref_seq_dif.db_mon_id 
_struct_ref_seq_dif.pdbx_seq_db_seq_num 
_struct_ref_seq_dif.details 
_struct_ref_seq_dif.pdbx_auth_seq_num 
_struct_ref_seq_dif.pdbx_ordinal 
1 1FGY LEU A 59  ? UNP O08967 GLU 319 conflict           319 1 
1 1FGY MSE A 112 ? UNP O08967 MET 372 'modified residue' 372 2 
1 1FGY MSE A 127 ? UNP O08967 MET 387 'modified residue' 387 3 
# 
_pdbx_struct_assembly.id                   1 
_pdbx_struct_assembly.details              author_defined_assembly 
_pdbx_struct_assembly.method_details       ? 
_pdbx_struct_assembly.oligomeric_details   monomeric 
_pdbx_struct_assembly.oligomeric_count     1 
# 
_pdbx_struct_assembly_gen.assembly_id       1 
_pdbx_struct_assembly_gen.oper_expression   1 
_pdbx_struct_assembly_gen.asym_id_list      A,B,C 
# 
_pdbx_struct_oper_list.id                   1 
_pdbx_struct_oper_list.type                 'identity operation' 
_pdbx_struct_oper_list.name                 1_555 
_pdbx_struct_oper_list.symmetry_operation   x,y,z 
_pdbx_struct_oper_list.matrix[1][1]         1.0000000000 
_pdbx_struct_oper_list.matrix[1][2]         0.0000000000 
_pdbx_struct_oper_list.matrix[1][3]         0.0000000000 
_pdbx_struct_oper_list.vector[1]            0.0000000000 
_pdbx_struct_oper_list.matrix[2][1]         0.0000000000 
_pdbx_struct_oper_list.matrix[2][2]         1.0000000000 
_pdbx_struct_oper_list.matrix[2][3]         0.0000000000 
_pdbx_struct_oper_list.vector[2]            0.0000000000 
_pdbx_struct_oper_list.matrix[3][1]         0.0000000000 
_pdbx_struct_oper_list.matrix[3][2]         0.0000000000 
_pdbx_struct_oper_list.matrix[3][3]         1.0000000000 
_pdbx_struct_oper_list.vector[3]            0.0000000000 
# 
_struct_biol.id   1 
# 
_struct_conf.conf_type_id            HELX_P 
_struct_conf.id                      HELX_P1 
_struct_conf.pdbx_PDB_helix_id       1 
_struct_conf.beg_label_comp_id       SER 
_struct_conf.beg_label_asym_id       A 
_struct_conf.beg_label_seq_id        104 
_struct_conf.pdbx_beg_PDB_ins_code   ? 
_struct_conf.end_label_comp_id       ASP 
_struct_conf.end_label_asym_id       A 
_struct_conf.end_label_seq_id        122 
_struct_conf.pdbx_end_PDB_ins_code   ? 
_struct_conf.beg_auth_comp_id        SER 
_struct_conf.beg_auth_asym_id        A 
_struct_conf.beg_auth_seq_id         364 
_struct_conf.end_auth_comp_id        ASP 
_struct_conf.end_auth_asym_id        A 
_struct_conf.end_auth_seq_id         382 
_struct_conf.pdbx_PDB_helix_class    1 
_struct_conf.details                 ? 
_struct_conf.pdbx_PDB_helix_length   19 
# 
_struct_conf_type.id          HELX_P 
_struct_conf_type.criteria    ? 
_struct_conf_type.reference   ? 
# 
loop_
_struct_conn.id 
_struct_conn.conn_type_id 
_struct_conn.pdbx_leaving_atom_flag 
_struct_conn.pdbx_PDB_id 
_struct_conn.ptnr1_label_asym_id 
_struct_conn.ptnr1_label_comp_id 
_struct_conn.ptnr1_label_seq_id 
_struct_conn.ptnr1_label_atom_id 
_struct_conn.pdbx_ptnr1_label_alt_id 
_struct_conn.pdbx_ptnr1_PDB_ins_code 
_struct_conn.pdbx_ptnr1_standard_comp_id 
_struct_conn.ptnr1_symmetry 
_struct_conn.ptnr2_label_asym_id 
_struct_conn.ptnr2_label_comp_id 
_struct_conn.ptnr2_label_seq_id 
_struct_conn.ptnr2_label_atom_id 
_struct_conn.pdbx_ptnr2_label_alt_id 
_struct_conn.pdbx_ptnr2_PDB_ins_code 
_struct_conn.ptnr1_auth_asym_id 
_struct_conn.ptnr1_auth_comp_id 
_struct_conn.ptnr1_auth_seq_id 
_struct_conn.ptnr2_auth_asym_id 
_struct_conn.ptnr2_auth_comp_id 
_struct_conn.ptnr2_auth_seq_id 
_struct_conn.ptnr2_symmetry 
_struct_conn.pdbx_ptnr3_label_atom_id 
_struct_conn.pdbx_ptnr3_label_seq_id 
_struct_conn.pdbx_ptnr3_label_comp_id 
_struct_conn.pdbx_ptnr3_label_asym_id 
_struct_conn.pdbx_ptnr3_label_alt_id 
_struct_conn.pdbx_ptnr3_PDB_ins_code 
_struct_conn.details 
_struct_conn.pdbx_dist_value 
_struct_conn.pdbx_value_order 
_struct_conn.pdbx_role 
covale1 covale both ? A TRP 111 C ? ? ? 1_555 A MSE 112 N ? ? A TRP 371 A MSE 372 1_555 ? ? ? ? ? ? ? 1.330 ? ? 
covale2 covale both ? A MSE 112 C ? ? ? 1_555 A LYS 113 N ? ? A MSE 372 A LYS 373 1_555 ? ? ? ? ? ? ? 1.330 ? ? 
covale3 covale both ? A ASP 126 C ? ? ? 1_555 A MSE 127 N ? ? A ASP 386 A MSE 387 1_555 ? ? ? ? ? ? ? 1.329 ? ? 
# 
_struct_conn_type.id          covale 
_struct_conn_type.criteria    ? 
_struct_conn_type.reference   ? 
# 
loop_
_pdbx_modification_feature.ordinal 
_pdbx_modification_feature.label_comp_id 
_pdbx_modification_feature.label_asym_id 
_pdbx_modification_feature.label_seq_id 
_pdbx_modification_feature.label_alt_id 
_pdbx_modification_feature.modified_residue_label_comp_id 
_pdbx_modification_feature.modified_residue_label_asym_id 
_pdbx_modification_feature.modified_residue_label_seq_id 
_pdbx_modification_feature.modified_residue_label_alt_id 
_pdbx_modification_feature.auth_comp_id 
_pdbx_modification_feature.auth_asym_id 
_pdbx_modification_feature.auth_seq_id 
_pdbx_modification_feature.PDB_ins_code 
_pdbx_modification_feature.symmetry 
_pdbx_modification_feature.modified_residue_auth_comp_id 
_pdbx_modification_feature.modified_residue_auth_asym_id 
_pdbx_modification_feature.modified_residue_auth_seq_id 
_pdbx_modification_feature.modified_residue_PDB_ins_code 
_pdbx_modification_feature.modified_residue_symmetry 
_pdbx_modification_feature.comp_id_linking_atom 
_pdbx_modification_feature.modified_residue_id_linking_atom 
_pdbx_modification_feature.modified_residue_id 
_pdbx_modification_feature.ref_pcm_id 
_pdbx_modification_feature.ref_comp_id 
_pdbx_modification_feature.type 
_pdbx_modification_feature.category 
1 MSE A 112 ? . . . . MSE A 372 ? 1_555 . . . . . . . MET 1 MSE Selenomethionine 'Named protein modification' 
2 MSE A 127 ? . . . . MSE A 387 ? 1_555 . . . . . . . MET 1 MSE Selenomethionine 'Named protein modification' 
# 
_struct_sheet.id               A 
_struct_sheet.type             ? 
_struct_sheet.number_strands   9 
_struct_sheet.details          ? 
# 
loop_
_struct_sheet_order.sheet_id 
_struct_sheet_order.range_id_1 
_struct_sheet_order.range_id_2 
_struct_sheet_order.offset 
_struct_sheet_order.sense 
A 1 2 ? anti-parallel 
A 2 3 ? anti-parallel 
A 3 4 ? anti-parallel 
A 4 5 ? anti-parallel 
A 5 6 ? anti-parallel 
A 6 7 ? anti-parallel 
A 7 8 ? anti-parallel 
A 8 9 ? anti-parallel 
# 
loop_
_struct_sheet_range.sheet_id 
_struct_sheet_range.id 
_struct_sheet_range.beg_label_comp_id 
_struct_sheet_range.beg_label_asym_id 
_struct_sheet_range.beg_label_seq_id 
_struct_sheet_range.pdbx_beg_PDB_ins_code 
_struct_sheet_range.end_label_comp_id 
_struct_sheet_range.end_label_asym_id 
_struct_sheet_range.end_label_seq_id 
_struct_sheet_range.pdbx_end_PDB_ins_code 
_struct_sheet_range.beg_auth_comp_id 
_struct_sheet_range.beg_auth_asym_id 
_struct_sheet_range.beg_auth_seq_id 
_struct_sheet_range.end_auth_comp_id 
_struct_sheet_range.end_auth_asym_id 
_struct_sheet_range.end_auth_seq_id 
A 1 SER A 54 ? VAL A 58  ? SER A 314 VAL A 318 
A 2 CYS A 66 ? TYR A 70  ? CYS A 326 TYR A 330 
A 3 VAL A 97 ? SER A 101 ? VAL A 357 SER A 361 
A 4 ARG A 7  ? LEU A 14  ? ARG A 267 LEU A 274 
A 5 TRP A 21 ? THR A 29  ? TRP A 281 THR A 289 
A 6 CYS A 32 ? PHE A 36  ? CYS A 292 PHE A 296 
A 7 GLY A 46 ? PRO A 49  ? GLY A 306 PRO A 309 
A 8 CYS A 82 ? THR A 84  ? CYS A 342 THR A 344 
A 9 VAL A 90 ? GLU A 92  ? VAL A 350 GLU A 352 
# 
loop_
_pdbx_struct_sheet_hbond.sheet_id 
_pdbx_struct_sheet_hbond.range_id_1 
_pdbx_struct_sheet_hbond.range_id_2 
_pdbx_struct_sheet_hbond.range_1_label_atom_id 
_pdbx_struct_sheet_hbond.range_1_label_comp_id 
_pdbx_struct_sheet_hbond.range_1_label_asym_id 
_pdbx_struct_sheet_hbond.range_1_label_seq_id 
_pdbx_struct_sheet_hbond.range_1_PDB_ins_code 
_pdbx_struct_sheet_hbond.range_1_auth_atom_id 
_pdbx_struct_sheet_hbond.range_1_auth_comp_id 
_pdbx_struct_sheet_hbond.range_1_auth_asym_id 
_pdbx_struct_sheet_hbond.range_1_auth_seq_id 
_pdbx_struct_sheet_hbond.range_2_label_atom_id 
_pdbx_struct_sheet_hbond.range_2_label_comp_id 
_pdbx_struct_sheet_hbond.range_2_label_asym_id 
_pdbx_struct_sheet_hbond.range_2_label_seq_id 
_pdbx_struct_sheet_hbond.range_2_PDB_ins_code 
_pdbx_struct_sheet_hbond.range_2_auth_atom_id 
_pdbx_struct_sheet_hbond.range_2_auth_comp_id 
_pdbx_struct_sheet_hbond.range_2_auth_asym_id 
_pdbx_struct_sheet_hbond.range_2_auth_seq_id 
A 1 2 N VAL A 58  ? N VAL A 318 O CYS A 66 ? O CYS A 326 
A 2 3 O LEU A 69  ? O LEU A 329 N TYR A 98 ? N TYR A 358 
A 3 4 N SER A 101 ? N SER A 361 O LEU A 12 ? O LEU A 272 
A 4 5 N LYS A 13  ? N LYS A 273 O LYS A 22 ? O LYS A 282 
A 5 6 N THR A 29  ? N THR A 289 O CYS A 32 ? O CYS A 292 
A 6 7 N TYR A 35  ? N TYR A 295 O GLY A 46 ? O GLY A 306 
A 7 8 N ILE A 47  ? N ILE A 307 O CYS A 82 ? O CYS A 342 
A 8 9 N LYS A 83  ? N LYS A 343 O VAL A 91 ? O VAL A 351 
# 
_struct_site.id                   AC1 
_struct_site.pdbx_evidence_code   Software 
_struct_site.pdbx_auth_asym_id    A 
_struct_site.pdbx_auth_comp_id    4IP 
_struct_site.pdbx_auth_seq_id     1101 
_struct_site.pdbx_auth_ins_code   ? 
_struct_site.pdbx_num_residues    23 
_struct_site.details              'BINDING SITE FOR RESIDUE 4IP A 1101' 
# 
loop_
_struct_site_gen.id 
_struct_site_gen.site_id 
_struct_site_gen.pdbx_num_res 
_struct_site_gen.label_comp_id 
_struct_site_gen.label_asym_id 
_struct_site_gen.label_seq_id 
_struct_site_gen.pdbx_auth_ins_code 
_struct_site_gen.auth_comp_id 
_struct_site_gen.auth_asym_id 
_struct_site_gen.auth_seq_id 
_struct_site_gen.label_atom_id 
_struct_site_gen.label_alt_id 
_struct_site_gen.symmetry 
_struct_site_gen.details 
1  AC1 23 HOH C .  ? HOH A 13  . ? 1_555 ? 
2  AC1 23 HOH C .  ? HOH A 17  . ? 1_555 ? 
3  AC1 23 HOH C .  ? HOH A 27  . ? 1_555 ? 
4  AC1 23 HOH C .  ? HOH A 32  . ? 1_555 ? 
5  AC1 23 HOH C .  ? HOH A 36  . ? 1_555 ? 
6  AC1 23 HOH C .  ? HOH A 71  . ? 1_555 ? 
7  AC1 23 HOH C .  ? HOH A 76  . ? 1_555 ? 
8  AC1 23 HOH C .  ? HOH A 82  . ? 1_555 ? 
9  AC1 23 HOH C .  ? HOH A 87  . ? 1_555 ? 
10 AC1 23 HOH C .  ? HOH A 99  . ? 1_555 ? 
11 AC1 23 LYS A 13 ? LYS A 273 . ? 1_555 ? 
12 AC1 23 GLY A 15 ? GLY A 275 . ? 1_555 ? 
13 AC1 23 GLY A 16 ? GLY A 276 . ? 1_555 ? 
14 AC1 23 ARG A 17 ? ARG A 277 . ? 1_555 ? 
15 AC1 23 VAL A 18 ? VAL A 278 . ? 1_555 ? 
16 AC1 23 THR A 20 ? THR A 280 . ? 1_555 ? 
17 AC1 23 LYS A 22 ? LYS A 282 . ? 1_555 ? 
18 AC1 23 ARG A 24 ? ARG A 284 . ? 1_555 ? 
19 AC1 23 TYR A 35 ? TYR A 295 . ? 1_555 ? 
20 AC1 23 ARG A 45 ? ARG A 305 . ? 1_555 ? 
21 AC1 23 LYS A 83 ? LYS A 343 . ? 1_555 ? 
22 AC1 23 ASN A 94 ? ASN A 354 . ? 1_555 ? 
23 AC1 23 HIS A 95 ? HIS A 355 . ? 1_555 ? 
# 
_pdbx_entry_details.entry_id                   1FGY 
_pdbx_entry_details.compound_details           ? 
_pdbx_entry_details.source_details             ? 
_pdbx_entry_details.nonpolymer_details         ? 
_pdbx_entry_details.sequence_details           ? 
_pdbx_entry_details.has_ligand_of_interest     ? 
_pdbx_entry_details.has_protein_modification   Y 
# 
loop_
_pdbx_validate_symm_contact.id 
_pdbx_validate_symm_contact.PDB_model_num 
_pdbx_validate_symm_contact.auth_atom_id_1 
_pdbx_validate_symm_contact.auth_asym_id_1 
_pdbx_validate_symm_contact.auth_comp_id_1 
_pdbx_validate_symm_contact.auth_seq_id_1 
_pdbx_validate_symm_contact.PDB_ins_code_1 
_pdbx_validate_symm_contact.label_alt_id_1 
_pdbx_validate_symm_contact.site_symmetry_1 
_pdbx_validate_symm_contact.auth_atom_id_2 
_pdbx_validate_symm_contact.auth_asym_id_2 
_pdbx_validate_symm_contact.auth_comp_id_2 
_pdbx_validate_symm_contact.auth_seq_id_2 
_pdbx_validate_symm_contact.PDB_ins_code_2 
_pdbx_validate_symm_contact.label_alt_id_2 
_pdbx_validate_symm_contact.site_symmetry_2 
_pdbx_validate_symm_contact.dist 
1 1 CE A LYS 302 ? ? 1_555 O A HOH 109 ? ? 4_456 1.17 
2 1 CD A LYS 302 ? ? 1_555 O A HOH 109 ? ? 4_456 2.00 
# 
loop_
_pdbx_validate_torsion.id 
_pdbx_validate_torsion.PDB_model_num 
_pdbx_validate_torsion.auth_comp_id 
_pdbx_validate_torsion.auth_asym_id 
_pdbx_validate_torsion.auth_seq_id 
_pdbx_validate_torsion.PDB_ins_code 
_pdbx_validate_torsion.label_alt_id 
_pdbx_validate_torsion.phi 
_pdbx_validate_torsion.psi 
1 1 ARG A 267 ? ? -174.07 146.87 
2 1 ASN A 312 ? ? 80.95   -6.37  
3 1 ASP A 386 ? ? 59.98   8.74   
# 
loop_
_pdbx_struct_mod_residue.id 
_pdbx_struct_mod_residue.label_asym_id 
_pdbx_struct_mod_residue.label_comp_id 
_pdbx_struct_mod_residue.label_seq_id 
_pdbx_struct_mod_residue.auth_asym_id 
_pdbx_struct_mod_residue.auth_comp_id 
_pdbx_struct_mod_residue.auth_seq_id 
_pdbx_struct_mod_residue.PDB_ins_code 
_pdbx_struct_mod_residue.parent_comp_id 
_pdbx_struct_mod_residue.details 
1 A MSE 112 A MSE 372 ? MET SELENOMETHIONINE 
2 A MSE 127 A MSE 387 ? MET SELENOMETHIONINE 
# 
loop_
_chem_comp_atom.comp_id 
_chem_comp_atom.atom_id 
_chem_comp_atom.type_symbol 
_chem_comp_atom.pdbx_aromatic_flag 
_chem_comp_atom.pdbx_stereo_config 
_chem_comp_atom.pdbx_ordinal 
4IP C1   C  N N 1   
4IP O1   O  N N 2   
4IP C2   C  N S 3   
4IP O2   O  N N 4   
4IP C3   C  N S 5   
4IP O3   O  N N 6   
4IP C4   C  N N 7   
4IP O4   O  N N 8   
4IP C5   C  N R 9   
4IP O5   O  N N 10  
4IP C6   C  N S 11  
4IP O6   O  N N 12  
4IP P1   P  N N 13  
4IP O1P  O  N N 14  
4IP O2P  O  N N 15  
4IP O3P  O  N N 16  
4IP P3   P  N N 17  
4IP O4P  O  N N 18  
4IP O5P  O  N N 19  
4IP O6P  O  N N 20  
4IP P4   P  N N 21  
4IP O7P  O  N N 22  
4IP O8P  O  N N 23  
4IP O9P  O  N N 24  
4IP P5   P  N N 25  
4IP OPF  O  N N 26  
4IP OPG  O  N N 27  
4IP OPH  O  N N 28  
4IP H1   H  N N 29  
4IP H2   H  N N 30  
4IP HO2  H  N N 31  
4IP H3   H  N N 32  
4IP H4   H  N N 33  
4IP H5   H  N N 34  
4IP H6   H  N N 35  
4IP HO6  H  N N 36  
4IP HO2P H  N N 37  
4IP HO3P H  N N 38  
4IP HO5P H  N N 39  
4IP HO6P H  N N 40  
4IP HO7P H  N N 41  
4IP HO8P H  N N 42  
4IP HOP1 H  N N 43  
4IP HOP3 H  N N 44  
ALA N    N  N N 45  
ALA CA   C  N S 46  
ALA C    C  N N 47  
ALA O    O  N N 48  
ALA CB   C  N N 49  
ALA OXT  O  N N 50  
ALA H    H  N N 51  
ALA H2   H  N N 52  
ALA HA   H  N N 53  
ALA HB1  H  N N 54  
ALA HB2  H  N N 55  
ALA HB3  H  N N 56  
ALA HXT  H  N N 57  
ARG N    N  N N 58  
ARG CA   C  N S 59  
ARG C    C  N N 60  
ARG O    O  N N 61  
ARG CB   C  N N 62  
ARG CG   C  N N 63  
ARG CD   C  N N 64  
ARG NE   N  N N 65  
ARG CZ   C  N N 66  
ARG NH1  N  N N 67  
ARG NH2  N  N N 68  
ARG OXT  O  N N 69  
ARG H    H  N N 70  
ARG H2   H  N N 71  
ARG HA   H  N N 72  
ARG HB2  H  N N 73  
ARG HB3  H  N N 74  
ARG HG2  H  N N 75  
ARG HG3  H  N N 76  
ARG HD2  H  N N 77  
ARG HD3  H  N N 78  
ARG HE   H  N N 79  
ARG HH11 H  N N 80  
ARG HH12 H  N N 81  
ARG HH21 H  N N 82  
ARG HH22 H  N N 83  
ARG HXT  H  N N 84  
ASN N    N  N N 85  
ASN CA   C  N S 86  
ASN C    C  N N 87  
ASN O    O  N N 88  
ASN CB   C  N N 89  
ASN CG   C  N N 90  
ASN OD1  O  N N 91  
ASN ND2  N  N N 92  
ASN OXT  O  N N 93  
ASN H    H  N N 94  
ASN H2   H  N N 95  
ASN HA   H  N N 96  
ASN HB2  H  N N 97  
ASN HB3  H  N N 98  
ASN HD21 H  N N 99  
ASN HD22 H  N N 100 
ASN HXT  H  N N 101 
ASP N    N  N N 102 
ASP CA   C  N S 103 
ASP C    C  N N 104 
ASP O    O  N N 105 
ASP CB   C  N N 106 
ASP CG   C  N N 107 
ASP OD1  O  N N 108 
ASP OD2  O  N N 109 
ASP OXT  O  N N 110 
ASP H    H  N N 111 
ASP H2   H  N N 112 
ASP HA   H  N N 113 
ASP HB2  H  N N 114 
ASP HB3  H  N N 115 
ASP HD2  H  N N 116 
ASP HXT  H  N N 117 
CYS N    N  N N 118 
CYS CA   C  N R 119 
CYS C    C  N N 120 
CYS O    O  N N 121 
CYS CB   C  N N 122 
CYS SG   S  N N 123 
CYS OXT  O  N N 124 
CYS H    H  N N 125 
CYS H2   H  N N 126 
CYS HA   H  N N 127 
CYS HB2  H  N N 128 
CYS HB3  H  N N 129 
CYS HG   H  N N 130 
CYS HXT  H  N N 131 
GLN N    N  N N 132 
GLN CA   C  N S 133 
GLN C    C  N N 134 
GLN O    O  N N 135 
GLN CB   C  N N 136 
GLN CG   C  N N 137 
GLN CD   C  N N 138 
GLN OE1  O  N N 139 
GLN NE2  N  N N 140 
GLN OXT  O  N N 141 
GLN H    H  N N 142 
GLN H2   H  N N 143 
GLN HA   H  N N 144 
GLN HB2  H  N N 145 
GLN HB3  H  N N 146 
GLN HG2  H  N N 147 
GLN HG3  H  N N 148 
GLN HE21 H  N N 149 
GLN HE22 H  N N 150 
GLN HXT  H  N N 151 
GLU N    N  N N 152 
GLU CA   C  N S 153 
GLU C    C  N N 154 
GLU O    O  N N 155 
GLU CB   C  N N 156 
GLU CG   C  N N 157 
GLU CD   C  N N 158 
GLU OE1  O  N N 159 
GLU OE2  O  N N 160 
GLU OXT  O  N N 161 
GLU H    H  N N 162 
GLU H2   H  N N 163 
GLU HA   H  N N 164 
GLU HB2  H  N N 165 
GLU HB3  H  N N 166 
GLU HG2  H  N N 167 
GLU HG3  H  N N 168 
GLU HE2  H  N N 169 
GLU HXT  H  N N 170 
GLY N    N  N N 171 
GLY CA   C  N N 172 
GLY C    C  N N 173 
GLY O    O  N N 174 
GLY OXT  O  N N 175 
GLY H    H  N N 176 
GLY H2   H  N N 177 
GLY HA2  H  N N 178 
GLY HA3  H  N N 179 
GLY HXT  H  N N 180 
HIS N    N  N N 181 
HIS CA   C  N S 182 
HIS C    C  N N 183 
HIS O    O  N N 184 
HIS CB   C  N N 185 
HIS CG   C  Y N 186 
HIS ND1  N  Y N 187 
HIS CD2  C  Y N 188 
HIS CE1  C  Y N 189 
HIS NE2  N  Y N 190 
HIS OXT  O  N N 191 
HIS H    H  N N 192 
HIS H2   H  N N 193 
HIS HA   H  N N 194 
HIS HB2  H  N N 195 
HIS HB3  H  N N 196 
HIS HD1  H  N N 197 
HIS HD2  H  N N 198 
HIS HE1  H  N N 199 
HIS HE2  H  N N 200 
HIS HXT  H  N N 201 
HOH O    O  N N 202 
HOH H1   H  N N 203 
HOH H2   H  N N 204 
ILE N    N  N N 205 
ILE CA   C  N S 206 
ILE C    C  N N 207 
ILE O    O  N N 208 
ILE CB   C  N S 209 
ILE CG1  C  N N 210 
ILE CG2  C  N N 211 
ILE CD1  C  N N 212 
ILE OXT  O  N N 213 
ILE H    H  N N 214 
ILE H2   H  N N 215 
ILE HA   H  N N 216 
ILE HB   H  N N 217 
ILE HG12 H  N N 218 
ILE HG13 H  N N 219 
ILE HG21 H  N N 220 
ILE HG22 H  N N 221 
ILE HG23 H  N N 222 
ILE HD11 H  N N 223 
ILE HD12 H  N N 224 
ILE HD13 H  N N 225 
ILE HXT  H  N N 226 
LEU N    N  N N 227 
LEU CA   C  N S 228 
LEU C    C  N N 229 
LEU O    O  N N 230 
LEU CB   C  N N 231 
LEU CG   C  N N 232 
LEU CD1  C  N N 233 
LEU CD2  C  N N 234 
LEU OXT  O  N N 235 
LEU H    H  N N 236 
LEU H2   H  N N 237 
LEU HA   H  N N 238 
LEU HB2  H  N N 239 
LEU HB3  H  N N 240 
LEU HG   H  N N 241 
LEU HD11 H  N N 242 
LEU HD12 H  N N 243 
LEU HD13 H  N N 244 
LEU HD21 H  N N 245 
LEU HD22 H  N N 246 
LEU HD23 H  N N 247 
LEU HXT  H  N N 248 
LYS N    N  N N 249 
LYS CA   C  N S 250 
LYS C    C  N N 251 
LYS O    O  N N 252 
LYS CB   C  N N 253 
LYS CG   C  N N 254 
LYS CD   C  N N 255 
LYS CE   C  N N 256 
LYS NZ   N  N N 257 
LYS OXT  O  N N 258 
LYS H    H  N N 259 
LYS H2   H  N N 260 
LYS HA   H  N N 261 
LYS HB2  H  N N 262 
LYS HB3  H  N N 263 
LYS HG2  H  N N 264 
LYS HG3  H  N N 265 
LYS HD2  H  N N 266 
LYS HD3  H  N N 267 
LYS HE2  H  N N 268 
LYS HE3  H  N N 269 
LYS HZ1  H  N N 270 
LYS HZ2  H  N N 271 
LYS HZ3  H  N N 272 
LYS HXT  H  N N 273 
MET N    N  N N 274 
MET CA   C  N S 275 
MET C    C  N N 276 
MET O    O  N N 277 
MET CB   C  N N 278 
MET CG   C  N N 279 
MET SD   S  N N 280 
MET CE   C  N N 281 
MET OXT  O  N N 282 
MET H    H  N N 283 
MET H2   H  N N 284 
MET HA   H  N N 285 
MET HB2  H  N N 286 
MET HB3  H  N N 287 
MET HG2  H  N N 288 
MET HG3  H  N N 289 
MET HE1  H  N N 290 
MET HE2  H  N N 291 
MET HE3  H  N N 292 
MET HXT  H  N N 293 
MSE N    N  N N 294 
MSE CA   C  N S 295 
MSE C    C  N N 296 
MSE O    O  N N 297 
MSE OXT  O  N N 298 
MSE CB   C  N N 299 
MSE CG   C  N N 300 
MSE SE   SE N N 301 
MSE CE   C  N N 302 
MSE H    H  N N 303 
MSE H2   H  N N 304 
MSE HA   H  N N 305 
MSE HXT  H  N N 306 
MSE HB2  H  N N 307 
MSE HB3  H  N N 308 
MSE HG2  H  N N 309 
MSE HG3  H  N N 310 
MSE HE1  H  N N 311 
MSE HE2  H  N N 312 
MSE HE3  H  N N 313 
PHE N    N  N N 314 
PHE CA   C  N S 315 
PHE C    C  N N 316 
PHE O    O  N N 317 
PHE CB   C  N N 318 
PHE CG   C  Y N 319 
PHE CD1  C  Y N 320 
PHE CD2  C  Y N 321 
PHE CE1  C  Y N 322 
PHE CE2  C  Y N 323 
PHE CZ   C  Y N 324 
PHE OXT  O  N N 325 
PHE H    H  N N 326 
PHE H2   H  N N 327 
PHE HA   H  N N 328 
PHE HB2  H  N N 329 
PHE HB3  H  N N 330 
PHE HD1  H  N N 331 
PHE HD2  H  N N 332 
PHE HE1  H  N N 333 
PHE HE2  H  N N 334 
PHE HZ   H  N N 335 
PHE HXT  H  N N 336 
PRO N    N  N N 337 
PRO CA   C  N S 338 
PRO C    C  N N 339 
PRO O    O  N N 340 
PRO CB   C  N N 341 
PRO CG   C  N N 342 
PRO CD   C  N N 343 
PRO OXT  O  N N 344 
PRO H    H  N N 345 
PRO HA   H  N N 346 
PRO HB2  H  N N 347 
PRO HB3  H  N N 348 
PRO HG2  H  N N 349 
PRO HG3  H  N N 350 
PRO HD2  H  N N 351 
PRO HD3  H  N N 352 
PRO HXT  H  N N 353 
SER N    N  N N 354 
SER CA   C  N S 355 
SER C    C  N N 356 
SER O    O  N N 357 
SER CB   C  N N 358 
SER OG   O  N N 359 
SER OXT  O  N N 360 
SER H    H  N N 361 
SER H2   H  N N 362 
SER HA   H  N N 363 
SER HB2  H  N N 364 
SER HB3  H  N N 365 
SER HG   H  N N 366 
SER HXT  H  N N 367 
THR N    N  N N 368 
THR CA   C  N S 369 
THR C    C  N N 370 
THR O    O  N N 371 
THR CB   C  N R 372 
THR OG1  O  N N 373 
THR CG2  C  N N 374 
THR OXT  O  N N 375 
THR H    H  N N 376 
THR H2   H  N N 377 
THR HA   H  N N 378 
THR HB   H  N N 379 
THR HG1  H  N N 380 
THR HG21 H  N N 381 
THR HG22 H  N N 382 
THR HG23 H  N N 383 
THR HXT  H  N N 384 
TRP N    N  N N 385 
TRP CA   C  N S 386 
TRP C    C  N N 387 
TRP O    O  N N 388 
TRP CB   C  N N 389 
TRP CG   C  Y N 390 
TRP CD1  C  Y N 391 
TRP CD2  C  Y N 392 
TRP NE1  N  Y N 393 
TRP CE2  C  Y N 394 
TRP CE3  C  Y N 395 
TRP CZ2  C  Y N 396 
TRP CZ3  C  Y N 397 
TRP CH2  C  Y N 398 
TRP OXT  O  N N 399 
TRP H    H  N N 400 
TRP H2   H  N N 401 
TRP HA   H  N N 402 
TRP HB2  H  N N 403 
TRP HB3  H  N N 404 
TRP HD1  H  N N 405 
TRP HE1  H  N N 406 
TRP HE3  H  N N 407 
TRP HZ2  H  N N 408 
TRP HZ3  H  N N 409 
TRP HH2  H  N N 410 
TRP HXT  H  N N 411 
TYR N    N  N N 412 
TYR CA   C  N S 413 
TYR C    C  N N 414 
TYR O    O  N N 415 
TYR CB   C  N N 416 
TYR CG   C  Y N 417 
TYR CD1  C  Y N 418 
TYR CD2  C  Y N 419 
TYR CE1  C  Y N 420 
TYR CE2  C  Y N 421 
TYR CZ   C  Y N 422 
TYR OH   O  N N 423 
TYR OXT  O  N N 424 
TYR H    H  N N 425 
TYR H2   H  N N 426 
TYR HA   H  N N 427 
TYR HB2  H  N N 428 
TYR HB3  H  N N 429 
TYR HD1  H  N N 430 
TYR HD2  H  N N 431 
TYR HE1  H  N N 432 
TYR HE2  H  N N 433 
TYR HH   H  N N 434 
TYR HXT  H  N N 435 
VAL N    N  N N 436 
VAL CA   C  N S 437 
VAL C    C  N N 438 
VAL O    O  N N 439 
VAL CB   C  N N 440 
VAL CG1  C  N N 441 
VAL CG2  C  N N 442 
VAL OXT  O  N N 443 
VAL H    H  N N 444 
VAL H2   H  N N 445 
VAL HA   H  N N 446 
VAL HB   H  N N 447 
VAL HG11 H  N N 448 
VAL HG12 H  N N 449 
VAL HG13 H  N N 450 
VAL HG21 H  N N 451 
VAL HG22 H  N N 452 
VAL HG23 H  N N 453 
VAL HXT  H  N N 454 
# 
loop_
_chem_comp_bond.comp_id 
_chem_comp_bond.atom_id_1 
_chem_comp_bond.atom_id_2 
_chem_comp_bond.value_order 
_chem_comp_bond.pdbx_aromatic_flag 
_chem_comp_bond.pdbx_stereo_config 
_chem_comp_bond.pdbx_ordinal 
4IP C1  O1   sing N N 1   
4IP C1  C2   sing N N 2   
4IP C1  C6   sing N N 3   
4IP C1  H1   sing N N 4   
4IP O1  P1   sing N N 5   
4IP C2  O2   sing N N 6   
4IP C2  C3   sing N N 7   
4IP C2  H2   sing N N 8   
4IP O2  HO2  sing N N 9   
4IP C3  O3   sing N N 10  
4IP C3  C4   sing N N 11  
4IP C3  H3   sing N N 12  
4IP O3  P3   sing N N 13  
4IP C4  O4   sing N N 14  
4IP C4  C5   sing N N 15  
4IP C4  H4   sing N N 16  
4IP O4  P4   sing N N 17  
4IP C5  O5   sing N N 18  
4IP C5  C6   sing N N 19  
4IP C5  H5   sing N N 20  
4IP O5  P5   sing N N 21  
4IP C6  O6   sing N N 22  
4IP C6  H6   sing N N 23  
4IP O6  HO6  sing N N 24  
4IP P1  O1P  doub N N 25  
4IP P1  O2P  sing N N 26  
4IP P1  O3P  sing N N 27  
4IP O2P HO2P sing N N 28  
4IP O3P HO3P sing N N 29  
4IP P3  O4P  doub N N 30  
4IP P3  O5P  sing N N 31  
4IP P3  O6P  sing N N 32  
4IP O5P HO5P sing N N 33  
4IP O6P HO6P sing N N 34  
4IP P4  O7P  sing N N 35  
4IP P4  O8P  sing N N 36  
4IP P4  O9P  doub N N 37  
4IP O7P HO7P sing N N 38  
4IP O8P HO8P sing N N 39  
4IP P5  OPF  sing N N 40  
4IP P5  OPG  doub N N 41  
4IP P5  OPH  sing N N 42  
4IP OPF HOP1 sing N N 43  
4IP OPH HOP3 sing N N 44  
ALA N   CA   sing N N 45  
ALA N   H    sing N N 46  
ALA N   H2   sing N N 47  
ALA CA  C    sing N N 48  
ALA CA  CB   sing N N 49  
ALA CA  HA   sing N N 50  
ALA C   O    doub N N 51  
ALA C   OXT  sing N N 52  
ALA CB  HB1  sing N N 53  
ALA CB  HB2  sing N N 54  
ALA CB  HB3  sing N N 55  
ALA OXT HXT  sing N N 56  
ARG N   CA   sing N N 57  
ARG N   H    sing N N 58  
ARG N   H2   sing N N 59  
ARG CA  C    sing N N 60  
ARG CA  CB   sing N N 61  
ARG CA  HA   sing N N 62  
ARG C   O    doub N N 63  
ARG C   OXT  sing N N 64  
ARG CB  CG   sing N N 65  
ARG CB  HB2  sing N N 66  
ARG CB  HB3  sing N N 67  
ARG CG  CD   sing N N 68  
ARG CG  HG2  sing N N 69  
ARG CG  HG3  sing N N 70  
ARG CD  NE   sing N N 71  
ARG CD  HD2  sing N N 72  
ARG CD  HD3  sing N N 73  
ARG NE  CZ   sing N N 74  
ARG NE  HE   sing N N 75  
ARG CZ  NH1  sing N N 76  
ARG CZ  NH2  doub N N 77  
ARG NH1 HH11 sing N N 78  
ARG NH1 HH12 sing N N 79  
ARG NH2 HH21 sing N N 80  
ARG NH2 HH22 sing N N 81  
ARG OXT HXT  sing N N 82  
ASN N   CA   sing N N 83  
ASN N   H    sing N N 84  
ASN N   H2   sing N N 85  
ASN CA  C    sing N N 86  
ASN CA  CB   sing N N 87  
ASN CA  HA   sing N N 88  
ASN C   O    doub N N 89  
ASN C   OXT  sing N N 90  
ASN CB  CG   sing N N 91  
ASN CB  HB2  sing N N 92  
ASN CB  HB3  sing N N 93  
ASN CG  OD1  doub N N 94  
ASN CG  ND2  sing N N 95  
ASN ND2 HD21 sing N N 96  
ASN ND2 HD22 sing N N 97  
ASN OXT HXT  sing N N 98  
ASP N   CA   sing N N 99  
ASP N   H    sing N N 100 
ASP N   H2   sing N N 101 
ASP CA  C    sing N N 102 
ASP CA  CB   sing N N 103 
ASP CA  HA   sing N N 104 
ASP C   O    doub N N 105 
ASP C   OXT  sing N N 106 
ASP CB  CG   sing N N 107 
ASP CB  HB2  sing N N 108 
ASP CB  HB3  sing N N 109 
ASP CG  OD1  doub N N 110 
ASP CG  OD2  sing N N 111 
ASP OD2 HD2  sing N N 112 
ASP OXT HXT  sing N N 113 
CYS N   CA   sing N N 114 
CYS N   H    sing N N 115 
CYS N   H2   sing N N 116 
CYS CA  C    sing N N 117 
CYS CA  CB   sing N N 118 
CYS CA  HA   sing N N 119 
CYS C   O    doub N N 120 
CYS C   OXT  sing N N 121 
CYS CB  SG   sing N N 122 
CYS CB  HB2  sing N N 123 
CYS CB  HB3  sing N N 124 
CYS SG  HG   sing N N 125 
CYS OXT HXT  sing N N 126 
GLN N   CA   sing N N 127 
GLN N   H    sing N N 128 
GLN N   H2   sing N N 129 
GLN CA  C    sing N N 130 
GLN CA  CB   sing N N 131 
GLN CA  HA   sing N N 132 
GLN C   O    doub N N 133 
GLN C   OXT  sing N N 134 
GLN CB  CG   sing N N 135 
GLN CB  HB2  sing N N 136 
GLN CB  HB3  sing N N 137 
GLN CG  CD   sing N N 138 
GLN CG  HG2  sing N N 139 
GLN CG  HG3  sing N N 140 
GLN CD  OE1  doub N N 141 
GLN CD  NE2  sing N N 142 
GLN NE2 HE21 sing N N 143 
GLN NE2 HE22 sing N N 144 
GLN OXT HXT  sing N N 145 
GLU N   CA   sing N N 146 
GLU N   H    sing N N 147 
GLU N   H2   sing N N 148 
GLU CA  C    sing N N 149 
GLU CA  CB   sing N N 150 
GLU CA  HA   sing N N 151 
GLU C   O    doub N N 152 
GLU C   OXT  sing N N 153 
GLU CB  CG   sing N N 154 
GLU CB  HB2  sing N N 155 
GLU CB  HB3  sing N N 156 
GLU CG  CD   sing N N 157 
GLU CG  HG2  sing N N 158 
GLU CG  HG3  sing N N 159 
GLU CD  OE1  doub N N 160 
GLU CD  OE2  sing N N 161 
GLU OE2 HE2  sing N N 162 
GLU OXT HXT  sing N N 163 
GLY N   CA   sing N N 164 
GLY N   H    sing N N 165 
GLY N   H2   sing N N 166 
GLY CA  C    sing N N 167 
GLY CA  HA2  sing N N 168 
GLY CA  HA3  sing N N 169 
GLY C   O    doub N N 170 
GLY C   OXT  sing N N 171 
GLY OXT HXT  sing N N 172 
HIS N   CA   sing N N 173 
HIS N   H    sing N N 174 
HIS N   H2   sing N N 175 
HIS CA  C    sing N N 176 
HIS CA  CB   sing N N 177 
HIS CA  HA   sing N N 178 
HIS C   O    doub N N 179 
HIS C   OXT  sing N N 180 
HIS CB  CG   sing N N 181 
HIS CB  HB2  sing N N 182 
HIS CB  HB3  sing N N 183 
HIS CG  ND1  sing Y N 184 
HIS CG  CD2  doub Y N 185 
HIS ND1 CE1  doub Y N 186 
HIS ND1 HD1  sing N N 187 
HIS CD2 NE2  sing Y N 188 
HIS CD2 HD2  sing N N 189 
HIS CE1 NE2  sing Y N 190 
HIS CE1 HE1  sing N N 191 
HIS NE2 HE2  sing N N 192 
HIS OXT HXT  sing N N 193 
HOH O   H1   sing N N 194 
HOH O   H2   sing N N 195 
ILE N   CA   sing N N 196 
ILE N   H    sing N N 197 
ILE N   H2   sing N N 198 
ILE CA  C    sing N N 199 
ILE CA  CB   sing N N 200 
ILE CA  HA   sing N N 201 
ILE C   O    doub N N 202 
ILE C   OXT  sing N N 203 
ILE CB  CG1  sing N N 204 
ILE CB  CG2  sing N N 205 
ILE CB  HB   sing N N 206 
ILE CG1 CD1  sing N N 207 
ILE CG1 HG12 sing N N 208 
ILE CG1 HG13 sing N N 209 
ILE CG2 HG21 sing N N 210 
ILE CG2 HG22 sing N N 211 
ILE CG2 HG23 sing N N 212 
ILE CD1 HD11 sing N N 213 
ILE CD1 HD12 sing N N 214 
ILE CD1 HD13 sing N N 215 
ILE OXT HXT  sing N N 216 
LEU N   CA   sing N N 217 
LEU N   H    sing N N 218 
LEU N   H2   sing N N 219 
LEU CA  C    sing N N 220 
LEU CA  CB   sing N N 221 
LEU CA  HA   sing N N 222 
LEU C   O    doub N N 223 
LEU C   OXT  sing N N 224 
LEU CB  CG   sing N N 225 
LEU CB  HB2  sing N N 226 
LEU CB  HB3  sing N N 227 
LEU CG  CD1  sing N N 228 
LEU CG  CD2  sing N N 229 
LEU CG  HG   sing N N 230 
LEU CD1 HD11 sing N N 231 
LEU CD1 HD12 sing N N 232 
LEU CD1 HD13 sing N N 233 
LEU CD2 HD21 sing N N 234 
LEU CD2 HD22 sing N N 235 
LEU CD2 HD23 sing N N 236 
LEU OXT HXT  sing N N 237 
LYS N   CA   sing N N 238 
LYS N   H    sing N N 239 
LYS N   H2   sing N N 240 
LYS CA  C    sing N N 241 
LYS CA  CB   sing N N 242 
LYS CA  HA   sing N N 243 
LYS C   O    doub N N 244 
LYS C   OXT  sing N N 245 
LYS CB  CG   sing N N 246 
LYS CB  HB2  sing N N 247 
LYS CB  HB3  sing N N 248 
LYS CG  CD   sing N N 249 
LYS CG  HG2  sing N N 250 
LYS CG  HG3  sing N N 251 
LYS CD  CE   sing N N 252 
LYS CD  HD2  sing N N 253 
LYS CD  HD3  sing N N 254 
LYS CE  NZ   sing N N 255 
LYS CE  HE2  sing N N 256 
LYS CE  HE3  sing N N 257 
LYS NZ  HZ1  sing N N 258 
LYS NZ  HZ2  sing N N 259 
LYS NZ  HZ3  sing N N 260 
LYS OXT HXT  sing N N 261 
MET N   CA   sing N N 262 
MET N   H    sing N N 263 
MET N   H2   sing N N 264 
MET CA  C    sing N N 265 
MET CA  CB   sing N N 266 
MET CA  HA   sing N N 267 
MET C   O    doub N N 268 
MET C   OXT  sing N N 269 
MET CB  CG   sing N N 270 
MET CB  HB2  sing N N 271 
MET CB  HB3  sing N N 272 
MET CG  SD   sing N N 273 
MET CG  HG2  sing N N 274 
MET CG  HG3  sing N N 275 
MET SD  CE   sing N N 276 
MET CE  HE1  sing N N 277 
MET CE  HE2  sing N N 278 
MET CE  HE3  sing N N 279 
MET OXT HXT  sing N N 280 
MSE N   CA   sing N N 281 
MSE N   H    sing N N 282 
MSE N   H2   sing N N 283 
MSE CA  C    sing N N 284 
MSE CA  CB   sing N N 285 
MSE CA  HA   sing N N 286 
MSE C   O    doub N N 287 
MSE C   OXT  sing N N 288 
MSE OXT HXT  sing N N 289 
MSE CB  CG   sing N N 290 
MSE CB  HB2  sing N N 291 
MSE CB  HB3  sing N N 292 
MSE CG  SE   sing N N 293 
MSE CG  HG2  sing N N 294 
MSE CG  HG3  sing N N 295 
MSE SE  CE   sing N N 296 
MSE CE  HE1  sing N N 297 
MSE CE  HE2  sing N N 298 
MSE CE  HE3  sing N N 299 
PHE N   CA   sing N N 300 
PHE N   H    sing N N 301 
PHE N   H2   sing N N 302 
PHE CA  C    sing N N 303 
PHE CA  CB   sing N N 304 
PHE CA  HA   sing N N 305 
PHE C   O    doub N N 306 
PHE C   OXT  sing N N 307 
PHE CB  CG   sing N N 308 
PHE CB  HB2  sing N N 309 
PHE CB  HB3  sing N N 310 
PHE CG  CD1  doub Y N 311 
PHE CG  CD2  sing Y N 312 
PHE CD1 CE1  sing Y N 313 
PHE CD1 HD1  sing N N 314 
PHE CD2 CE2  doub Y N 315 
PHE CD2 HD2  sing N N 316 
PHE CE1 CZ   doub Y N 317 
PHE CE1 HE1  sing N N 318 
PHE CE2 CZ   sing Y N 319 
PHE CE2 HE2  sing N N 320 
PHE CZ  HZ   sing N N 321 
PHE OXT HXT  sing N N 322 
PRO N   CA   sing N N 323 
PRO N   CD   sing N N 324 
PRO N   H    sing N N 325 
PRO CA  C    sing N N 326 
PRO CA  CB   sing N N 327 
PRO CA  HA   sing N N 328 
PRO C   O    doub N N 329 
PRO C   OXT  sing N N 330 
PRO CB  CG   sing N N 331 
PRO CB  HB2  sing N N 332 
PRO CB  HB3  sing N N 333 
PRO CG  CD   sing N N 334 
PRO CG  HG2  sing N N 335 
PRO CG  HG3  sing N N 336 
PRO CD  HD2  sing N N 337 
PRO CD  HD3  sing N N 338 
PRO OXT HXT  sing N N 339 
SER N   CA   sing N N 340 
SER N   H    sing N N 341 
SER N   H2   sing N N 342 
SER CA  C    sing N N 343 
SER CA  CB   sing N N 344 
SER CA  HA   sing N N 345 
SER C   O    doub N N 346 
SER C   OXT  sing N N 347 
SER CB  OG   sing N N 348 
SER CB  HB2  sing N N 349 
SER CB  HB3  sing N N 350 
SER OG  HG   sing N N 351 
SER OXT HXT  sing N N 352 
THR N   CA   sing N N 353 
THR N   H    sing N N 354 
THR N   H2   sing N N 355 
THR CA  C    sing N N 356 
THR CA  CB   sing N N 357 
THR CA  HA   sing N N 358 
THR C   O    doub N N 359 
THR C   OXT  sing N N 360 
THR CB  OG1  sing N N 361 
THR CB  CG2  sing N N 362 
THR CB  HB   sing N N 363 
THR OG1 HG1  sing N N 364 
THR CG2 HG21 sing N N 365 
THR CG2 HG22 sing N N 366 
THR CG2 HG23 sing N N 367 
THR OXT HXT  sing N N 368 
TRP N   CA   sing N N 369 
TRP N   H    sing N N 370 
TRP N   H2   sing N N 371 
TRP CA  C    sing N N 372 
TRP CA  CB   sing N N 373 
TRP CA  HA   sing N N 374 
TRP C   O    doub N N 375 
TRP C   OXT  sing N N 376 
TRP CB  CG   sing N N 377 
TRP CB  HB2  sing N N 378 
TRP CB  HB3  sing N N 379 
TRP CG  CD1  doub Y N 380 
TRP CG  CD2  sing Y N 381 
TRP CD1 NE1  sing Y N 382 
TRP CD1 HD1  sing N N 383 
TRP CD2 CE2  doub Y N 384 
TRP CD2 CE3  sing Y N 385 
TRP NE1 CE2  sing Y N 386 
TRP NE1 HE1  sing N N 387 
TRP CE2 CZ2  sing Y N 388 
TRP CE3 CZ3  doub Y N 389 
TRP CE3 HE3  sing N N 390 
TRP CZ2 CH2  doub Y N 391 
TRP CZ2 HZ2  sing N N 392 
TRP CZ3 CH2  sing Y N 393 
TRP CZ3 HZ3  sing N N 394 
TRP CH2 HH2  sing N N 395 
TRP OXT HXT  sing N N 396 
TYR N   CA   sing N N 397 
TYR N   H    sing N N 398 
TYR N   H2   sing N N 399 
TYR CA  C    sing N N 400 
TYR CA  CB   sing N N 401 
TYR CA  HA   sing N N 402 
TYR C   O    doub N N 403 
TYR C   OXT  sing N N 404 
TYR CB  CG   sing N N 405 
TYR CB  HB2  sing N N 406 
TYR CB  HB3  sing N N 407 
TYR CG  CD1  doub Y N 408 
TYR CG  CD2  sing Y N 409 
TYR CD1 CE1  sing Y N 410 
TYR CD1 HD1  sing N N 411 
TYR CD2 CE2  doub Y N 412 
TYR CD2 HD2  sing N N 413 
TYR CE1 CZ   doub Y N 414 
TYR CE1 HE1  sing N N 415 
TYR CE2 CZ   sing Y N 416 
TYR CE2 HE2  sing N N 417 
TYR CZ  OH   sing N N 418 
TYR OH  HH   sing N N 419 
TYR OXT HXT  sing N N 420 
VAL N   CA   sing N N 421 
VAL N   H    sing N N 422 
VAL N   H2   sing N N 423 
VAL CA  C    sing N N 424 
VAL CA  CB   sing N N 425 
VAL CA  HA   sing N N 426 
VAL C   O    doub N N 427 
VAL C   OXT  sing N N 428 
VAL CB  CG1  sing N N 429 
VAL CB  CG2  sing N N 430 
VAL CB  HB   sing N N 431 
VAL CG1 HG11 sing N N 432 
VAL CG1 HG12 sing N N 433 
VAL CG1 HG13 sing N N 434 
VAL CG2 HG21 sing N N 435 
VAL CG2 HG22 sing N N 436 
VAL CG2 HG23 sing N N 437 
VAL OXT HXT  sing N N 438 
# 
_atom_sites.entry_id                    1FGY 
_atom_sites.fract_transf_matrix[1][1]   -0.00266251 
_atom_sites.fract_transf_matrix[1][2]   0.00225026 
_atom_sites.fract_transf_matrix[1][3]   0.02396073 
_atom_sites.fract_transf_matrix[2][1]   -0.00748583 
_atom_sites.fract_transf_matrix[2][2]   0.00543223 
_atom_sites.fract_transf_matrix[2][3]   -0.00134199 
_atom_sites.fract_transf_matrix[3][1]   -0.01594902 
_atom_sites.fract_transf_matrix[3][2]   -0.02190793 
_atom_sites.fract_transf_matrix[3][3]   0.00028522 
_atom_sites.fract_transf_vector[1]      0.625045 
_atom_sites.fract_transf_vector[2]      0.332549 
_atom_sites.fract_transf_vector[3]      0.248133 
# 
loop_
_atom_type.symbol 
C  
N  
O  
P  
S  
SE 
# 
loop_
_atom_site.group_PDB 
_atom_site.id 
_atom_site.type_symbol 
_atom_site.label_atom_id 
_atom_site.label_alt_id 
_atom_site.label_comp_id 
_atom_site.label_asym_id 
_atom_site.label_entity_id 
_atom_site.label_seq_id 
_atom_site.pdbx_PDB_ins_code 
_atom_site.Cartn_x 
_atom_site.Cartn_y 
_atom_site.Cartn_z 
_atom_site.occupancy 
_atom_site.B_iso_or_equiv 
_atom_site.pdbx_formal_charge 
_atom_site.auth_seq_id 
_atom_site.auth_comp_id 
_atom_site.auth_asym_id 
_atom_site.auth_atom_id 
_atom_site.pdbx_PDB_model_num 
ATOM   1    N  N   . THR A 1 1   ? 14.414  -8.344  5.599   1.00 47.26 ? 261  THR A N   1 
ATOM   2    C  CA  . THR A 1 1   ? 13.398  -7.301  5.705   1.00 45.90 ? 261  THR A CA  1 
ATOM   3    C  C   . THR A 1 1   ? 12.006  -7.931  5.771   1.00 45.17 ? 261  THR A C   1 
ATOM   4    O  O   . THR A 1 1   ? 11.158  -7.512  6.564   1.00 45.54 ? 261  THR A O   1 
ATOM   5    C  CB  . THR A 1 1   ? 13.437  -6.322  4.485   1.00 45.57 ? 261  THR A CB  1 
ATOM   6    O  OG1 . THR A 1 1   ? 14.695  -5.631  4.444   1.00 45.99 ? 261  THR A OG1 1 
ATOM   7    C  CG2 . THR A 1 1   ? 12.316  -5.291  4.581   1.00 42.65 ? 261  THR A CG2 1 
ATOM   8    N  N   . PHE A 1 2   ? 11.805  -8.978  4.977   1.00 43.11 ? 262  PHE A N   1 
ATOM   9    C  CA  . PHE A 1 2   ? 10.517  -9.655  4.899   1.00 40.16 ? 262  PHE A CA  1 
ATOM   10   C  C   . PHE A 1 2   ? 10.282  -10.751 5.931   1.00 39.64 ? 262  PHE A C   1 
ATOM   11   O  O   . PHE A 1 2   ? 9.259   -11.438 5.894   1.00 39.55 ? 262  PHE A O   1 
ATOM   12   C  CB  . PHE A 1 2   ? 10.288  -10.138 3.468   1.00 36.45 ? 262  PHE A CB  1 
ATOM   13   C  CG  . PHE A 1 2   ? 10.573  -9.080  2.434   1.00 33.27 ? 262  PHE A CG  1 
ATOM   14   C  CD1 . PHE A 1 2   ? 11.642  -9.216  1.555   1.00 32.76 ? 262  PHE A CD1 1 
ATOM   15   C  CD2 . PHE A 1 2   ? 9.818   -7.916  2.389   1.00 30.92 ? 262  PHE A CD2 1 
ATOM   16   C  CE1 . PHE A 1 2   ? 11.960  -8.203  0.654   1.00 29.86 ? 262  PHE A CE1 1 
ATOM   17   C  CE2 . PHE A 1 2   ? 10.130  -6.905  1.492   1.00 30.92 ? 262  PHE A CE2 1 
ATOM   18   C  CZ  . PHE A 1 2   ? 11.202  -7.047  0.624   1.00 27.99 ? 262  PHE A CZ  1 
ATOM   19   N  N   . PHE A 1 3   ? 11.231  -10.906 6.852   1.00 39.07 ? 263  PHE A N   1 
ATOM   20   C  CA  . PHE A 1 3   ? 11.089  -11.881 7.927   1.00 37.96 ? 263  PHE A CA  1 
ATOM   21   C  C   . PHE A 1 3   ? 10.369  -11.122 9.041   1.00 34.39 ? 263  PHE A C   1 
ATOM   22   O  O   . PHE A 1 3   ? 10.590  -9.920  9.223   1.00 33.23 ? 263  PHE A O   1 
ATOM   23   C  CB  . PHE A 1 3   ? 12.452  -12.395 8.406   1.00 43.10 ? 263  PHE A CB  1 
ATOM   24   C  CG  . PHE A 1 3   ? 13.134  -11.495 9.393   1.00 47.42 ? 263  PHE A CG  1 
ATOM   25   C  CD1 . PHE A 1 3   ? 13.231  -11.860 10.737  1.00 48.90 ? 263  PHE A CD1 1 
ATOM   26   C  CD2 . PHE A 1 3   ? 13.666  -10.275 8.989   1.00 48.00 ? 263  PHE A CD2 1 
ATOM   27   C  CE1 . PHE A 1 3   ? 13.846  -11.019 11.664  1.00 49.57 ? 263  PHE A CE1 1 
ATOM   28   C  CE2 . PHE A 1 3   ? 14.283  -9.431  9.903   1.00 49.30 ? 263  PHE A CE2 1 
ATOM   29   C  CZ  . PHE A 1 3   ? 14.371  -9.801  11.245  1.00 48.68 ? 263  PHE A CZ  1 
ATOM   30   N  N   . ASN A 1 4   ? 9.489   -11.819 9.756   1.00 31.21 ? 264  ASN A N   1 
ATOM   31   C  CA  . ASN A 1 4   ? 8.697   -11.207 10.821  1.00 25.99 ? 264  ASN A CA  1 
ATOM   32   C  C   . ASN A 1 4   ? 7.716   -10.180 10.265  1.00 21.20 ? 264  ASN A C   1 
ATOM   33   O  O   . ASN A 1 4   ? 7.654   -9.057  10.761  1.00 21.38 ? 264  ASN A O   1 
ATOM   34   C  CB  . ASN A 1 4   ? 9.590   -10.524 11.858  1.00 27.81 ? 264  ASN A CB  1 
ATOM   35   C  CG  . ASN A 1 4   ? 10.300  -11.505 12.750  1.00 29.90 ? 264  ASN A CG  1 
ATOM   36   O  OD1 . ASN A 1 4   ? 10.345  -12.706 12.469  1.00 30.85 ? 264  ASN A OD1 1 
ATOM   37   N  ND2 . ASN A 1 4   ? 10.853  -10.998 13.847  1.00 32.54 ? 264  ASN A ND2 1 
ATOM   38   N  N   . PRO A 1 5   ? 6.979   -10.532 9.195   1.00 16.18 ? 265  PRO A N   1 
ATOM   39   C  CA  . PRO A 1 5   ? 6.012   -9.591  8.616   1.00 14.26 ? 265  PRO A CA  1 
ATOM   40   C  C   . PRO A 1 5   ? 4.767   -9.442  9.506   1.00 11.32 ? 265  PRO A C   1 
ATOM   41   O  O   . PRO A 1 5   ? 4.428   -10.347 10.269  1.00 10.26 ? 265  PRO A O   1 
ATOM   42   C  CB  . PRO A 1 5   ? 5.662   -10.251 7.287   1.00 12.92 ? 265  PRO A CB  1 
ATOM   43   C  CG  . PRO A 1 5   ? 5.721   -11.702 7.628   1.00 15.43 ? 265  PRO A CG  1 
ATOM   44   C  CD  . PRO A 1 5   ? 6.994   -11.791 8.424   1.00 15.15 ? 265  PRO A CD  1 
ATOM   45   N  N   . ASP A 1 6   ? 4.136   -8.274  9.458   1.00 8.00  ? 266  ASP A N   1 
ATOM   46   C  CA  . ASP A 1 6   ? 2.937   -8.030  10.249  1.00 9.10  ? 266  ASP A CA  1 
ATOM   47   C  C   . ASP A 1 6   ? 1.699   -8.586  9.555   1.00 8.48  ? 266  ASP A C   1 
ATOM   48   O  O   . ASP A 1 6   ? 0.699   -8.904  10.200  1.00 8.19  ? 266  ASP A O   1 
ATOM   49   C  CB  . ASP A 1 6   ? 2.795   -6.536  10.540  1.00 12.27 ? 266  ASP A CB  1 
ATOM   50   C  CG  . ASP A 1 6   ? 3.966   -6.001  11.347  1.00 14.36 ? 266  ASP A CG  1 
ATOM   51   O  OD1 . ASP A 1 6   ? 4.191   -6.491  12.476  1.00 13.95 ? 266  ASP A OD1 1 
ATOM   52   O  OD2 . ASP A 1 6   ? 4.698   -5.134  10.835  1.00 13.21 ? 266  ASP A OD2 1 
ATOM   53   N  N   . ARG A 1 7   ? 1.796   -8.736  8.236   1.00 9.15  ? 267  ARG A N   1 
ATOM   54   C  CA  . ARG A 1 7   ? 0.718   -9.293  7.422   1.00 7.07  ? 267  ARG A CA  1 
ATOM   55   C  C   . ARG A 1 7   ? 1.187   -9.468  5.988   1.00 8.64  ? 267  ARG A C   1 
ATOM   56   O  O   . ARG A 1 7   ? 2.071   -8.742  5.530   1.00 8.06  ? 267  ARG A O   1 
ATOM   57   C  CB  . ARG A 1 7   ? -0.534  -8.408  7.446   1.00 5.04  ? 267  ARG A CB  1 
ATOM   58   C  CG  . ARG A 1 7   ? -1.699  -9.015  6.665   1.00 5.06  ? 267  ARG A CG  1 
ATOM   59   C  CD  . ARG A 1 7   ? -3.036  -8.333  6.938   1.00 7.71  ? 267  ARG A CD  1 
ATOM   60   N  NE  . ARG A 1 7   ? -3.536  -8.604  8.284   1.00 8.97  ? 267  ARG A NE  1 
ATOM   61   C  CZ  . ARG A 1 7   ? -4.042  -9.771  8.679   1.00 10.15 ? 267  ARG A CZ  1 
ATOM   62   N  NH1 . ARG A 1 7   ? -4.128  -10.790 7.833   1.00 7.93  ? 267  ARG A NH1 1 
ATOM   63   N  NH2 . ARG A 1 7   ? -4.443  -9.926  9.935   1.00 8.64  ? 267  ARG A NH2 1 
ATOM   64   N  N   . GLU A 1 8   ? 0.670   -10.506 5.334   1.00 7.20  ? 268  GLU A N   1 
ATOM   65   C  CA  . GLU A 1 8   ? 0.979   -10.795 3.935   1.00 9.12  ? 268  GLU A CA  1 
ATOM   66   C  C   . GLU A 1 8   ? -0.308  -11.243 3.263   1.00 8.61  ? 268  GLU A C   1 
ATOM   67   O  O   . GLU A 1 8   ? -1.149  -11.870 3.899   1.00 8.70  ? 268  GLU A O   1 
ATOM   68   C  CB  . GLU A 1 8   ? 2.018   -11.912 3.801   1.00 7.54  ? 268  GLU A CB  1 
ATOM   69   C  CG  . GLU A 1 8   ? 3.376   -11.583 4.392   1.00 11.98 ? 268  GLU A CG  1 
ATOM   70   C  CD  . GLU A 1 8   ? 4.467   -12.543 3.947   1.00 15.40 ? 268  GLU A CD  1 
ATOM   71   O  OE1 . GLU A 1 8   ? 5.601   -12.434 4.455   1.00 17.64 ? 268  GLU A OE1 1 
ATOM   72   O  OE2 . GLU A 1 8   ? 4.207   -13.398 3.077   1.00 21.04 ? 268  GLU A OE2 1 
ATOM   73   N  N   . GLY A 1 9   ? -0.465  -10.929 1.982   1.00 7.58  ? 269  GLY A N   1 
ATOM   74   C  CA  . GLY A 1 9   ? -1.668  -11.340 1.282   1.00 7.24  ? 269  GLY A CA  1 
ATOM   75   C  C   . GLY A 1 9   ? -1.897  -10.610 -0.024  1.00 9.39  ? 269  GLY A C   1 
ATOM   76   O  O   . GLY A 1 9   ? -1.266  -9.590  -0.300  1.00 9.19  ? 269  GLY A O   1 
ATOM   77   N  N   . TRP A 1 10  ? -2.793  -11.158 -0.838  1.00 8.87  ? 270  TRP A N   1 
ATOM   78   C  CA  . TRP A 1 10  ? -3.156  -10.580 -2.128  1.00 7.52  ? 270  TRP A CA  1 
ATOM   79   C  C   . TRP A 1 10  ? -4.090  -9.387  -1.960  1.00 8.79  ? 270  TRP A C   1 
ATOM   80   O  O   . TRP A 1 10  ? -5.005  -9.412  -1.133  1.00 8.87  ? 270  TRP A O   1 
ATOM   81   C  CB  . TRP A 1 10  ? -3.882  -11.620 -2.977  1.00 8.43  ? 270  TRP A CB  1 
ATOM   82   C  CG  . TRP A 1 10  ? -3.020  -12.700 -3.509  1.00 8.83  ? 270  TRP A CG  1 
ATOM   83   C  CD1 . TRP A 1 10  ? -3.033  -14.011 -3.137  1.00 9.74  ? 270  TRP A CD1 1 
ATOM   84   C  CD2 . TRP A 1 10  ? -2.054  -12.588 -4.563  1.00 10.05 ? 270  TRP A CD2 1 
ATOM   85   N  NE1 . TRP A 1 10  ? -2.142  -14.727 -3.900  1.00 12.07 ? 270  TRP A NE1 1 
ATOM   86   C  CE2 . TRP A 1 10  ? -1.526  -13.877 -4.782  1.00 10.55 ? 270  TRP A CE2 1 
ATOM   87   C  CE3 . TRP A 1 10  ? -1.584  -11.519 -5.344  1.00 9.25  ? 270  TRP A CE3 1 
ATOM   88   C  CZ2 . TRP A 1 10  ? -0.550  -14.133 -5.753  1.00 11.51 ? 270  TRP A CZ2 1 
ATOM   89   C  CZ3 . TRP A 1 10  ? -0.612  -11.772 -6.312  1.00 10.10 ? 270  TRP A CZ3 1 
ATOM   90   C  CH2 . TRP A 1 10  ? -0.105  -13.071 -6.505  1.00 10.09 ? 270  TRP A CH2 1 
ATOM   91   N  N   . LEU A 1 11  ? -3.867  -8.352  -2.763  1.00 8.43  ? 271  LEU A N   1 
ATOM   92   C  CA  . LEU A 1 11  ? -4.701  -7.157  -2.761  1.00 8.70  ? 271  LEU A CA  1 
ATOM   93   C  C   . LEU A 1 11  ? -4.678  -6.592  -4.170  1.00 10.46 ? 271  LEU A C   1 
ATOM   94   O  O   . LEU A 1 11  ? -3.740  -6.846  -4.923  1.00 10.87 ? 271  LEU A O   1 
ATOM   95   C  CB  . LEU A 1 11  ? -4.150  -6.083  -1.812  1.00 10.00 ? 271  LEU A CB  1 
ATOM   96   C  CG  . LEU A 1 11  ? -4.169  -6.323  -0.300  1.00 9.86  ? 271  LEU A CG  1 
ATOM   97   C  CD1 . LEU A 1 11  ? -3.420  -5.205  0.407   1.00 9.12  ? 271  LEU A CD1 1 
ATOM   98   C  CD2 . LEU A 1 11  ? -5.605  -6.414  0.187   1.00 9.24  ? 271  LEU A CD2 1 
ATOM   99   N  N   . LEU A 1 12  ? -5.738  -5.882  -4.540  1.00 9.09  ? 272  LEU A N   1 
ATOM   100  C  CA  . LEU A 1 12  ? -5.783  -5.242  -5.844  1.00 11.75 ? 272  LEU A CA  1 
ATOM   101  C  C   . LEU A 1 12  ? -5.455  -3.776  -5.602  1.00 12.89 ? 272  LEU A C   1 
ATOM   102  O  O   . LEU A 1 12  ? -5.984  -3.161  -4.669  1.00 13.21 ? 272  LEU A O   1 
ATOM   103  C  CB  . LEU A 1 12  ? -7.166  -5.347  -6.475  1.00 12.79 ? 272  LEU A CB  1 
ATOM   104  C  CG  . LEU A 1 12  ? -7.727  -6.715  -6.844  1.00 17.06 ? 272  LEU A CG  1 
ATOM   105  C  CD1 . LEU A 1 12  ? -8.914  -6.492  -7.771  1.00 18.26 ? 272  LEU A CD1 1 
ATOM   106  C  CD2 . LEU A 1 12  ? -6.683  -7.567  -7.536  1.00 18.77 ? 272  LEU A CD2 1 
ATOM   107  N  N   . LYS A 1 13  ? -4.548  -3.229  -6.401  1.00 10.82 ? 273  LYS A N   1 
ATOM   108  C  CA  . LYS A 1 13  ? -4.175  -1.831  -6.257  1.00 12.75 ? 273  LYS A CA  1 
ATOM   109  C  C   . LYS A 1 13  ? -4.407  -1.052  -7.540  1.00 13.87 ? 273  LYS A C   1 
ATOM   110  O  O   . LYS A 1 13  ? -4.166  -1.559  -8.639  1.00 12.65 ? 273  LYS A O   1 
ATOM   111  C  CB  . LYS A 1 13  ? -2.711  -1.695  -5.819  1.00 13.86 ? 273  LYS A CB  1 
ATOM   112  C  CG  . LYS A 1 13  ? -1.705  -2.452  -6.683  1.00 17.63 ? 273  LYS A CG  1 
ATOM   113  C  CD  . LYS A 1 13  ? -0.264  -2.126  -6.279  1.00 19.81 ? 273  LYS A CD  1 
ATOM   114  C  CE  . LYS A 1 13  ? 0.138   -0.715  -6.687  1.00 17.64 ? 273  LYS A CE  1 
ATOM   115  N  NZ  . LYS A 1 13  ? 0.157   -0.578  -8.173  1.00 14.90 ? 273  LYS A NZ  1 
ATOM   116  N  N   . LEU A 1 14  ? -4.930  0.160   -7.390  1.00 12.59 ? 274  LEU A N   1 
ATOM   117  C  CA  . LEU A 1 14  ? -5.180  1.034   -8.531  1.00 14.02 ? 274  LEU A CA  1 
ATOM   118  C  C   . LEU A 1 14  ? -3.889  1.802   -8.837  1.00 14.23 ? 274  LEU A C   1 
ATOM   119  O  O   . LEU A 1 14  ? -3.208  2.272   -7.919  1.00 13.33 ? 274  LEU A O   1 
ATOM   120  C  CB  . LEU A 1 14  ? -6.320  2.007   -8.207  1.00 13.72 ? 274  LEU A CB  1 
ATOM   121  C  CG  . LEU A 1 14  ? -6.766  2.958   -9.318  1.00 15.46 ? 274  LEU A CG  1 
ATOM   122  C  CD1 . LEU A 1 14  ? -7.319  2.166   -10.498 1.00 13.50 ? 274  LEU A CD1 1 
ATOM   123  C  CD2 . LEU A 1 14  ? -7.815  3.913   -8.771  1.00 13.89 ? 274  LEU A CD2 1 
ATOM   124  N  N   . GLY A 1 15  ? -3.540  1.888   -10.121 1.00 14.70 ? 275  GLY A N   1 
ATOM   125  C  CA  . GLY A 1 15  ? -2.331  2.583   -10.541 1.00 15.91 ? 275  GLY A CA  1 
ATOM   126  C  C   . GLY A 1 15  ? -2.262  4.070   -10.226 1.00 16.30 ? 275  GLY A C   1 
ATOM   127  O  O   . GLY A 1 15  ? -3.256  4.675   -9.808  1.00 17.29 ? 275  GLY A O   1 
ATOM   128  N  N   . GLY A 1 16  ? -1.091  4.661   -10.453 1.00 15.70 ? 276  GLY A N   1 
ATOM   129  C  CA  . GLY A 1 16  ? -0.893  6.077   -10.180 1.00 18.75 ? 276  GLY A CA  1 
ATOM   130  C  C   . GLY A 1 16  ? -1.405  6.975   -11.287 1.00 22.04 ? 276  GLY A C   1 
ATOM   131  O  O   . GLY A 1 16  ? -2.581  7.352   -11.290 1.00 20.80 ? 276  GLY A O   1 
ATOM   132  N  N   . ARG A 1 17  ? -0.506  7.386   -12.181 1.00 22.78 ? 277  ARG A N   1 
ATOM   133  C  CA  . ARG A 1 17  ? -0.887  8.230   -13.311 1.00 24.42 ? 277  ARG A CA  1 
ATOM   134  C  C   . ARG A 1 17  ? -1.877  7.429   -14.149 1.00 24.39 ? 277  ARG A C   1 
ATOM   135  O  O   . ARG A 1 17  ? -2.965  7.912   -14.474 1.00 25.46 ? 277  ARG A O   1 
ATOM   136  C  CB  . ARG A 1 17  ? 0.337   8.595   -14.155 1.00 25.61 ? 277  ARG A CB  1 
ATOM   137  C  CG  . ARG A 1 17  ? 1.301   9.542   -13.473 1.00 28.91 ? 277  ARG A CG  1 
ATOM   138  C  CD  . ARG A 1 17  ? 2.439   9.923   -14.401 1.00 32.28 ? 277  ARG A CD  1 
ATOM   139  N  NE  . ARG A 1 17  ? 3.330   10.901  -13.785 1.00 36.73 ? 277  ARG A NE  1 
ATOM   140  C  CZ  . ARG A 1 17  ? 4.658   10.843  -13.829 1.00 39.61 ? 277  ARG A CZ  1 
ATOM   141  N  NH1 . ARG A 1 17  ? 5.265   9.846   -14.466 1.00 41.88 ? 277  ARG A NH1 1 
ATOM   142  N  NH2 . ARG A 1 17  ? 5.382   11.775  -13.224 1.00 39.70 ? 277  ARG A NH2 1 
ATOM   143  N  N   . VAL A 1 18  ? -1.491  6.203   -14.494 1.00 23.26 ? 278  VAL A N   1 
ATOM   144  C  CA  . VAL A 1 18  ? -2.359  5.324   -15.264 1.00 22.74 ? 278  VAL A CA  1 
ATOM   145  C  C   . VAL A 1 18  ? -3.228  4.578   -14.258 1.00 22.40 ? 278  VAL A C   1 
ATOM   146  O  O   . VAL A 1 18  ? -2.723  3.843   -13.409 1.00 22.42 ? 278  VAL A O   1 
ATOM   147  C  CB  . VAL A 1 18  ? -1.551  4.329   -16.119 1.00 24.07 ? 278  VAL A CB  1 
ATOM   148  C  CG1 . VAL A 1 18  ? -2.493  3.400   -16.882 1.00 24.27 ? 278  VAL A CG1 1 
ATOM   149  C  CG2 . VAL A 1 18  ? -0.656  5.088   -17.093 1.00 24.05 ? 278  VAL A CG2 1 
ATOM   150  N  N   . LYS A 1 19  ? -4.535  4.800   -14.349 1.00 22.35 ? 279  LYS A N   1 
ATOM   151  C  CA  . LYS A 1 19  ? -5.496  4.198   -13.433 1.00 20.92 ? 279  LYS A CA  1 
ATOM   152  C  C   . LYS A 1 19  ? -5.935  2.777   -13.776 1.00 19.73 ? 279  LYS A C   1 
ATOM   153  O  O   . LYS A 1 19  ? -7.087  2.546   -14.143 1.00 20.52 ? 279  LYS A O   1 
ATOM   154  C  CB  . LYS A 1 19  ? -6.722  5.105   -13.307 1.00 21.46 ? 279  LYS A CB  1 
ATOM   155  C  CG  . LYS A 1 19  ? -6.407  6.542   -12.924 1.00 23.69 ? 279  LYS A CG  1 
ATOM   156  C  CD  . LYS A 1 19  ? -5.735  6.630   -11.566 1.00 24.06 ? 279  LYS A CD  1 
ATOM   157  C  CE  . LYS A 1 19  ? -5.588  8.076   -11.119 1.00 26.26 ? 279  LYS A CE  1 
ATOM   158  N  NZ  . LYS A 1 19  ? -4.651  8.851   -11.983 1.00 27.53 ? 279  LYS A NZ  1 
ATOM   159  N  N   . THR A 1 20  ? -5.019  1.825   -13.630 1.00 17.33 ? 280  THR A N   1 
ATOM   160  C  CA  . THR A 1 20  ? -5.319  0.420   -13.897 1.00 16.89 ? 280  THR A CA  1 
ATOM   161  C  C   . THR A 1 20  ? -5.164  -0.408  -12.619 1.00 14.44 ? 280  THR A C   1 
ATOM   162  O  O   . THR A 1 20  ? -4.292  -0.135  -11.798 1.00 14.60 ? 280  THR A O   1 
ATOM   163  C  CB  . THR A 1 20  ? -4.408  -0.174  -15.000 1.00 15.18 ? 280  THR A CB  1 
ATOM   164  O  OG1 . THR A 1 20  ? -3.031  0.061   -14.676 1.00 14.77 ? 280  THR A OG1 1 
ATOM   165  C  CG2 . THR A 1 20  ? -4.732  0.444   -16.352 1.00 16.56 ? 280  THR A CG2 1 
ATOM   166  N  N   . TRP A 1 21  ? -6.057  -1.377  -12.437 1.00 14.75 ? 281  TRP A N   1 
ATOM   167  C  CA  . TRP A 1 21  ? -6.028  -2.249  -11.270 1.00 13.91 ? 281  TRP A CA  1 
ATOM   168  C  C   . TRP A 1 21  ? -5.092  -3.420  -11.512 1.00 14.71 ? 281  TRP A C   1 
ATOM   169  O  O   . TRP A 1 21  ? -5.175  -4.082  -12.546 1.00 15.32 ? 281  TRP A O   1 
ATOM   170  C  CB  . TRP A 1 21  ? -7.424  -2.787  -10.961 1.00 14.36 ? 281  TRP A CB  1 
ATOM   171  C  CG  . TRP A 1 21  ? -8.382  -1.763  -10.415 1.00 16.60 ? 281  TRP A CG  1 
ATOM   172  C  CD1 . TRP A 1 21  ? -9.318  -1.059  -11.117 1.00 17.80 ? 281  TRP A CD1 1 
ATOM   173  C  CD2 . TRP A 1 21  ? -8.521  -1.363  -9.043  1.00 16.05 ? 281  TRP A CD2 1 
ATOM   174  N  NE1 . TRP A 1 21  ? -10.037 -0.251  -10.269 1.00 17.75 ? 281  TRP A NE1 1 
ATOM   175  C  CE2 . TRP A 1 21  ? -9.572  -0.415  -8.993  1.00 16.73 ? 281  TRP A CE2 1 
ATOM   176  C  CE3 . TRP A 1 21  ? -7.867  -1.715  -7.854  1.00 15.15 ? 281  TRP A CE3 1 
ATOM   177  C  CZ2 . TRP A 1 21  ? -9.982  0.187   -7.793  1.00 16.65 ? 281  TRP A CZ2 1 
ATOM   178  C  CZ3 . TRP A 1 21  ? -8.275  -1.116  -6.665  1.00 15.00 ? 281  TRP A CZ3 1 
ATOM   179  C  CH2 . TRP A 1 21  ? -9.324  -0.176  -6.647  1.00 15.54 ? 281  TRP A CH2 1 
ATOM   180  N  N   . LYS A 1 22  ? -4.218  -3.684  -10.547 1.00 12.43 ? 282  LYS A N   1 
ATOM   181  C  CA  . LYS A 1 22  ? -3.262  -4.787  -10.640 1.00 12.28 ? 282  LYS A CA  1 
ATOM   182  C  C   . LYS A 1 22  ? -3.299  -5.633  -9.372  1.00 11.17 ? 282  LYS A C   1 
ATOM   183  O  O   . LYS A 1 22  ? -3.438  -5.105  -8.269  1.00 11.02 ? 282  LYS A O   1 
ATOM   184  C  CB  . LYS A 1 22  ? -1.836  -4.253  -10.832 1.00 14.46 ? 282  LYS A CB  1 
ATOM   185  C  CG  . LYS A 1 22  ? -1.612  -3.447  -12.099 1.00 16.49 ? 282  LYS A CG  1 
ATOM   186  C  CD  . LYS A 1 22  ? -1.788  -4.311  -13.332 1.00 19.34 ? 282  LYS A CD  1 
ATOM   187  C  CE  . LYS A 1 22  ? -1.597  -3.512  -14.606 1.00 18.65 ? 282  LYS A CE  1 
ATOM   188  N  NZ  . LYS A 1 22  ? -1.803  -4.383  -15.796 1.00 22.31 ? 282  LYS A NZ  1 
ATOM   189  N  N   . ARG A 1 23  ? -3.230  -6.949  -9.543  1.00 10.62 ? 283  ARG A N   1 
ATOM   190  C  CA  . ARG A 1 23  ? -3.222  -7.869  -8.414  1.00 9.15  ? 283  ARG A CA  1 
ATOM   191  C  C   . ARG A 1 23  ? -1.777  -8.024  -7.974  1.00 8.22  ? 283  ARG A C   1 
ATOM   192  O  O   . ARG A 1 23  ? -0.906  -8.393  -8.764  1.00 8.39  ? 283  ARG A O   1 
ATOM   193  C  CB  . ARG A 1 23  ? -3.816  -9.221  -8.813  1.00 9.77  ? 283  ARG A CB  1 
ATOM   194  C  CG  . ARG A 1 23  ? -3.945  -10.221 -7.676  1.00 9.90  ? 283  ARG A CG  1 
ATOM   195  C  CD  . ARG A 1 23  ? -4.769  -11.413 -8.123  1.00 12.79 ? 283  ARG A CD  1 
ATOM   196  N  NE  . ARG A 1 23  ? -5.004  -12.387 -7.060  1.00 12.83 ? 283  ARG A NE  1 
ATOM   197  C  CZ  . ARG A 1 23  ? -4.363  -13.545 -6.951  1.00 12.53 ? 283  ARG A CZ  1 
ATOM   198  N  NH1 . ARG A 1 23  ? -3.434  -13.882 -7.831  1.00 11.19 ? 283  ARG A NH1 1 
ATOM   199  N  NH2 . ARG A 1 23  ? -4.687  -14.394 -5.981  1.00 14.83 ? 283  ARG A NH2 1 
ATOM   200  N  N   . ARG A 1 24  ? -1.524  -7.722  -6.705  1.00 7.94  ? 284  ARG A N   1 
ATOM   201  C  CA  . ARG A 1 24  ? -0.179  -7.794  -6.154  1.00 7.97  ? 284  ARG A CA  1 
ATOM   202  C  C   . ARG A 1 24  ? -0.154  -8.489  -4.793  1.00 8.14  ? 284  ARG A C   1 
ATOM   203  O  O   . ARG A 1 24  ? -1.143  -8.469  -4.053  1.00 7.92  ? 284  ARG A O   1 
ATOM   204  C  CB  . ARG A 1 24  ? 0.388   -6.371  -6.002  1.00 9.62  ? 284  ARG A CB  1 
ATOM   205  C  CG  . ARG A 1 24  ? 0.469   -5.555  -7.304  1.00 10.06 ? 284  ARG A CG  1 
ATOM   206  C  CD  . ARG A 1 24  ? 1.541   -6.111  -8.241  1.00 9.80  ? 284  ARG A CD  1 
ATOM   207  N  NE  . ARG A 1 24  ? 1.629   -5.386  -9.509  1.00 10.67 ? 284  ARG A NE  1 
ATOM   208  C  CZ  . ARG A 1 24  ? 1.292   -5.893  -10.695 1.00 12.54 ? 284  ARG A CZ  1 
ATOM   209  N  NH1 . ARG A 1 24  ? 0.826   -7.136  -10.792 1.00 10.51 ? 284  ARG A NH1 1 
ATOM   210  N  NH2 . ARG A 1 24  ? 1.458   -5.170  -11.796 1.00 9.34  ? 284  ARG A NH2 1 
ATOM   211  N  N   . TRP A 1 25  ? 0.954   -9.171  -4.514  1.00 7.47  ? 285  TRP A N   1 
ATOM   212  C  CA  . TRP A 1 25  ? 1.153   -9.840  -3.233  1.00 6.13  ? 285  TRP A CA  1 
ATOM   213  C  C   . TRP A 1 25  ? 1.796   -8.791  -2.329  1.00 6.73  ? 285  TRP A C   1 
ATOM   214  O  O   . TRP A 1 25  ? 2.910   -8.321  -2.595  1.00 7.25  ? 285  TRP A O   1 
ATOM   215  C  CB  . TRP A 1 25  ? 2.090   -11.042 -3.392  1.00 7.74  ? 285  TRP A CB  1 
ATOM   216  C  CG  . TRP A 1 25  ? 2.419   -11.726 -2.094  1.00 8.01  ? 285  TRP A CG  1 
ATOM   217  C  CD1 . TRP A 1 25  ? 3.592   -11.646 -1.399  1.00 7.70  ? 285  TRP A CD1 1 
ATOM   218  C  CD2 . TRP A 1 25  ? 1.570   -12.609 -1.355  1.00 8.08  ? 285  TRP A CD2 1 
ATOM   219  N  NE1 . TRP A 1 25  ? 3.525   -12.428 -0.272  1.00 10.31 ? 285  TRP A NE1 1 
ATOM   220  C  CE2 . TRP A 1 25  ? 2.295   -13.031 -0.219  1.00 8.94  ? 285  TRP A CE2 1 
ATOM   221  C  CE3 . TRP A 1 25  ? 0.266   -13.091 -1.542  1.00 8.58  ? 285  TRP A CE3 1 
ATOM   222  C  CZ2 . TRP A 1 25  ? 1.762   -13.915 0.723   1.00 8.92  ? 285  TRP A CZ2 1 
ATOM   223  C  CZ3 . TRP A 1 25  ? -0.262  -13.970 -0.606  1.00 9.45  ? 285  TRP A CZ3 1 
ATOM   224  C  CH2 . TRP A 1 25  ? 0.489   -14.372 0.512   1.00 8.29  ? 285  TRP A CH2 1 
ATOM   225  N  N   . PHE A 1 26  ? 1.088   -8.410  -1.272  1.00 6.60  ? 286  PHE A N   1 
ATOM   226  C  CA  . PHE A 1 26  ? 1.574   -7.396  -0.343  1.00 6.90  ? 286  PHE A CA  1 
ATOM   227  C  C   . PHE A 1 26  ? 2.206   -7.962  0.924   1.00 8.44  ? 286  PHE A C   1 
ATOM   228  O  O   . PHE A 1 26  ? 1.779   -9.003  1.435   1.00 7.14  ? 286  PHE A O   1 
ATOM   229  C  CB  . PHE A 1 26  ? 0.427   -6.465  0.073   1.00 7.55  ? 286  PHE A CB  1 
ATOM   230  C  CG  . PHE A 1 26  ? 0.103   -5.390  -0.929  1.00 8.44  ? 286  PHE A CG  1 
ATOM   231  C  CD1 . PHE A 1 26  ? -0.676  -5.672  -2.051  1.00 9.00  ? 286  PHE A CD1 1 
ATOM   232  C  CD2 . PHE A 1 26  ? 0.538   -4.081  -0.728  1.00 9.78  ? 286  PHE A CD2 1 
ATOM   233  C  CE1 . PHE A 1 26  ? -1.024  -4.665  -2.956  1.00 9.52  ? 286  PHE A CE1 1 
ATOM   234  C  CE2 . PHE A 1 26  ? 0.194   -3.063  -1.630  1.00 11.72 ? 286  PHE A CE2 1 
ATOM   235  C  CZ  . PHE A 1 26  ? -0.589  -3.361  -2.744  1.00 9.64  ? 286  PHE A CZ  1 
ATOM   236  N  N   . ILE A 1 27  ? 3.211   -7.247  1.429   1.00 6.82  ? 287  ILE A N   1 
ATOM   237  C  CA  . ILE A 1 27  ? 3.885   -7.613  2.671   1.00 7.27  ? 287  ILE A CA  1 
ATOM   238  C  C   . ILE A 1 27  ? 4.029   -6.357  3.531   1.00 8.29  ? 287  ILE A C   1 
ATOM   239  O  O   . ILE A 1 27  ? 4.637   -5.376  3.113   1.00 8.26  ? 287  ILE A O   1 
ATOM   240  C  CB  . ILE A 1 27  ? 5.296   -8.218  2.442   1.00 6.98  ? 287  ILE A CB  1 
ATOM   241  C  CG1 . ILE A 1 27  ? 5.194   -9.525  1.643   1.00 8.84  ? 287  ILE A CG1 1 
ATOM   242  C  CG2 . ILE A 1 27  ? 5.996   -8.451  3.789   1.00 7.70  ? 287  ILE A CG2 1 
ATOM   243  C  CD1 . ILE A 1 27  ? 6.512   -10.303 1.545   1.00 8.14  ? 287  ILE A CD1 1 
ATOM   244  N  N   . LEU A 1 28  ? 3.373   -6.358  4.686   1.00 7.76  ? 288  LEU A N   1 
ATOM   245  C  CA  . LEU A 1 28  ? 3.454   -5.245  5.624   1.00 8.03  ? 288  LEU A CA  1 
ATOM   246  C  C   . LEU A 1 28  ? 4.582   -5.562  6.603   1.00 8.28  ? 288  LEU A C   1 
ATOM   247  O  O   . LEU A 1 28  ? 4.522   -6.560  7.325   1.00 8.75  ? 288  LEU A O   1 
ATOM   248  C  CB  . LEU A 1 28  ? 2.138   -5.095  6.396   1.00 8.02  ? 288  LEU A CB  1 
ATOM   249  C  CG  . LEU A 1 28  ? 2.138   -4.107  7.574   1.00 8.40  ? 288  LEU A CG  1 
ATOM   250  C  CD1 . LEU A 1 28  ? 2.389   -2.676  7.094   1.00 9.81  ? 288  LEU A CD1 1 
ATOM   251  C  CD2 . LEU A 1 28  ? 0.809   -4.194  8.299   1.00 8.18  ? 288  LEU A CD2 1 
ATOM   252  N  N   . THR A 1 29  ? 5.617   -4.731  6.609   1.00 8.10  ? 289  THR A N   1 
ATOM   253  C  CA  . THR A 1 29  ? 6.752   -4.935  7.498   1.00 9.44  ? 289  THR A CA  1 
ATOM   254  C  C   . THR A 1 29  ? 7.580   -3.652  7.590   1.00 9.05  ? 289  THR A C   1 
ATOM   255  O  O   . THR A 1 29  ? 7.606   -2.858  6.651   1.00 7.65  ? 289  THR A O   1 
ATOM   256  C  CB  . THR A 1 29  ? 7.642   -6.121  7.005   1.00 9.99  ? 289  THR A CB  1 
ATOM   257  O  OG1 . THR A 1 29  ? 8.619   -6.448  7.998   1.00 12.09 ? 289  THR A OG1 1 
ATOM   258  C  CG2 . THR A 1 29  ? 8.347   -5.776  5.700   1.00 10.75 ? 289  THR A CG2 1 
ATOM   259  N  N   . ASP A 1 30  ? 8.189   -3.428  8.752   1.00 9.74  ? 290  ASP A N   1 
ATOM   260  C  CA  . ASP A 1 30  ? 9.025   -2.249  8.991   1.00 10.25 ? 290  ASP A CA  1 
ATOM   261  C  C   . ASP A 1 30  ? 8.285   -0.956  8.659   1.00 10.00 ? 290  ASP A C   1 
ATOM   262  O  O   . ASP A 1 30  ? 8.876   0.017   8.179   1.00 10.58 ? 290  ASP A O   1 
ATOM   263  C  CB  . ASP A 1 30  ? 10.326  -2.346  8.177   1.00 10.67 ? 290  ASP A CB  1 
ATOM   264  C  CG  . ASP A 1 30  ? 11.146  -3.581  8.520   1.00 13.70 ? 290  ASP A CG  1 
ATOM   265  O  OD1 . ASP A 1 30  ? 10.947  -4.169  9.607   1.00 16.74 ? 290  ASP A OD1 1 
ATOM   266  O  OD2 . ASP A 1 30  ? 12.003  -3.962  7.701   1.00 16.45 ? 290  ASP A OD2 1 
ATOM   267  N  N   . ASN A 1 31  ? 6.987   -0.957  8.946   1.00 9.27  ? 291  ASN A N   1 
ATOM   268  C  CA  . ASN A 1 31  ? 6.098   0.174   8.706   1.00 10.13 ? 291  ASN A CA  1 
ATOM   269  C  C   . ASN A 1 31  ? 6.057   0.604   7.235   1.00 10.45 ? 291  ASN A C   1 
ATOM   270  O  O   . ASN A 1 31  ? 5.908   1.782   6.921   1.00 9.61  ? 291  ASN A O   1 
ATOM   271  C  CB  . ASN A 1 31  ? 6.435   1.363   9.625   1.00 9.23  ? 291  ASN A CB  1 
ATOM   272  C  CG  . ASN A 1 31  ? 5.268   2.344   9.770   1.00 8.96  ? 291  ASN A CG  1 
ATOM   273  O  OD1 . ASN A 1 31  ? 5.461   3.565   9.805   1.00 13.72 ? 291  ASN A OD1 1 
ATOM   274  N  ND2 . ASN A 1 31  ? 4.053   1.813   9.859   1.00 5.76  ? 291  ASN A ND2 1 
ATOM   275  N  N   . CYS A 1 32  ? 6.152   -0.384  6.349   1.00 10.81 ? 292  CYS A N   1 
ATOM   276  C  CA  . CYS A 1 32  ? 6.099   -0.164  4.905   1.00 9.06  ? 292  CYS A CA  1 
ATOM   277  C  C   . CYS A 1 32  ? 5.255   -1.251  4.270   1.00 9.01  ? 292  CYS A C   1 
ATOM   278  O  O   . CYS A 1 32  ? 5.157   -2.366  4.799   1.00 8.12  ? 292  CYS A O   1 
ATOM   279  C  CB  . CYS A 1 32  ? 7.489   -0.276  4.273   1.00 10.48 ? 292  CYS A CB  1 
ATOM   280  S  SG  . CYS A 1 32  ? 8.686   0.969   4.744   1.00 12.93 ? 292  CYS A SG  1 
ATOM   281  N  N   . LEU A 1 33  ? 4.639   -0.919  3.141   1.00 8.78  ? 293  LEU A N   1 
ATOM   282  C  CA  . LEU A 1 33  ? 3.870   -1.890  2.382   1.00 8.67  ? 293  LEU A CA  1 
ATOM   283  C  C   . LEU A 1 33  ? 4.675   -2.217  1.135   1.00 9.53  ? 293  LEU A C   1 
ATOM   284  O  O   . LEU A 1 33  ? 4.941   -1.334  0.321   1.00 11.45 ? 293  LEU A O   1 
ATOM   285  C  CB  . LEU A 1 33  ? 2.510   -1.344  1.955   1.00 9.50  ? 293  LEU A CB  1 
ATOM   286  C  CG  . LEU A 1 33  ? 1.315   -1.554  2.890   1.00 14.33 ? 293  LEU A CG  1 
ATOM   287  C  CD1 . LEU A 1 33  ? 0.060   -0.987  2.227   1.00 15.16 ? 293  LEU A CD1 1 
ATOM   288  C  CD2 . LEU A 1 33  ? 1.127   -3.044  3.204   1.00 12.46 ? 293  LEU A CD2 1 
ATOM   289  N  N   . TYR A 1 34  ? 5.207   -3.431  1.079   1.00 8.93  ? 294  TYR A N   1 
ATOM   290  C  CA  . TYR A 1 34  ? 5.952   -3.874  -0.097  1.00 8.32  ? 294  TYR A CA  1 
ATOM   291  C  C   . TYR A 1 34  ? 4.969   -4.679  -0.932  1.00 8.72  ? 294  TYR A C   1 
ATOM   292  O  O   . TYR A 1 34  ? 4.086   -5.331  -0.382  1.00 8.06  ? 294  TYR A O   1 
ATOM   293  C  CB  . TYR A 1 34  ? 7.102   -4.801  0.286   1.00 10.20 ? 294  TYR A CB  1 
ATOM   294  C  CG  . TYR A 1 34  ? 8.300   -4.129  0.903   1.00 13.33 ? 294  TYR A CG  1 
ATOM   295  C  CD1 . TYR A 1 34  ? 8.347   -3.861  2.274   1.00 14.79 ? 294  TYR A CD1 1 
ATOM   296  C  CD2 . TYR A 1 34  ? 9.425   -3.839  0.135   1.00 14.06 ? 294  TYR A CD2 1 
ATOM   297  C  CE1 . TYR A 1 34  ? 9.488   -3.328  2.863   1.00 15.22 ? 294  TYR A CE1 1 
ATOM   298  C  CE2 . TYR A 1 34  ? 10.574  -3.309  0.713   1.00 16.47 ? 294  TYR A CE2 1 
ATOM   299  C  CZ  . TYR A 1 34  ? 10.598  -3.058  2.078   1.00 16.53 ? 294  TYR A CZ  1 
ATOM   300  O  OH  . TYR A 1 34  ? 11.739  -2.561  2.649   1.00 15.78 ? 294  TYR A OH  1 
ATOM   301  N  N   . TYR A 1 35  ? 5.062   -4.567  -2.251  1.00 7.50  ? 295  TYR A N   1 
ATOM   302  C  CA  . TYR A 1 35  ? 4.192   -5.341  -3.119  1.00 6.33  ? 295  TYR A CA  1 
ATOM   303  C  C   . TYR A 1 35  ? 4.997   -5.980  -4.239  1.00 8.25  ? 295  TYR A C   1 
ATOM   304  O  O   . TYR A 1 35  ? 6.021   -5.440  -4.675  1.00 7.80  ? 295  TYR A O   1 
ATOM   305  C  CB  . TYR A 1 35  ? 2.997   -4.537  -3.631  1.00 6.32  ? 295  TYR A CB  1 
ATOM   306  C  CG  . TYR A 1 35  ? 3.317   -3.230  -4.305  1.00 8.59  ? 295  TYR A CG  1 
ATOM   307  C  CD1 . TYR A 1 35  ? 3.332   -3.131  -5.700  1.00 9.53  ? 295  TYR A CD1 1 
ATOM   308  C  CD2 . TYR A 1 35  ? 3.553   -2.077  -3.555  1.00 8.18  ? 295  TYR A CD2 1 
ATOM   309  C  CE1 . TYR A 1 35  ? 3.572   -1.913  -6.334  1.00 10.56 ? 295  TYR A CE1 1 
ATOM   310  C  CE2 . TYR A 1 35  ? 3.794   -0.849  -4.175  1.00 10.89 ? 295  TYR A CE2 1 
ATOM   311  C  CZ  . TYR A 1 35  ? 3.802   -0.777  -5.568  1.00 10.81 ? 295  TYR A CZ  1 
ATOM   312  O  OH  . TYR A 1 35  ? 4.041   0.425   -6.182  1.00 10.23 ? 295  TYR A OH  1 
ATOM   313  N  N   . PHE A 1 36  ? 4.596   -7.202  -4.579  1.00 7.75  ? 296  PHE A N   1 
ATOM   314  C  CA  . PHE A 1 36  ? 5.256   -8.022  -5.586  1.00 6.80  ? 296  PHE A CA  1 
ATOM   315  C  C   . PHE A 1 36  ? 4.262   -8.431  -6.661  1.00 8.22  ? 296  PHE A C   1 
ATOM   316  O  O   . PHE A 1 36  ? 3.072   -8.580  -6.387  1.00 8.47  ? 296  PHE A O   1 
ATOM   317  C  CB  . PHE A 1 36  ? 5.784   -9.308  -4.934  1.00 7.11  ? 296  PHE A CB  1 
ATOM   318  C  CG  . PHE A 1 36  ? 6.759   -9.080  -3.803  1.00 7.41  ? 296  PHE A CG  1 
ATOM   319  C  CD1 . PHE A 1 36  ? 6.317   -8.623  -2.561  1.00 7.23  ? 296  PHE A CD1 1 
ATOM   320  C  CD2 . PHE A 1 36  ? 8.119   -9.336  -3.980  1.00 9.39  ? 296  PHE A CD2 1 
ATOM   321  C  CE1 . PHE A 1 36  ? 7.218   -8.424  -1.510  1.00 7.79  ? 296  PHE A CE1 1 
ATOM   322  C  CE2 . PHE A 1 36  ? 9.031   -9.142  -2.931  1.00 10.49 ? 296  PHE A CE2 1 
ATOM   323  C  CZ  . PHE A 1 36  ? 8.575   -8.684  -1.693  1.00 8.92  ? 296  PHE A CZ  1 
ATOM   324  N  N   . GLU A 1 37  ? 4.751   -8.632  -7.881  1.00 8.04  ? 297  GLU A N   1 
ATOM   325  C  CA  . GLU A 1 37  ? 3.872   -9.077  -8.960  1.00 9.05  ? 297  GLU A CA  1 
ATOM   326  C  C   . GLU A 1 37  ? 3.468   -10.527 -8.674  1.00 6.54  ? 297  GLU A C   1 
ATOM   327  O  O   . GLU A 1 37  ? 2.298   -10.888 -8.782  1.00 7.49  ? 297  GLU A O   1 
ATOM   328  C  CB  . GLU A 1 37  ? 4.566   -8.985  -10.323 1.00 7.92  ? 297  GLU A CB  1 
ATOM   329  C  CG  . GLU A 1 37  ? 3.686   -9.490  -11.451 1.00 10.86 ? 297  GLU A CG  1 
ATOM   330  C  CD  . GLU A 1 37  ? 4.308   -9.324  -12.828 1.00 11.70 ? 297  GLU A CD  1 
ATOM   331  O  OE1 . GLU A 1 37  ? 3.547   -9.141  -13.798 1.00 14.67 ? 297  GLU A OE1 1 
ATOM   332  O  OE2 . GLU A 1 37  ? 5.545   -9.403  -12.945 1.00 12.78 ? 297  GLU A OE2 1 
ATOM   333  N  N   . TYR A 1 38  ? 4.448   -11.344 -8.298  1.00 7.22  ? 298  TYR A N   1 
ATOM   334  C  CA  . TYR A 1 38  ? 4.219   -12.755 -7.975  1.00 7.12  ? 298  TYR A CA  1 
ATOM   335  C  C   . TYR A 1 38  ? 4.820   -13.057 -6.603  1.00 7.51  ? 298  TYR A C   1 
ATOM   336  O  O   . TYR A 1 38  ? 5.866   -12.515 -6.239  1.00 7.08  ? 298  TYR A O   1 
ATOM   337  C  CB  . TYR A 1 38  ? 4.813   -13.656 -9.065  1.00 8.20  ? 298  TYR A CB  1 
ATOM   338  C  CG  . TYR A 1 38  ? 4.174   -13.438 -10.424 1.00 6.55  ? 298  TYR A CG  1 
ATOM   339  C  CD1 . TYR A 1 38  ? 4.946   -13.101 -11.534 1.00 7.66  ? 298  TYR A CD1 1 
ATOM   340  C  CD2 . TYR A 1 38  ? 2.789   -13.531 -10.587 1.00 8.86  ? 298  TYR A CD2 1 
ATOM   341  C  CE1 . TYR A 1 38  ? 4.350   -12.857 -12.773 1.00 8.50  ? 298  TYR A CE1 1 
ATOM   342  C  CE2 . TYR A 1 38  ? 2.185   -13.286 -11.823 1.00 9.79  ? 298  TYR A CE2 1 
ATOM   343  C  CZ  . TYR A 1 38  ? 2.971   -12.946 -12.907 1.00 10.18 ? 298  TYR A CZ  1 
ATOM   344  O  OH  . TYR A 1 38  ? 2.371   -12.668 -14.122 1.00 12.58 ? 298  TYR A OH  1 
ATOM   345  N  N   . THR A 1 39  ? 4.141   -13.907 -5.838  1.00 9.10  ? 299  THR A N   1 
ATOM   346  C  CA  . THR A 1 39  ? 4.570   -14.257 -4.482  1.00 9.53  ? 299  THR A CA  1 
ATOM   347  C  C   . THR A 1 39  ? 6.031   -14.664 -4.297  1.00 9.38  ? 299  THR A C   1 
ATOM   348  O  O   . THR A 1 39  ? 6.681   -14.223 -3.354  1.00 10.76 ? 299  THR A O   1 
ATOM   349  C  CB  . THR A 1 39  ? 3.666   -15.351 -3.883  1.00 10.30 ? 299  THR A CB  1 
ATOM   350  O  OG1 . THR A 1 39  ? 2.310   -14.891 -3.890  1.00 11.07 ? 299  THR A OG1 1 
ATOM   351  C  CG2 . THR A 1 39  ? 4.079   -15.671 -2.449  1.00 14.20 ? 299  THR A CG2 1 
ATOM   352  N  N   . THR A 1 40  ? 6.553   -15.502 -5.186  1.00 8.53  ? 300  THR A N   1 
ATOM   353  C  CA  . THR A 1 40  ? 7.935   -15.941 -5.051  1.00 9.25  ? 300  THR A CA  1 
ATOM   354  C  C   . THR A 1 40  ? 8.981   -15.003 -5.670  1.00 8.38  ? 300  THR A C   1 
ATOM   355  O  O   . THR A 1 40  ? 10.173  -15.316 -5.671  1.00 10.78 ? 300  THR A O   1 
ATOM   356  C  CB  . THR A 1 40  ? 8.130   -17.377 -5.580  1.00 9.10  ? 300  THR A CB  1 
ATOM   357  O  OG1 . THR A 1 40  ? 7.855   -17.412 -6.981  1.00 11.01 ? 300  THR A OG1 1 
ATOM   358  C  CG2 . THR A 1 40  ? 7.191   -18.346 -4.850  1.00 8.11  ? 300  THR A CG2 1 
ATOM   359  N  N   . ASP A 1 41  ? 8.546   -13.857 -6.184  1.00 8.92  ? 301  ASP A N   1 
ATOM   360  C  CA  . ASP A 1 41  ? 9.483   -12.902 -6.763  1.00 8.76  ? 301  ASP A CA  1 
ATOM   361  C  C   . ASP A 1 41  ? 10.516  -12.494 -5.725  1.00 11.06 ? 301  ASP A C   1 
ATOM   362  O  O   . ASP A 1 41  ? 10.177  -12.239 -4.568  1.00 9.88  ? 301  ASP A O   1 
ATOM   363  C  CB  . ASP A 1 41  ? 8.764   -11.635 -7.227  1.00 8.26  ? 301  ASP A CB  1 
ATOM   364  C  CG  . ASP A 1 41  ? 8.084   -11.791 -8.570  1.00 8.12  ? 301  ASP A CG  1 
ATOM   365  O  OD1 . ASP A 1 41  ? 8.301   -12.805 -9.264  1.00 10.41 ? 301  ASP A OD1 1 
ATOM   366  O  OD2 . ASP A 1 41  ? 7.338   -10.866 -8.942  1.00 10.42 ? 301  ASP A OD2 1 
ATOM   367  N  N   . LYS A 1 42  ? 11.770  -12.428 -6.150  1.00 13.04 ? 302  LYS A N   1 
ATOM   368  C  CA  . LYS A 1 42  ? 12.871  -12.025 -5.263  1.00 15.52 ? 302  LYS A CA  1 
ATOM   369  C  C   . LYS A 1 42  ? 12.803  -10.520 -4.995  1.00 15.73 ? 302  LYS A C   1 
ATOM   370  O  O   . LYS A 1 42  ? 12.972  -10.073 -3.858  1.00 17.43 ? 302  LYS A O   1 
ATOM   371  C  CB  . LYS A 1 42  ? 14.217  -12.355 -5.916  1.00 17.31 ? 302  LYS A CB  1 
ATOM   372  C  CG  . LYS A 1 42  ? 14.392  -13.847 -6.207  0.00 20.00 ? 302  LYS A CG  1 
ATOM   373  C  CD  . LYS A 1 42  ? 15.735  -14.178 -6.861  0.00 20.00 ? 302  LYS A CD  1 
ATOM   374  C  CE  . LYS A 1 42  ? 15.909  -15.670 -7.150  0.00 20.00 ? 302  LYS A CE  1 
ATOM   375  N  NZ  . LYS A 1 42  ? 17.199  -15.987 -7.779  0.00 20.00 ? 302  LYS A NZ  1 
ATOM   376  N  N   . GLU A 1 43  ? 12.519  -9.759  -6.045  1.00 13.15 ? 303  GLU A N   1 
ATOM   377  C  CA  . GLU A 1 43  ? 12.453  -8.309  -5.955  1.00 13.93 ? 303  GLU A CA  1 
ATOM   378  C  C   . GLU A 1 43  ? 11.037  -7.761  -5.884  1.00 12.97 ? 303  GLU A C   1 
ATOM   379  O  O   . GLU A 1 43  ? 10.145  -8.210  -6.608  1.00 11.40 ? 303  GLU A O   1 
ATOM   380  C  CB  . GLU A 1 43  ? 13.148  -7.676  -7.167  1.00 18.82 ? 303  GLU A CB  1 
ATOM   381  C  CG  . GLU A 1 43  ? 14.641  -7.986  -7.295  1.00 27.16 ? 303  GLU A CG  1 
ATOM   382  C  CD  . GLU A 1 43  ? 15.523  -7.091  -6.433  1.00 30.73 ? 303  GLU A CD  1 
ATOM   383  O  OE1 . GLU A 1 43  ? 14.987  -6.182  -5.762  1.00 33.28 ? 303  GLU A OE1 1 
ATOM   384  O  OE2 . GLU A 1 43  ? 16.760  -7.285  -6.442  1.00 32.67 ? 303  GLU A OE2 1 
ATOM   385  N  N   . PRO A 1 44  ? 10.801  -6.796  -4.977  1.00 12.71 ? 304  PRO A N   1 
ATOM   386  C  CA  . PRO A 1 44  ? 9.466   -6.197  -4.853  1.00 10.48 ? 304  PRO A CA  1 
ATOM   387  C  C   . PRO A 1 44  ? 9.220   -5.316  -6.085  1.00 10.96 ? 304  PRO A C   1 
ATOM   388  O  O   . PRO A 1 44  ? 10.175  -4.866  -6.732  1.00 9.60  ? 304  PRO A O   1 
ATOM   389  C  CB  . PRO A 1 44  ? 9.596   -5.305  -3.607  1.00 9.66  ? 304  PRO A CB  1 
ATOM   390  C  CG  . PRO A 1 44  ? 10.739  -5.908  -2.832  1.00 9.63  ? 304  PRO A CG  1 
ATOM   391  C  CD  . PRO A 1 44  ? 11.709  -6.312  -3.918  1.00 10.96 ? 304  PRO A CD  1 
ATOM   392  N  N   . ARG A 1 45  ? 7.953   -5.121  -6.430  1.00 9.13  ? 305  ARG A N   1 
ATOM   393  C  CA  . ARG A 1 45  ? 7.568   -4.252  -7.541  1.00 10.35 ? 305  ARG A CA  1 
ATOM   394  C  C   . ARG A 1 45  ? 7.602   -2.810  -7.009  1.00 11.64 ? 305  ARG A C   1 
ATOM   395  O  O   . ARG A 1 45  ? 7.964   -1.881  -7.732  1.00 10.51 ? 305  ARG A O   1 
ATOM   396  C  CB  . ARG A 1 45  ? 6.151   -4.610  -8.026  1.00 9.42  ? 305  ARG A CB  1 
ATOM   397  C  CG  . ARG A 1 45  ? 5.528   -3.651  -9.054  1.00 12.08 ? 305  ARG A CG  1 
ATOM   398  C  CD  . ARG A 1 45  ? 6.387   -3.493  -10.307 1.00 12.73 ? 305  ARG A CD  1 
ATOM   399  N  NE  . ARG A 1 45  ? 6.702   -4.771  -10.948 1.00 12.58 ? 305  ARG A NE  1 
ATOM   400  C  CZ  . ARG A 1 45  ? 5.941   -5.375  -11.862 1.00 13.81 ? 305  ARG A CZ  1 
ATOM   401  N  NH1 . ARG A 1 45  ? 4.797   -4.830  -12.262 1.00 12.17 ? 305  ARG A NH1 1 
ATOM   402  N  NH2 . ARG A 1 45  ? 6.341   -6.516  -12.404 1.00 13.03 ? 305  ARG A NH2 1 
ATOM   403  N  N   . GLY A 1 46  ? 7.276   -2.651  -5.724  1.00 11.10 ? 306  GLY A N   1 
ATOM   404  C  CA  . GLY A 1 46  ? 7.272   -1.335  -5.106  1.00 10.12 ? 306  GLY A CA  1 
ATOM   405  C  C   . GLY A 1 46  ? 7.278   -1.344  -3.583  1.00 10.75 ? 306  GLY A C   1 
ATOM   406  O  O   . GLY A 1 46  ? 7.109   -2.388  -2.944  1.00 8.47  ? 306  GLY A O   1 
ATOM   407  N  N   . ILE A 1 47  ? 7.504   -0.167  -3.004  1.00 9.09  ? 307  ILE A N   1 
ATOM   408  C  CA  . ILE A 1 47  ? 7.529   0.011   -1.553  1.00 9.52  ? 307  ILE A CA  1 
ATOM   409  C  C   . ILE A 1 47  ? 6.830   1.320   -1.197  1.00 10.41 ? 307  ILE A C   1 
ATOM   410  O  O   . ILE A 1 47  ? 7.070   2.353   -1.831  1.00 10.38 ? 307  ILE A O   1 
ATOM   411  C  CB  . ILE A 1 47  ? 8.978   0.025   -0.981  1.00 10.11 ? 307  ILE A CB  1 
ATOM   412  C  CG1 . ILE A 1 47  ? 8.940   0.219   0.539   1.00 9.54  ? 307  ILE A CG1 1 
ATOM   413  C  CG2 . ILE A 1 47  ? 9.816   1.128   -1.636  1.00 8.60  ? 307  ILE A CG2 1 
ATOM   414  C  CD1 . ILE A 1 47  ? 10.307  0.336   1.177   1.00 11.33 ? 307  ILE A CD1 1 
ATOM   415  N  N   . ILE A 1 48  ? 5.909   1.247   -0.241  1.00 10.40 ? 308  ILE A N   1 
ATOM   416  C  CA  . ILE A 1 48  ? 5.169   2.426   0.205   1.00 11.18 ? 308  ILE A CA  1 
ATOM   417  C  C   . ILE A 1 48  ? 5.376   2.632   1.703   1.00 12.22 ? 308  ILE A C   1 
ATOM   418  O  O   . ILE A 1 48  ? 4.806   1.902   2.521   1.00 10.61 ? 308  ILE A O   1 
ATOM   419  C  CB  . ILE A 1 48  ? 3.638   2.290   -0.027  1.00 11.39 ? 308  ILE A CB  1 
ATOM   420  C  CG1 . ILE A 1 48  ? 3.331   1.824   -1.452  1.00 11.56 ? 308  ILE A CG1 1 
ATOM   421  C  CG2 . ILE A 1 48  ? 2.944   3.630   0.251   1.00 9.41  ? 308  ILE A CG2 1 
ATOM   422  C  CD1 . ILE A 1 48  ? 1.909   1.276   -1.608  1.00 10.35 ? 308  ILE A CD1 1 
ATOM   423  N  N   . PRO A 1 49  ? 6.288   3.545   2.081   1.00 12.19 ? 309  PRO A N   1 
ATOM   424  C  CA  . PRO A 1 49  ? 6.510   3.783   3.512   1.00 11.93 ? 309  PRO A CA  1 
ATOM   425  C  C   . PRO A 1 49  ? 5.192   4.320   4.078   1.00 10.41 ? 309  PRO A C   1 
ATOM   426  O  O   . PRO A 1 49  ? 4.531   5.146   3.443   1.00 10.83 ? 309  PRO A O   1 
ATOM   427  C  CB  . PRO A 1 49  ? 7.598   4.858   3.507   1.00 12.47 ? 309  PRO A CB  1 
ATOM   428  C  CG  . PRO A 1 49  ? 8.353   4.574   2.232   1.00 12.59 ? 309  PRO A CG  1 
ATOM   429  C  CD  . PRO A 1 49  ? 7.228   4.329   1.263   1.00 11.33 ? 309  PRO A CD  1 
ATOM   430  N  N   . LEU A 1 50  ? 4.792   3.837   5.251   1.00 10.09 ? 310  LEU A N   1 
ATOM   431  C  CA  . LEU A 1 50  ? 3.533   4.271   5.853   1.00 11.09 ? 310  LEU A CA  1 
ATOM   432  C  C   . LEU A 1 50  ? 3.634   5.469   6.793   1.00 13.33 ? 310  LEU A C   1 
ATOM   433  O  O   . LEU A 1 50  ? 2.616   6.033   7.189   1.00 14.73 ? 310  LEU A O   1 
ATOM   434  C  CB  . LEU A 1 50  ? 2.866   3.106   6.584   1.00 11.17 ? 310  LEU A CB  1 
ATOM   435  C  CG  . LEU A 1 50  ? 2.476   1.900   5.728   1.00 10.30 ? 310  LEU A CG  1 
ATOM   436  C  CD1 . LEU A 1 50  ? 2.013   0.784   6.631   1.00 11.88 ? 310  LEU A CD1 1 
ATOM   437  C  CD2 . LEU A 1 50  ? 1.394   2.280   4.740   1.00 9.80  ? 310  LEU A CD2 1 
ATOM   438  N  N   . GLU A 1 51  ? 4.849   5.869   7.138   1.00 15.98 ? 311  GLU A N   1 
ATOM   439  C  CA  . GLU A 1 51  ? 5.022   6.999   8.037   1.00 20.34 ? 311  GLU A CA  1 
ATOM   440  C  C   . GLU A 1 51  ? 4.311   8.234   7.485   1.00 21.86 ? 311  GLU A C   1 
ATOM   441  O  O   . GLU A 1 51  ? 4.351   8.499   6.283   1.00 21.78 ? 311  GLU A O   1 
ATOM   442  C  CB  . GLU A 1 51  ? 6.511   7.273   8.268   1.00 19.75 ? 311  GLU A CB  1 
ATOM   443  C  CG  . GLU A 1 51  ? 6.799   8.137   9.490   1.00 24.56 ? 311  GLU A CG  1 
ATOM   444  C  CD  . GLU A 1 51  ? 8.266   8.129   9.886   1.00 24.27 ? 311  GLU A CD  1 
ATOM   445  O  OE1 . GLU A 1 51  ? 9.024   8.981   9.379   1.00 25.25 ? 311  GLU A OE1 1 
ATOM   446  O  OE2 . GLU A 1 51  ? 8.662   7.279   10.712  1.00 21.06 ? 311  GLU A OE2 1 
ATOM   447  N  N   . ASN A 1 52  ? 3.531   8.877   8.352   1.00 26.69 ? 312  ASN A N   1 
ATOM   448  C  CA  . ASN A 1 52  ? 2.777   10.089  8.027   1.00 27.24 ? 312  ASN A CA  1 
ATOM   449  C  C   . ASN A 1 52  ? 1.453   9.870   7.288   1.00 25.01 ? 312  ASN A C   1 
ATOM   450  O  O   . ASN A 1 52  ? 0.681   10.812  7.116   1.00 27.63 ? 312  ASN A O   1 
ATOM   451  C  CB  . ASN A 1 52  ? 3.649   11.077  7.229   1.00 31.99 ? 312  ASN A CB  1 
ATOM   452  C  CG  . ASN A 1 52  ? 4.985   11.360  7.901   1.00 36.05 ? 312  ASN A CG  1 
ATOM   453  O  OD1 . ASN A 1 52  ? 5.077   11.440  9.132   1.00 40.29 ? 312  ASN A OD1 1 
ATOM   454  N  ND2 . ASN A 1 52  ? 6.033   11.513  7.091   1.00 37.32 ? 312  ASN A ND2 1 
ATOM   455  N  N   . LEU A 1 53  ? 1.166   8.633   6.893   1.00 21.64 ? 313  LEU A N   1 
ATOM   456  C  CA  . LEU A 1 53  ? -0.067  8.346   6.160   1.00 18.48 ? 313  LEU A CA  1 
ATOM   457  C  C   . LEU A 1 53  ? -1.243  7.934   7.038   1.00 17.83 ? 313  LEU A C   1 
ATOM   458  O  O   . LEU A 1 53  ? -1.079  7.589   8.205   1.00 15.24 ? 313  LEU A O   1 
ATOM   459  C  CB  . LEU A 1 53  ? 0.168   7.249   5.113   1.00 18.07 ? 313  LEU A CB  1 
ATOM   460  C  CG  . LEU A 1 53  ? 1.320   7.411   4.116   1.00 18.44 ? 313  LEU A CG  1 
ATOM   461  C  CD1 . LEU A 1 53  ? 1.338   6.224   3.166   1.00 17.82 ? 313  LEU A CD1 1 
ATOM   462  C  CD2 . LEU A 1 53  ? 1.168   8.710   3.350   1.00 19.80 ? 313  LEU A CD2 1 
ATOM   463  N  N   . SER A 1 54  ? -2.435  7.980   6.450   1.00 17.87 ? 314  SER A N   1 
ATOM   464  C  CA  . SER A 1 54  ? -3.664  7.586   7.127   1.00 18.35 ? 314  SER A CA  1 
ATOM   465  C  C   . SER A 1 54  ? -4.423  6.636   6.217   1.00 18.32 ? 314  SER A C   1 
ATOM   466  O  O   . SER A 1 54  ? -4.087  6.482   5.043   1.00 16.82 ? 314  SER A O   1 
ATOM   467  C  CB  . SER A 1 54  ? -4.550  8.793   7.439   1.00 17.13 ? 314  SER A CB  1 
ATOM   468  O  OG  . SER A 1 54  ? -3.980  9.587   8.454   1.00 21.84 ? 314  SER A OG  1 
ATOM   469  N  N   . ILE A 1 55  ? -5.452  6.009   6.768   1.00 17.10 ? 315  ILE A N   1 
ATOM   470  C  CA  . ILE A 1 55  ? -6.258  5.069   6.014   1.00 18.86 ? 315  ILE A CA  1 
ATOM   471  C  C   . ILE A 1 55  ? -7.722  5.435   6.190   1.00 18.13 ? 315  ILE A C   1 
ATOM   472  O  O   . ILE A 1 55  ? -8.132  5.905   7.252   1.00 18.32 ? 315  ILE A O   1 
ATOM   473  C  CB  . ILE A 1 55  ? -5.993  3.610   6.484   1.00 21.82 ? 315  ILE A CB  1 
ATOM   474  C  CG1 . ILE A 1 55  ? -6.281  2.626   5.356   1.00 24.24 ? 315  ILE A CG1 1 
ATOM   475  C  CG2 . ILE A 1 55  ? -6.869  3.255   7.672   1.00 24.42 ? 315  ILE A CG2 1 
ATOM   476  C  CD1 . ILE A 1 55  ? -5.820  1.227   5.672   1.00 25.57 ? 315  ILE A CD1 1 
ATOM   477  N  N   . ARG A 1 56  ? -8.487  5.274   5.121   1.00 17.02 ? 316  ARG A N   1 
ATOM   478  C  CA  . ARG A 1 56  ? -9.908  5.577   5.132   1.00 17.99 ? 316  ARG A CA  1 
ATOM   479  C  C   . ARG A 1 56  ? -10.639 4.629   4.199   1.00 17.64 ? 316  ARG A C   1 
ATOM   480  O  O   . ARG A 1 56  ? -10.092 4.205   3.183   1.00 17.35 ? 316  ARG A O   1 
ATOM   481  C  CB  . ARG A 1 56  ? -10.149 7.018   4.669   1.00 20.31 ? 316  ARG A CB  1 
ATOM   482  C  CG  . ARG A 1 56  ? -9.670  7.309   3.252   1.00 21.31 ? 316  ARG A CG  1 
ATOM   483  C  CD  . ARG A 1 56  ? -10.108 8.686   2.790   1.00 21.92 ? 316  ARG A CD  1 
ATOM   484  N  NE  . ARG A 1 56  ? -9.534  9.010   1.488   1.00 22.29 ? 316  ARG A NE  1 
ATOM   485  C  CZ  . ARG A 1 56  ? -9.001  10.186  1.175   1.00 22.75 ? 316  ARG A CZ  1 
ATOM   486  N  NH1 . ARG A 1 56  ? -8.971  11.166  2.069   1.00 23.94 ? 316  ARG A NH1 1 
ATOM   487  N  NH2 . ARG A 1 56  ? -8.456  10.370  -0.018  1.00 24.64 ? 316  ARG A NH2 1 
ATOM   488  N  N   . GLU A 1 57  ? -11.854 4.254   4.570   1.00 16.89 ? 317  GLU A N   1 
ATOM   489  C  CA  . GLU A 1 57  ? -12.646 3.379   3.724   1.00 18.82 ? 317  GLU A CA  1 
ATOM   490  C  C   . GLU A 1 57  ? -13.189 4.208   2.569   1.00 17.61 ? 317  GLU A C   1 
ATOM   491  O  O   . GLU A 1 57  ? -13.361 5.419   2.697   1.00 18.06 ? 317  GLU A O   1 
ATOM   492  C  CB  . GLU A 1 57  ? -13.817 2.783   4.497   1.00 20.61 ? 317  GLU A CB  1 
ATOM   493  C  CG  . GLU A 1 57  ? -13.422 1.781   5.560   1.00 26.89 ? 317  GLU A CG  1 
ATOM   494  C  CD  . GLU A 1 57  ? -14.603 0.949   6.023   1.00 29.76 ? 317  GLU A CD  1 
ATOM   495  O  OE1 . GLU A 1 57  ? -15.310 0.389   5.160   1.00 33.25 ? 317  GLU A OE1 1 
ATOM   496  O  OE2 . GLU A 1 57  ? -14.826 0.854   7.246   1.00 33.86 ? 317  GLU A OE2 1 
ATOM   497  N  N   . VAL A 1 58  ? -13.418 3.562   1.432   1.00 16.66 ? 318  VAL A N   1 
ATOM   498  C  CA  . VAL A 1 58  ? -13.973 4.231   0.260   1.00 16.23 ? 318  VAL A CA  1 
ATOM   499  C  C   . VAL A 1 58  ? -14.840 3.243   -0.506  1.00 16.61 ? 318  VAL A C   1 
ATOM   500  O  O   . VAL A 1 58  ? -14.715 2.026   -0.333  1.00 16.29 ? 318  VAL A O   1 
ATOM   501  C  CB  . VAL A 1 58  ? -12.877 4.761   -0.710  1.00 16.87 ? 318  VAL A CB  1 
ATOM   502  C  CG1 . VAL A 1 58  ? -12.020 5.822   -0.038  1.00 17.79 ? 318  VAL A CG1 1 
ATOM   503  C  CG2 . VAL A 1 58  ? -12.024 3.615   -1.228  1.00 17.11 ? 318  VAL A CG2 1 
ATOM   504  N  N   . LEU A 1 59  ? -15.769 3.776   -1.294  1.00 17.12 ? 319  LEU A N   1 
ATOM   505  C  CA  . LEU A 1 59  ? -16.651 2.956   -2.113  1.00 19.35 ? 319  LEU A CA  1 
ATOM   506  C  C   . LEU A 1 59  ? -16.214 3.116   -3.570  1.00 19.58 ? 319  LEU A C   1 
ATOM   507  O  O   . LEU A 1 59  ? -15.974 4.226   -4.040  1.00 19.39 ? 319  LEU A O   1 
ATOM   508  C  CB  . LEU A 1 59  ? -18.114 3.372   -1.933  1.00 20.25 ? 319  LEU A CB  1 
ATOM   509  C  CG  . LEU A 1 59  ? -18.800 2.990   -0.615  1.00 24.13 ? 319  LEU A CG  1 
ATOM   510  C  CD1 . LEU A 1 59  ? -20.243 3.475   -0.622  1.00 24.54 ? 319  LEU A CD1 1 
ATOM   511  C  CD2 . LEU A 1 59  ? -18.768 1.479   -0.432  1.00 27.99 ? 319  LEU A CD2 1 
ATOM   512  N  N   . ASP A 1 60  ? -16.057 1.992   -4.258  1.00 19.81 ? 320  ASP A N   1 
ATOM   513  C  CA  . ASP A 1 60  ? -15.616 1.994   -5.650  1.00 20.50 ? 320  ASP A CA  1 
ATOM   514  C  C   . ASP A 1 60  ? -16.724 1.488   -6.574  1.00 20.02 ? 320  ASP A C   1 
ATOM   515  O  O   . ASP A 1 60  ? -17.492 0.607   -6.205  1.00 20.72 ? 320  ASP A O   1 
ATOM   516  C  CB  . ASP A 1 60  ? -14.375 1.109   -5.785  1.00 18.25 ? 320  ASP A CB  1 
ATOM   517  C  CG  . ASP A 1 60  ? -13.710 1.237   -7.140  1.00 17.81 ? 320  ASP A CG  1 
ATOM   518  O  OD1 . ASP A 1 60  ? -12.843 2.120   -7.287  1.00 17.70 ? 320  ASP A OD1 1 
ATOM   519  O  OD2 . ASP A 1 60  ? -14.046 0.451   -8.052  1.00 17.21 ? 320  ASP A OD2 1 
ATOM   520  N  N   . PRO A 1 61  ? -16.804 2.035   -7.799  1.00 20.50 ? 321  PRO A N   1 
ATOM   521  C  CA  . PRO A 1 61  ? -17.831 1.623   -8.763  1.00 22.15 ? 321  PRO A CA  1 
ATOM   522  C  C   . PRO A 1 61  ? -17.765 0.144   -9.166  1.00 23.56 ? 321  PRO A C   1 
ATOM   523  O  O   . PRO A 1 61  ? -18.798 -0.476  -9.432  1.00 24.12 ? 321  PRO A O   1 
ATOM   524  C  CB  . PRO A 1 61  ? -17.545 2.517   -9.967  1.00 22.30 ? 321  PRO A CB  1 
ATOM   525  C  CG  . PRO A 1 61  ? -16.942 3.742   -9.354  1.00 23.23 ? 321  PRO A CG  1 
ATOM   526  C  CD  . PRO A 1 61  ? -16.019 3.165   -8.320  1.00 20.47 ? 321  PRO A CD  1 
ATOM   527  N  N   . ARG A 1 62  ? -16.561 -0.423  -9.193  1.00 22.83 ? 322  ARG A N   1 
ATOM   528  C  CA  . ARG A 1 62  ? -16.407 -1.816  -9.605  1.00 24.31 ? 322  ARG A CA  1 
ATOM   529  C  C   . ARG A 1 62  ? -15.775 -2.749  -8.576  1.00 22.64 ? 322  ARG A C   1 
ATOM   530  O  O   . ARG A 1 62  ? -16.229 -3.879  -8.410  1.00 23.99 ? 322  ARG A O   1 
ATOM   531  C  CB  . ARG A 1 62  ? -15.625 -1.876  -10.924 1.00 28.35 ? 322  ARG A CB  1 
ATOM   532  C  CG  . ARG A 1 62  ? -15.618 -3.240  -11.619 1.00 35.48 ? 322  ARG A CG  1 
ATOM   533  C  CD  . ARG A 1 62  ? -14.278 -3.945  -11.445 1.00 39.18 ? 322  ARG A CD  1 
ATOM   534  N  NE  . ARG A 1 62  ? -14.135 -5.144  -12.272 1.00 40.16 ? 322  ARG A NE  1 
ATOM   535  C  CZ  . ARG A 1 62  ? -13.707 -5.142  -13.532 1.00 41.81 ? 322  ARG A CZ  1 
ATOM   536  N  NH1 . ARG A 1 62  ? -13.376 -4.003  -14.130 1.00 43.49 ? 322  ARG A NH1 1 
ATOM   537  N  NH2 . ARG A 1 62  ? -13.596 -6.286  -14.193 1.00 42.78 ? 322  ARG A NH2 1 
ATOM   538  N  N   . LYS A 1 63  ? -14.742 -2.278  -7.882  1.00 19.70 ? 323  LYS A N   1 
ATOM   539  C  CA  . LYS A 1 63  ? -14.055 -3.108  -6.892  1.00 18.28 ? 323  LYS A CA  1 
ATOM   540  C  C   . LYS A 1 63  ? -14.648 -3.020  -5.488  1.00 17.46 ? 323  LYS A C   1 
ATOM   541  O  O   . LYS A 1 63  ? -14.959 -1.933  -5.003  1.00 17.94 ? 323  LYS A O   1 
ATOM   542  C  CB  . LYS A 1 63  ? -12.565 -2.764  -6.851  1.00 16.98 ? 323  LYS A CB  1 
ATOM   543  C  CG  . LYS A 1 63  ? -11.853 -2.916  -8.182  1.00 19.30 ? 323  LYS A CG  1 
ATOM   544  C  CD  . LYS A 1 63  ? -12.013 -4.307  -8.757  1.00 21.48 ? 323  LYS A CD  1 
ATOM   545  C  CE  . LYS A 1 63  ? -11.136 -4.505  -9.985  1.00 23.33 ? 323  LYS A CE  1 
ATOM   546  N  NZ  . LYS A 1 63  ? -11.382 -3.476  -11.030 1.00 25.04 ? 323  LYS A NZ  1 
ATOM   547  N  N   . PRO A 1 64  ? -14.840 -4.179  -4.832  1.00 17.33 ? 324  PRO A N   1 
ATOM   548  C  CA  . PRO A 1 64  ? -15.394 -4.276  -3.479  1.00 16.24 ? 324  PRO A CA  1 
ATOM   549  C  C   . PRO A 1 64  ? -14.305 -4.231  -2.404  1.00 16.60 ? 324  PRO A C   1 
ATOM   550  O  O   . PRO A 1 64  ? -13.116 -4.369  -2.703  1.00 15.99 ? 324  PRO A O   1 
ATOM   551  C  CB  . PRO A 1 64  ? -16.048 -5.647  -3.503  1.00 15.88 ? 324  PRO A CB  1 
ATOM   552  C  CG  . PRO A 1 64  ? -15.044 -6.444  -4.261  1.00 17.48 ? 324  PRO A CG  1 
ATOM   553  C  CD  . PRO A 1 64  ? -14.691 -5.522  -5.424  1.00 17.46 ? 324  PRO A CD  1 
ATOM   554  N  N   . ASN A 1 65  ? -14.723 -4.026  -1.158  1.00 14.49 ? 325  ASN A N   1 
ATOM   555  C  CA  . ASN A 1 65  ? -13.808 -3.999  -0.017  1.00 14.30 ? 325  ASN A CA  1 
ATOM   556  C  C   . ASN A 1 65  ? -12.606 -3.087  -0.239  1.00 12.66 ? 325  ASN A C   1 
ATOM   557  O  O   . ASN A 1 65  ? -11.457 -3.517  -0.119  1.00 12.37 ? 325  ASN A O   1 
ATOM   558  C  CB  . ASN A 1 65  ? -13.321 -5.418  0.281   1.00 12.66 ? 325  ASN A CB  1 
ATOM   559  C  CG  . ASN A 1 65  ? -14.413 -6.446  0.128   1.00 14.45 ? 325  ASN A CG  1 
ATOM   560  O  OD1 . ASN A 1 65  ? -15.516 -6.275  0.641   1.00 17.18 ? 325  ASN A OD1 1 
ATOM   561  N  ND2 . ASN A 1 65  ? -14.122 -7.512  -0.600  1.00 16.21 ? 325  ASN A ND2 1 
ATOM   562  N  N   . CYS A 1 66  ? -12.877 -1.813  -0.504  1.00 12.78 ? 326  CYS A N   1 
ATOM   563  C  CA  . CYS A 1 66  ? -11.816 -0.843  -0.755  1.00 13.42 ? 326  CYS A CA  1 
ATOM   564  C  C   . CYS A 1 66  ? -11.516 0.125   0.379   1.00 12.46 ? 326  CYS A C   1 
ATOM   565  O  O   . CYS A 1 66  ? -12.368 0.437   1.207   1.00 14.16 ? 326  CYS A O   1 
ATOM   566  C  CB  . CYS A 1 66  ? -12.138 -0.003  -1.999  1.00 13.91 ? 326  CYS A CB  1 
ATOM   567  S  SG  . CYS A 1 66  ? -12.102 -0.877  -3.572  1.00 15.46 ? 326  CYS A SG  1 
ATOM   568  N  N   . PHE A 1 67  ? -10.287 0.616   0.367   1.00 12.02 ? 327  PHE A N   1 
ATOM   569  C  CA  . PHE A 1 67  ? -9.820  1.616   1.311   1.00 12.44 ? 327  PHE A CA  1 
ATOM   570  C  C   . PHE A 1 67  ? -8.703  2.362   0.599   1.00 12.24 ? 327  PHE A C   1 
ATOM   571  O  O   . PHE A 1 67  ? -8.258  1.944   -0.474  1.00 12.10 ? 327  PHE A O   1 
ATOM   572  C  CB  . PHE A 1 67  ? -9.352  1.005   2.643   1.00 10.81 ? 327  PHE A CB  1 
ATOM   573  C  CG  . PHE A 1 67  ? -8.223  0.026   2.514   1.00 12.90 ? 327  PHE A CG  1 
ATOM   574  C  CD1 . PHE A 1 67  ? -6.906  0.460   2.518   1.00 13.95 ? 327  PHE A CD1 1 
ATOM   575  C  CD2 . PHE A 1 67  ? -8.479  -1.338  2.435   1.00 13.51 ? 327  PHE A CD2 1 
ATOM   576  C  CE1 . PHE A 1 67  ? -5.858  -0.446  2.443   1.00 18.38 ? 327  PHE A CE1 1 
ATOM   577  C  CE2 . PHE A 1 67  ? -7.441  -2.252  2.358   1.00 16.55 ? 327  PHE A CE2 1 
ATOM   578  C  CZ  . PHE A 1 67  ? -6.126  -1.805  2.366   1.00 17.41 ? 327  PHE A CZ  1 
ATOM   579  N  N   . GLU A 1 68  ? -8.315  3.507   1.145   1.00 12.53 ? 328  GLU A N   1 
ATOM   580  C  CA  . GLU A 1 68  ? -7.263  4.310   0.553   1.00 13.47 ? 328  GLU A CA  1 
ATOM   581  C  C   . GLU A 1 68  ? -6.239  4.779   1.565   1.00 14.48 ? 328  GLU A C   1 
ATOM   582  O  O   . GLU A 1 68  ? -6.579  5.079   2.712   1.00 12.21 ? 328  GLU A O   1 
ATOM   583  C  CB  . GLU A 1 68  ? -7.840  5.565   -0.102  1.00 16.24 ? 328  GLU A CB  1 
ATOM   584  C  CG  . GLU A 1 68  ? -8.587  5.360   -1.396  1.00 18.71 ? 328  GLU A CG  1 
ATOM   585  C  CD  . GLU A 1 68  ? -9.086  6.668   -1.991  1.00 22.01 ? 328  GLU A CD  1 
ATOM   586  O  OE1 . GLU A 1 68  ? -9.093  7.705   -1.285  1.00 20.27 ? 328  GLU A OE1 1 
ATOM   587  O  OE2 . GLU A 1 68  ? -9.479  6.655   -3.173  1.00 22.47 ? 328  GLU A OE2 1 
ATOM   588  N  N   . LEU A 1 69  ? -4.983  4.817   1.122   1.00 13.65 ? 329  LEU A N   1 
ATOM   589  C  CA  . LEU A 1 69  ? -3.881  5.331   1.918   1.00 14.80 ? 329  LEU A CA  1 
ATOM   590  C  C   . LEU A 1 69  ? -3.729  6.746   1.370   1.00 16.03 ? 329  LEU A C   1 
ATOM   591  O  O   . LEU A 1 69  ? -3.807  6.953   0.156   1.00 15.81 ? 329  LEU A O   1 
ATOM   592  C  CB  . LEU A 1 69  ? -2.586  4.554   1.662   1.00 16.18 ? 329  LEU A CB  1 
ATOM   593  C  CG  . LEU A 1 69  ? -2.498  3.093   2.110   1.00 20.72 ? 329  LEU A CG  1 
ATOM   594  C  CD1 . LEU A 1 69  ? -1.096  2.570   1.831   1.00 19.91 ? 329  LEU A CD1 1 
ATOM   595  C  CD2 . LEU A 1 69  ? -2.826  2.975   3.596   1.00 21.35 ? 329  LEU A CD2 1 
ATOM   596  N  N   . TYR A 1 70  ? -3.573  7.720   2.256   1.00 15.85 ? 330  TYR A N   1 
ATOM   597  C  CA  . TYR A 1 70  ? -3.426  9.103   1.824   1.00 16.34 ? 330  TYR A CA  1 
ATOM   598  C  C   . TYR A 1 70  ? -2.678  9.909   2.881   1.00 17.85 ? 330  TYR A C   1 
ATOM   599  O  O   . TYR A 1 70  ? -2.494  9.446   4.008   1.00 15.81 ? 330  TYR A O   1 
ATOM   600  C  CB  . TYR A 1 70  ? -4.805  9.721   1.576   1.00 17.59 ? 330  TYR A CB  1 
ATOM   601  C  CG  . TYR A 1 70  ? -5.620  9.892   2.838   1.00 18.93 ? 330  TYR A CG  1 
ATOM   602  C  CD1 . TYR A 1 70  ? -5.742  11.140  3.444   1.00 20.34 ? 330  TYR A CD1 1 
ATOM   603  C  CD2 . TYR A 1 70  ? -6.233  8.797   3.450   1.00 20.07 ? 330  TYR A CD2 1 
ATOM   604  C  CE1 . TYR A 1 70  ? -6.449  11.293  4.631   1.00 21.33 ? 330  TYR A CE1 1 
ATOM   605  C  CE2 . TYR A 1 70  ? -6.942  8.942   4.636   1.00 19.72 ? 330  TYR A CE2 1 
ATOM   606  C  CZ  . TYR A 1 70  ? -7.045  10.191  5.220   1.00 22.39 ? 330  TYR A CZ  1 
ATOM   607  O  OH  . TYR A 1 70  ? -7.735  10.338  6.400   1.00 25.77 ? 330  TYR A OH  1 
ATOM   608  N  N   . ASN A 1 71  ? -2.184  11.080  2.488   1.00 19.23 ? 331  ASN A N   1 
ATOM   609  C  CA  . ASN A 1 71  ? -1.471  11.954  3.411   1.00 21.92 ? 331  ASN A CA  1 
ATOM   610  C  C   . ASN A 1 71  ? -2.450  13.023  3.891   1.00 24.47 ? 331  ASN A C   1 
ATOM   611  O  O   . ASN A 1 71  ? -2.818  13.929  3.141   1.00 23.95 ? 331  ASN A O   1 
ATOM   612  C  CB  . ASN A 1 71  ? -0.263  12.602  2.736   1.00 23.42 ? 331  ASN A CB  1 
ATOM   613  C  CG  . ASN A 1 71  ? 0.608   13.365  3.716   1.00 25.21 ? 331  ASN A CG  1 
ATOM   614  O  OD1 . ASN A 1 71  ? 0.144   13.798  4.769   1.00 27.13 ? 331  ASN A OD1 1 
ATOM   615  N  ND2 . ASN A 1 71  ? 1.880   13.517  3.383   1.00 27.41 ? 331  ASN A ND2 1 
ATOM   616  N  N   . PRO A 1 72  ? -2.895  12.917  5.154   1.00 27.26 ? 332  PRO A N   1 
ATOM   617  C  CA  . PRO A 1 72  ? -3.841  13.848  5.774   1.00 28.96 ? 332  PRO A CA  1 
ATOM   618  C  C   . PRO A 1 72  ? -3.322  15.269  5.985   1.00 30.86 ? 332  PRO A C   1 
ATOM   619  O  O   . PRO A 1 72  ? -4.068  16.231  5.816   1.00 33.73 ? 332  PRO A O   1 
ATOM   620  C  CB  . PRO A 1 72  ? -4.149  13.167  7.104   1.00 29.13 ? 332  PRO A CB  1 
ATOM   621  C  CG  . PRO A 1 72  ? -2.840  12.519  7.446   1.00 28.29 ? 332  PRO A CG  1 
ATOM   622  C  CD  . PRO A 1 72  ? -2.443  11.903  6.128   1.00 27.80 ? 332  PRO A CD  1 
ATOM   623  N  N   . SER A 1 73  ? -2.042  15.396  6.327   1.00 31.08 ? 333  SER A N   1 
ATOM   624  C  CA  . SER A 1 73  ? -1.444  16.704  6.584   1.00 32.52 ? 333  SER A CA  1 
ATOM   625  C  C   . SER A 1 73  ? -1.331  17.601  5.361   1.00 32.81 ? 333  SER A C   1 
ATOM   626  O  O   . SER A 1 73  ? -1.343  18.825  5.484   1.00 33.11 ? 333  SER A O   1 
ATOM   627  C  CB  . SER A 1 73  ? -0.063  16.543  7.223   1.00 33.10 ? 333  SER A CB  1 
ATOM   628  O  OG  . SER A 1 73  ? 0.874   16.038  6.290   1.00 37.17 ? 333  SER A OG  1 
ATOM   629  N  N   . HIS A 1 74  ? -1.210  16.999  4.184   1.00 33.83 ? 334  HIS A N   1 
ATOM   630  C  CA  . HIS A 1 74  ? -1.079  17.771  2.956   1.00 35.80 ? 334  HIS A CA  1 
ATOM   631  C  C   . HIS A 1 74  ? -1.915  17.192  1.822   1.00 35.81 ? 334  HIS A C   1 
ATOM   632  O  O   . HIS A 1 74  ? -1.462  16.320  1.080   1.00 36.48 ? 334  HIS A O   1 
ATOM   633  C  CB  . HIS A 1 74  ? 0.395   17.857  2.542   1.00 38.45 ? 334  HIS A CB  1 
ATOM   634  C  CG  . HIS A 1 74  ? 1.269   18.535  3.555   1.00 39.85 ? 334  HIS A CG  1 
ATOM   635  N  ND1 . HIS A 1 74  ? 1.046   19.826  3.985   1.00 39.02 ? 334  HIS A ND1 1 
ATOM   636  C  CD2 . HIS A 1 74  ? 2.357   18.094  4.229   1.00 39.63 ? 334  HIS A CD2 1 
ATOM   637  C  CE1 . HIS A 1 74  ? 1.960   20.150  4.883   1.00 39.56 ? 334  HIS A CE1 1 
ATOM   638  N  NE2 . HIS A 1 74  ? 2.766   19.121  5.051   1.00 39.72 ? 334  HIS A NE2 1 
ATOM   639  N  N   . LYS A 1 75  ? -3.127  17.707  1.676   1.00 36.02 ? 335  LYS A N   1 
ATOM   640  C  CA  . LYS A 1 75  ? -4.060  17.242  0.638   1.00 36.45 ? 335  LYS A CA  1 
ATOM   641  C  C   . LYS A 1 75  ? -3.423  17.395  -0.744  1.00 35.98 ? 335  LYS A C   1 
ATOM   642  O  O   . LYS A 1 75  ? -2.702  18.352  -1.022  1.00 34.90 ? 335  LYS A O   1 
ATOM   643  C  CB  . LYS A 1 75  ? -5.350  18.066  0.687   1.00 36.64 ? 335  LYS A CB  1 
ATOM   644  C  CG  . LYS A 1 75  ? -6.077  17.962  2.030   0.00 20.00 ? 335  LYS A CG  1 
ATOM   645  C  CD  . LYS A 1 75  ? -7.364  18.789  2.081   0.00 20.00 ? 335  LYS A CD  1 
ATOM   646  C  CE  . LYS A 1 75  ? -8.090  18.683  3.424   0.00 20.00 ? 335  LYS A CE  1 
ATOM   647  N  NZ  . LYS A 1 75  ? -9.326  19.476  3.474   0.00 20.00 ? 335  LYS A NZ  1 
ATOM   648  N  N   . GLY A 1 76  ? -3.705  16.417  -1.609  1.00 35.52 ? 336  GLY A N   1 
ATOM   649  C  CA  . GLY A 1 76  ? -3.183  16.439  -2.963  1.00 34.95 ? 336  GLY A CA  1 
ATOM   650  C  C   . GLY A 1 76  ? -1.686  16.226  -3.056  1.00 34.20 ? 336  GLY A C   1 
ATOM   651  O  O   . GLY A 1 76  ? -1.118  16.287  -4.147  1.00 35.57 ? 336  GLY A O   1 
ATOM   652  N  N   . GLN A 1 77  ? -1.037  15.983  -1.919  1.00 34.37 ? 337  GLN A N   1 
ATOM   653  C  CA  . GLN A 1 77  ? 0.405   15.765  -1.913  1.00 33.95 ? 337  GLN A CA  1 
ATOM   654  C  C   . GLN A 1 77  ? 0.796   14.329  -2.243  1.00 31.18 ? 337  GLN A C   1 
ATOM   655  O  O   . GLN A 1 77  ? 0.347   13.380  -1.597  1.00 29.41 ? 337  GLN A O   1 
ATOM   656  C  CB  . GLN A 1 77  ? 1.034   16.181  -0.580  1.00 35.32 ? 337  GLN A CB  1 
ATOM   657  C  CG  . GLN A 1 77  ? 2.552   16.019  -0.564  1.00 38.80 ? 337  GLN A CG  1 
ATOM   658  C  CD  . GLN A 1 77  ? 3.207   16.653  0.641   1.00 40.91 ? 337  GLN A CD  1 
ATOM   659  O  OE1 . GLN A 1 77  ? 3.617   15.964  1.574   1.00 42.86 ? 337  GLN A OE1 1 
ATOM   660  N  NE2 . GLN A 1 77  ? 3.322   17.977  0.623   1.00 42.62 ? 337  GLN A NE2 1 
ATOM   661  N  N   . VAL A 1 78  ? 1.655   14.198  -3.251  1.00 29.41 ? 338  VAL A N   1 
ATOM   662  C  CA  . VAL A 1 78  ? 2.158   12.908  -3.703  1.00 26.82 ? 338  VAL A CA  1 
ATOM   663  C  C   . VAL A 1 78  ? 2.745   12.136  -2.531  1.00 24.77 ? 338  VAL A C   1 
ATOM   664  O  O   . VAL A 1 78  ? 3.489   12.684  -1.716  1.00 25.17 ? 338  VAL A O   1 
ATOM   665  C  CB  . VAL A 1 78  ? 3.256   13.084  -4.784  1.00 27.49 ? 338  VAL A CB  1 
ATOM   666  C  CG1 . VAL A 1 78  ? 3.909   11.749  -5.114  1.00 25.24 ? 338  VAL A CG1 1 
ATOM   667  C  CG2 . VAL A 1 78  ? 2.662   13.707  -6.037  1.00 28.07 ? 338  VAL A CG2 1 
ATOM   668  N  N   . ILE A 1 79  ? 2.389   10.863  -2.448  1.00 22.58 ? 339  ILE A N   1 
ATOM   669  C  CA  . ILE A 1 79  ? 2.873   9.990   -1.391  1.00 18.07 ? 339  ILE A CA  1 
ATOM   670  C  C   . ILE A 1 79  ? 4.276   9.488   -1.731  1.00 17.06 ? 339  ILE A C   1 
ATOM   671  O  O   . ILE A 1 79  ? 4.533   9.065   -2.856  1.00 16.51 ? 339  ILE A O   1 
ATOM   672  C  CB  . ILE A 1 79  ? 1.903   8.796   -1.203  1.00 16.88 ? 339  ILE A CB  1 
ATOM   673  C  CG1 . ILE A 1 79  ? 0.547   9.311   -0.696  1.00 17.41 ? 339  ILE A CG1 1 
ATOM   674  C  CG2 . ILE A 1 79  ? 2.504   7.752   -0.275  1.00 15.87 ? 339  ILE A CG2 1 
ATOM   675  C  CD1 . ILE A 1 79  ? -0.550  8.257   -0.610  1.00 14.53 ? 339  ILE A CD1 1 
ATOM   676  N  N   . LYS A 1 80  ? 5.194   9.596   -0.774  1.00 14.62 ? 340  LYS A N   1 
ATOM   677  C  CA  . LYS A 1 80  ? 6.561   9.129   -0.968  1.00 14.94 ? 340  LYS A CA  1 
ATOM   678  C  C   . LYS A 1 80  ? 6.513   7.614   -1.139  1.00 15.25 ? 340  LYS A C   1 
ATOM   679  O  O   . LYS A 1 80  ? 5.943   6.903   -0.311  1.00 15.47 ? 340  LYS A O   1 
ATOM   680  C  CB  . LYS A 1 80  ? 7.441   9.508   0.233   1.00 17.98 ? 340  LYS A CB  1 
ATOM   681  C  CG  . LYS A 1 80  ? 8.921   9.135   0.090   1.00 22.56 ? 340  LYS A CG  1 
ATOM   682  C  CD  . LYS A 1 80  ? 9.151   7.639   0.269   1.00 28.19 ? 340  LYS A CD  1 
ATOM   683  C  CE  . LYS A 1 80  ? 10.450  7.170   -0.378  1.00 31.02 ? 340  LYS A CE  1 
ATOM   684  N  NZ  . LYS A 1 80  ? 10.537  5.672   -0.425  1.00 31.52 ? 340  LYS A NZ  1 
ATOM   685  N  N   . ALA A 1 81  ? 7.072   7.134   -2.242  1.00 13.37 ? 341  ALA A N   1 
ATOM   686  C  CA  . ALA A 1 81  ? 7.095   5.703   -2.537  1.00 12.83 ? 341  ALA A CA  1 
ATOM   687  C  C   . ALA A 1 81  ? 8.082   5.458   -3.660  1.00 12.62 ? 341  ALA A C   1 
ATOM   688  O  O   . ALA A 1 81  ? 8.499   6.396   -4.341  1.00 12.45 ? 341  ALA A O   1 
ATOM   689  C  CB  . ALA A 1 81  ? 5.706   5.218   -2.941  1.00 10.99 ? 341  ALA A CB  1 
ATOM   690  N  N   . CYS A 1 82  ? 8.420   4.193   -3.873  1.00 12.38 ? 342  CYS A N   1 
ATOM   691  C  CA  . CYS A 1 82  ? 9.365   3.821   -4.911  1.00 12.62 ? 342  CYS A CA  1 
ATOM   692  C  C   . CYS A 1 82  ? 8.938   2.514   -5.576  1.00 12.85 ? 342  CYS A C   1 
ATOM   693  O  O   . CYS A 1 82  ? 8.452   1.601   -4.914  1.00 11.46 ? 342  CYS A O   1 
ATOM   694  C  CB  . CYS A 1 82  ? 10.756  3.682   -4.298  1.00 13.13 ? 342  CYS A CB  1 
ATOM   695  S  SG  . CYS A 1 82  ? 12.073  3.387   -5.476  1.00 21.22 ? 342  CYS A SG  1 
ATOM   696  N  N   . LYS A 1 83  ? 9.081   2.442   -6.894  1.00 11.86 ? 343  LYS A N   1 
ATOM   697  C  CA  . LYS A 1 83  ? 8.707   1.238   -7.616  1.00 12.76 ? 343  LYS A CA  1 
ATOM   698  C  C   . LYS A 1 83  ? 9.615   1.016   -8.816  1.00 13.46 ? 343  LYS A C   1 
ATOM   699  O  O   . LYS A 1 83  ? 10.381  1.909   -9.202  1.00 12.60 ? 343  LYS A O   1 
ATOM   700  C  CB  . LYS A 1 83  ? 7.235   1.301   -8.056  1.00 14.58 ? 343  LYS A CB  1 
ATOM   701  C  CG  . LYS A 1 83  ? 6.967   1.959   -9.411  1.00 20.31 ? 343  LYS A CG  1 
ATOM   702  C  CD  . LYS A 1 83  ? 6.935   3.469   -9.354  1.00 21.58 ? 343  LYS A CD  1 
ATOM   703  C  CE  . LYS A 1 83  ? 6.443   4.044   -10.684 1.00 21.06 ? 343  LYS A CE  1 
ATOM   704  N  NZ  . LYS A 1 83  ? 5.102   3.509   -11.072 1.00 15.61 ? 343  LYS A NZ  1 
ATOM   705  N  N   . THR A 1 84  ? 9.561   -0.187  -9.376  1.00 10.79 ? 344  THR A N   1 
ATOM   706  C  CA  . THR A 1 84  ? 10.377  -0.517  -10.535 1.00 12.63 ? 344  THR A CA  1 
ATOM   707  C  C   . THR A 1 84  ? 9.566   -0.444  -11.825 1.00 13.84 ? 344  THR A C   1 
ATOM   708  O  O   . THR A 1 84  ? 8.333   -0.460  -11.809 1.00 13.28 ? 344  THR A O   1 
ATOM   709  C  CB  . THR A 1 84  ? 10.991  -1.930  -10.430 1.00 11.78 ? 344  THR A CB  1 
ATOM   710  O  OG1 . THR A 1 84  ? 9.946   -2.912  -10.430 1.00 12.52 ? 344  THR A OG1 1 
ATOM   711  C  CG2 . THR A 1 84  ? 11.817  -2.067  -9.164  1.00 12.44 ? 344  THR A CG2 1 
ATOM   712  N  N   . GLU A 1 85  ? 10.279  -0.282  -12.935 1.00 14.73 ? 345  GLU A N   1 
ATOM   713  C  CA  . GLU A 1 85  ? 9.678   -0.231  -14.255 1.00 15.16 ? 345  GLU A CA  1 
ATOM   714  C  C   . GLU A 1 85  ? 10.261  -1.404  -15.019 1.00 14.35 ? 345  GLU A C   1 
ATOM   715  O  O   . GLU A 1 85  ? 11.376  -1.844  -14.733 1.00 13.77 ? 345  GLU A O   1 
ATOM   716  C  CB  . GLU A 1 85  ? 10.026  1.080   -14.961 1.00 18.11 ? 345  GLU A CB  1 
ATOM   717  C  CG  . GLU A 1 85  ? 9.432   2.332   -14.319 1.00 20.73 ? 345  GLU A CG  1 
ATOM   718  C  CD  . GLU A 1 85  ? 7.924   2.458   -14.500 1.00 23.20 ? 345  GLU A CD  1 
ATOM   719  O  OE1 . GLU A 1 85  ? 7.276   1.508   -14.991 1.00 26.23 ? 345  GLU A OE1 1 
ATOM   720  O  OE2 . GLU A 1 85  ? 7.380   3.524   -14.155 1.00 25.17 ? 345  GLU A OE2 1 
ATOM   721  N  N   . ALA A 1 86  ? 9.515   -1.899  -16.000 1.00 16.55 ? 346  ALA A N   1 
ATOM   722  C  CA  . ALA A 1 86  ? 9.961   -3.039  -16.792 1.00 19.11 ? 346  ALA A CA  1 
ATOM   723  C  C   . ALA A 1 86  ? 11.331  -2.834  -17.457 1.00 20.09 ? 346  ALA A C   1 
ATOM   724  O  O   . ALA A 1 86  ? 12.112  -3.779  -17.577 1.00 21.07 ? 346  ALA A O   1 
ATOM   725  C  CB  . ALA A 1 86  ? 8.902   -3.395  -17.834 1.00 19.63 ? 346  ALA A CB  1 
ATOM   726  N  N   . ASP A 1 87  ? 11.642  -1.597  -17.840 1.00 20.62 ? 347  ASP A N   1 
ATOM   727  C  CA  . ASP A 1 87  ? 12.924  -1.306  -18.484 1.00 22.29 ? 347  ASP A CA  1 
ATOM   728  C  C   . ASP A 1 87  ? 14.131  -1.284  -17.541 1.00 22.19 ? 347  ASP A C   1 
ATOM   729  O  O   . ASP A 1 87  ? 15.269  -1.115  -17.987 1.00 24.49 ? 347  ASP A O   1 
ATOM   730  C  CB  . ASP A 1 87  ? 12.851  0.005   -19.277 1.00 22.72 ? 347  ASP A CB  1 
ATOM   731  C  CG  . ASP A 1 87  ? 12.465  1.193   -18.420 1.00 25.32 ? 347  ASP A CG  1 
ATOM   732  O  OD1 . ASP A 1 87  ? 12.000  2.197   -18.993 1.00 28.41 ? 347  ASP A OD1 1 
ATOM   733  O  OD2 . ASP A 1 87  ? 12.623  1.136   -17.180 1.00 26.26 ? 347  ASP A OD2 1 
ATOM   734  N  N   . GLY A 1 88  ? 13.882  -1.435  -16.242 1.00 19.37 ? 348  GLY A N   1 
ATOM   735  C  CA  . GLY A 1 88  ? 14.969  -1.436  -15.280 1.00 16.10 ? 348  GLY A CA  1 
ATOM   736  C  C   . GLY A 1 88  ? 15.038  -0.216  -14.379 1.00 13.82 ? 348  GLY A C   1 
ATOM   737  O  O   . GLY A 1 88  ? 15.830  -0.187  -13.434 1.00 14.48 ? 348  GLY A O   1 
ATOM   738  N  N   . ARG A 1 89  ? 14.220  0.790   -14.665 1.00 12.33 ? 349  ARG A N   1 
ATOM   739  C  CA  . ARG A 1 89  ? 14.194  2.014   -13.869 1.00 13.25 ? 349  ARG A CA  1 
ATOM   740  C  C   . ARG A 1 89  ? 13.632  1.834   -12.464 1.00 13.40 ? 349  ARG A C   1 
ATOM   741  O  O   . ARG A 1 89  ? 12.726  1.030   -12.241 1.00 13.48 ? 349  ARG A O   1 
ATOM   742  C  CB  . ARG A 1 89  ? 13.372  3.090   -14.576 1.00 15.42 ? 349  ARG A CB  1 
ATOM   743  C  CG  . ARG A 1 89  ? 14.115  3.817   -15.684 1.00 20.33 ? 349  ARG A CG  1 
ATOM   744  C  CD  . ARG A 1 89  ? 13.165  4.283   -16.772 1.00 24.08 ? 349  ARG A CD  1 
ATOM   745  N  NE  . ARG A 1 89  ? 12.089  5.136   -16.282 1.00 27.54 ? 349  ARG A NE  1 
ATOM   746  C  CZ  . ARG A 1 89  ? 10.804  4.969   -16.589 1.00 31.49 ? 349  ARG A CZ  1 
ATOM   747  N  NH1 . ARG A 1 89  ? 10.427  3.972   -17.381 1.00 31.05 ? 349  ARG A NH1 1 
ATOM   748  N  NH2 . ARG A 1 89  ? 9.896   5.821   -16.127 1.00 32.77 ? 349  ARG A NH2 1 
ATOM   749  N  N   . VAL A 1 90  ? 14.228  2.545   -11.512 1.00 12.38 ? 350  VAL A N   1 
ATOM   750  C  CA  . VAL A 1 90  ? 13.767  2.546   -10.128 1.00 13.41 ? 350  VAL A CA  1 
ATOM   751  C  C   . VAL A 1 90  ? 13.391  4.010   -9.943  1.00 14.09 ? 350  VAL A C   1 
ATOM   752  O  O   . VAL A 1 90  ? 14.254  4.889   -9.985  1.00 15.35 ? 350  VAL A O   1 
ATOM   753  C  CB  . VAL A 1 90  ? 14.878  2.146   -9.132  1.00 13.22 ? 350  VAL A CB  1 
ATOM   754  C  CG1 . VAL A 1 90  ? 14.356  2.252   -7.703  1.00 14.12 ? 350  VAL A CG1 1 
ATOM   755  C  CG2 . VAL A 1 90  ? 15.354  0.721   -9.414  1.00 14.56 ? 350  VAL A CG2 1 
ATOM   756  N  N   . VAL A 1 91  ? 12.091  4.274   -9.864  1.00 14.47 ? 351  VAL A N   1 
ATOM   757  C  CA  . VAL A 1 91  ? 11.589  5.642   -9.747  1.00 16.24 ? 351  VAL A CA  1 
ATOM   758  C  C   . VAL A 1 91  ? 10.608  5.857   -8.604  1.00 17.35 ? 351  VAL A C   1 
ATOM   759  O  O   . VAL A 1 91  ? 10.032  4.903   -8.082  1.00 16.24 ? 351  VAL A O   1 
ATOM   760  C  CB  . VAL A 1 91  ? 10.858  6.065   -11.045 1.00 18.66 ? 351  VAL A CB  1 
ATOM   761  C  CG1 . VAL A 1 91  ? 11.833  6.195   -12.182 1.00 24.06 ? 351  VAL A CG1 1 
ATOM   762  C  CG2 . VAL A 1 91  ? 9.788   5.039   -11.407 1.00 17.16 ? 351  VAL A CG2 1 
ATOM   763  N  N   . GLU A 1 92  ? 10.379  7.124   -8.269  1.00 16.97 ? 352  GLU A N   1 
ATOM   764  C  CA  . GLU A 1 92  ? 9.442   7.487   -7.214  1.00 19.74 ? 352  GLU A CA  1 
ATOM   765  C  C   . GLU A 1 92  ? 8.011   7.342   -7.727  1.00 18.47 ? 352  GLU A C   1 
ATOM   766  O  O   . GLU A 1 92  ? 7.759   7.458   -8.926  1.00 16.32 ? 352  GLU A O   1 
ATOM   767  C  CB  . GLU A 1 92  ? 9.703   8.921   -6.742  1.00 24.21 ? 352  GLU A CB  1 
ATOM   768  C  CG  . GLU A 1 92  ? 10.998  9.068   -5.943  1.00 34.30 ? 352  GLU A CG  1 
ATOM   769  C  CD  . GLU A 1 92  ? 11.534  10.497  -5.903  1.00 41.26 ? 352  GLU A CD  1 
ATOM   770  O  OE1 . GLU A 1 92  ? 10.741  11.441  -5.679  1.00 43.74 ? 352  GLU A OE1 1 
ATOM   771  O  OE2 . GLU A 1 92  ? 12.762  10.673  -6.092  1.00 44.00 ? 352  GLU A OE2 1 
ATOM   772  N  N   . GLY A 1 93  ? 7.087   7.032   -6.824  1.00 17.27 ? 353  GLY A N   1 
ATOM   773  C  CA  . GLY A 1 93  ? 5.697   6.871   -7.216  1.00 16.35 ? 353  GLY A CA  1 
ATOM   774  C  C   . GLY A 1 93  ? 5.039   8.202   -7.530  1.00 16.87 ? 353  GLY A C   1 
ATOM   775  O  O   . GLY A 1 93  ? 5.537   9.251   -7.118  1.00 15.98 ? 353  GLY A O   1 
ATOM   776  N  N   . ASN A 1 94  ? 3.905   8.147   -8.231  1.00 17.32 ? 354  ASN A N   1 
ATOM   777  C  CA  . ASN A 1 94  ? 3.147   9.341   -8.626  1.00 19.43 ? 354  ASN A CA  1 
ATOM   778  C  C   . ASN A 1 94  ? 1.761   9.409   -7.973  1.00 18.88 ? 354  ASN A C   1 
ATOM   779  O  O   . ASN A 1 94  ? 0.913   10.190  -8.398  1.00 19.69 ? 354  ASN A O   1 
ATOM   780  C  CB  . ASN A 1 94  ? 2.962   9.367   -10.153 1.00 19.23 ? 354  ASN A CB  1 
ATOM   781  C  CG  . ASN A 1 94  ? 4.266   9.196   -10.906 1.00 20.71 ? 354  ASN A CG  1 
ATOM   782  O  OD1 . ASN A 1 94  ? 5.212   9.965   -10.721 1.00 22.67 ? 354  ASN A OD1 1 
ATOM   783  N  ND2 . ASN A 1 94  ? 4.327   8.175   -11.754 1.00 19.25 ? 354  ASN A ND2 1 
ATOM   784  N  N   . HIS A 1 95  ? 1.534   8.605   -6.937  1.00 18.00 ? 355  HIS A N   1 
ATOM   785  C  CA  . HIS A 1 95  ? 0.238   8.568   -6.261  1.00 16.31 ? 355  HIS A CA  1 
ATOM   786  C  C   . HIS A 1 95  ? -0.037  9.677   -5.256  1.00 16.61 ? 355  HIS A C   1 
ATOM   787  O  O   . HIS A 1 95  ? 0.840   10.056  -4.480  1.00 16.84 ? 355  HIS A O   1 
ATOM   788  C  CB  . HIS A 1 95  ? 0.071   7.252   -5.492  1.00 15.97 ? 355  HIS A CB  1 
ATOM   789  C  CG  . HIS A 1 95  ? -0.078  6.035   -6.350  1.00 15.62 ? 355  HIS A CG  1 
ATOM   790  N  ND1 . HIS A 1 95  ? -1.262  5.334   -6.444  1.00 15.00 ? 355  HIS A ND1 1 
ATOM   791  C  CD2 . HIS A 1 95  ? 0.834   5.327   -7.058  1.00 16.45 ? 355  HIS A CD2 1 
ATOM   792  C  CE1 . HIS A 1 95  ? -1.071  4.245   -7.164  1.00 15.13 ? 355  HIS A CE1 1 
ATOM   793  N  NE2 . HIS A 1 95  ? 0.195   4.217   -7.550  1.00 14.65 ? 355  HIS A NE2 1 
ATOM   794  N  N   . VAL A 1 96  ? -1.269  10.180  -5.273  1.00 18.47 ? 356  VAL A N   1 
ATOM   795  C  CA  . VAL A 1 96  ? -1.716  11.168  -4.291  1.00 19.85 ? 356  VAL A CA  1 
ATOM   796  C  C   . VAL A 1 96  ? -2.495  10.320  -3.278  1.00 20.74 ? 356  VAL A C   1 
ATOM   797  O  O   . VAL A 1 96  ? -2.643  10.694  -2.113  1.00 22.67 ? 356  VAL A O   1 
ATOM   798  C  CB  . VAL A 1 96  ? -2.632  12.281  -4.881  1.00 20.33 ? 356  VAL A CB  1 
ATOM   799  C  CG1 . VAL A 1 96  ? -1.814  13.234  -5.736  1.00 20.92 ? 356  VAL A CG1 1 
ATOM   800  C  CG2 . VAL A 1 96  ? -3.770  11.679  -5.685  1.00 24.04 ? 356  VAL A CG2 1 
ATOM   801  N  N   . VAL A 1 97  ? -2.943  9.150   -3.739  1.00 19.26 ? 357  VAL A N   1 
ATOM   802  C  CA  . VAL A 1 97  ? -3.666  8.170   -2.924  1.00 16.38 ? 357  VAL A CA  1 
ATOM   803  C  C   . VAL A 1 97  ? -3.419  6.775   -3.487  1.00 14.84 ? 357  VAL A C   1 
ATOM   804  O  O   . VAL A 1 97  ? -3.081  6.614   -4.658  1.00 14.57 ? 357  VAL A O   1 
ATOM   805  C  CB  . VAL A 1 97  ? -5.205  8.386   -2.931  1.00 16.52 ? 357  VAL A CB  1 
ATOM   806  C  CG1 . VAL A 1 97  ? -5.563  9.758   -2.387  1.00 17.27 ? 357  VAL A CG1 1 
ATOM   807  C  CG2 . VAL A 1 97  ? -5.765  8.177   -4.332  1.00 14.92 ? 357  VAL A CG2 1 
ATOM   808  N  N   . TYR A 1 98  ? -3.542  5.773   -2.628  1.00 14.26 ? 358  TYR A N   1 
ATOM   809  C  CA  . TYR A 1 98  ? -3.398  4.385   -3.038  1.00 13.02 ? 358  TYR A CA  1 
ATOM   810  C  C   . TYR A 1 98  ? -4.726  3.714   -2.739  1.00 12.79 ? 358  TYR A C   1 
ATOM   811  O  O   . TYR A 1 98  ? -5.091  3.549   -1.572  1.00 13.94 ? 358  TYR A O   1 
ATOM   812  C  CB  . TYR A 1 98  ? -2.283  3.677   -2.266  1.00 12.63 ? 358  TYR A CB  1 
ATOM   813  C  CG  . TYR A 1 98  ? -0.901  3.955   -2.793  1.00 12.85 ? 358  TYR A CG  1 
ATOM   814  C  CD1 . TYR A 1 98  ? -0.146  5.010   -2.293  1.00 12.77 ? 358  TYR A CD1 1 
ATOM   815  C  CD2 . TYR A 1 98  ? -0.352  3.173   -3.814  1.00 12.82 ? 358  TYR A CD2 1 
ATOM   816  C  CE1 . TYR A 1 98  ? 1.119   5.290   -2.794  1.00 13.52 ? 358  TYR A CE1 1 
ATOM   817  C  CE2 . TYR A 1 98  ? 0.915   3.444   -4.323  1.00 11.89 ? 358  TYR A CE2 1 
ATOM   818  C  CZ  . TYR A 1 98  ? 1.643   4.506   -3.808  1.00 13.04 ? 358  TYR A CZ  1 
ATOM   819  O  OH  . TYR A 1 98  ? 2.887   4.795   -4.307  1.00 12.24 ? 358  TYR A OH  1 
ATOM   820  N  N   . ARG A 1 99  ? -5.525  3.490   -3.775  1.00 12.04 ? 359  ARG A N   1 
ATOM   821  C  CA  . ARG A 1 99  ? -6.800  2.816   -3.577  1.00 13.19 ? 359  ARG A CA  1 
ATOM   822  C  C   . ARG A 1 99  ? -6.542  1.316   -3.676  1.00 12.97 ? 359  ARG A C   1 
ATOM   823  O  O   . ARG A 1 99  ? -5.991  0.830   -4.666  1.00 11.70 ? 359  ARG A O   1 
ATOM   824  C  CB  . ARG A 1 99  ? -7.856  3.273   -4.584  1.00 14.43 ? 359  ARG A CB  1 
ATOM   825  C  CG  . ARG A 1 99  ? -9.202  2.587   -4.373  1.00 13.55 ? 359  ARG A CG  1 
ATOM   826  C  CD  . ARG A 1 99  ? -10.295 3.209   -5.218  1.00 17.46 ? 359  ARG A CD  1 
ATOM   827  N  NE  . ARG A 1 99  ? -10.604 4.558   -4.769  1.00 17.32 ? 359  ARG A NE  1 
ATOM   828  C  CZ  . ARG A 1 99  ? -11.803 5.126   -4.861  1.00 19.32 ? 359  ARG A CZ  1 
ATOM   829  N  NH1 . ARG A 1 99  ? -12.820 4.460   -5.395  1.00 19.09 ? 359  ARG A NH1 1 
ATOM   830  N  NH2 . ARG A 1 99  ? -11.986 6.358   -4.402  1.00 18.66 ? 359  ARG A NH2 1 
ATOM   831  N  N   . ILE A 1 100 ? -6.915  0.602   -2.620  1.00 11.40 ? 360  ILE A N   1 
ATOM   832  C  CA  . ILE A 1 100 ? -6.696  -0.835  -2.521  1.00 11.53 ? 360  ILE A CA  1 
ATOM   833  C  C   . ILE A 1 100 ? -8.016  -1.582  -2.368  1.00 12.76 ? 360  ILE A C   1 
ATOM   834  O  O   . ILE A 1 100 ? -8.939  -1.096  -1.713  1.00 12.75 ? 360  ILE A O   1 
ATOM   835  C  CB  . ILE A 1 100 ? -5.826  -1.148  -1.275  1.00 14.79 ? 360  ILE A CB  1 
ATOM   836  C  CG1 . ILE A 1 100 ? -4.519  -0.345  -1.311  1.00 18.16 ? 360  ILE A CG1 1 
ATOM   837  C  CG2 . ILE A 1 100 ? -5.545  -2.633  -1.168  1.00 14.52 ? 360  ILE A CG2 1 
ATOM   838  C  CD1 . ILE A 1 100 ? -3.583  -0.728  -2.427  1.00 21.45 ? 360  ILE A CD1 1 
ATOM   839  N  N   . SER A 1 101 ? -8.099  -2.760  -2.982  1.00 11.57 ? 361  SER A N   1 
ATOM   840  C  CA  . SER A 1 101 ? -9.287  -3.599  -2.894  1.00 11.17 ? 361  SER A CA  1 
ATOM   841  C  C   . SER A 1 101 ? -8.890  -4.944  -2.294  1.00 11.72 ? 361  SER A C   1 
ATOM   842  O  O   . SER A 1 101 ? -7.993  -5.612  -2.813  1.00 11.06 ? 361  SER A O   1 
ATOM   843  C  CB  . SER A 1 101 ? -9.901  -3.811  -4.276  1.00 10.12 ? 361  SER A CB  1 
ATOM   844  O  OG  . SER A 1 101 ? -10.960 -4.744  -4.217  1.00 10.82 ? 361  SER A OG  1 
ATOM   845  N  N   . ALA A 1 102 ? -9.536  -5.324  -1.190  1.00 11.55 ? 362  ALA A N   1 
ATOM   846  C  CA  . ALA A 1 102 ? -9.249  -6.596  -0.519  1.00 11.64 ? 362  ALA A CA  1 
ATOM   847  C  C   . ALA A 1 102 ? -10.147 -7.741  -1.020  1.00 12.27 ? 362  ALA A C   1 
ATOM   848  O  O   . ALA A 1 102 ? -11.263 -7.515  -1.491  1.00 12.67 ? 362  ALA A O   1 
ATOM   849  C  CB  . ALA A 1 102 ? -9.368  -6.437  0.994   1.00 12.15 ? 362  ALA A CB  1 
ATOM   850  N  N   . PRO A 1 103 ? -9.667  -8.990  -0.908  1.00 13.52 ? 363  PRO A N   1 
ATOM   851  C  CA  . PRO A 1 103 ? -10.395 -10.186 -1.349  1.00 15.48 ? 363  PRO A CA  1 
ATOM   852  C  C   . PRO A 1 103 ? -11.734 -10.441 -0.668  1.00 16.61 ? 363  PRO A C   1 
ATOM   853  O  O   . PRO A 1 103 ? -12.595 -11.136 -1.217  1.00 17.09 ? 363  PRO A O   1 
ATOM   854  C  CB  . PRO A 1 103 ? -9.407  -11.309 -1.042  1.00 16.07 ? 363  PRO A CB  1 
ATOM   855  C  CG  . PRO A 1 103 ? -8.077  -10.630 -1.145  1.00 17.09 ? 363  PRO A CG  1 
ATOM   856  C  CD  . PRO A 1 103 ? -8.333  -9.356  -0.407  1.00 13.14 ? 363  PRO A CD  1 
ATOM   857  N  N   . SER A 1 104 ? -11.898 -9.902  0.535   1.00 16.39 ? 364  SER A N   1 
ATOM   858  C  CA  . SER A 1 104 ? -13.128 -10.087 1.290   1.00 16.15 ? 364  SER A CA  1 
ATOM   859  C  C   . SER A 1 104 ? -13.305 -8.963  2.299   1.00 16.93 ? 364  SER A C   1 
ATOM   860  O  O   . SER A 1 104 ? -12.366 -8.215  2.583   1.00 17.66 ? 364  SER A O   1 
ATOM   861  C  CB  . SER A 1 104 ? -13.089 -11.430 2.031   1.00 14.44 ? 364  SER A CB  1 
ATOM   862  O  OG  . SER A 1 104 ? -12.118 -11.419 3.064   1.00 14.60 ? 364  SER A OG  1 
ATOM   863  N  N   . PRO A 1 105 ? -14.530 -8.808  2.832   1.00 16.50 ? 365  PRO A N   1 
ATOM   864  C  CA  . PRO A 1 105 ? -14.796 -7.760  3.821   1.00 15.99 ? 365  PRO A CA  1 
ATOM   865  C  C   . PRO A 1 105 ? -13.906 -7.967  5.053   1.00 15.75 ? 365  PRO A C   1 
ATOM   866  O  O   . PRO A 1 105 ? -13.339 -7.017  5.592   1.00 16.11 ? 365  PRO A O   1 
ATOM   867  C  CB  . PRO A 1 105 ? -16.268 -7.992  4.158   1.00 16.72 ? 365  PRO A CB  1 
ATOM   868  C  CG  . PRO A 1 105 ? -16.825 -8.522  2.883   1.00 15.22 ? 365  PRO A CG  1 
ATOM   869  C  CD  . PRO A 1 105 ? -15.772 -9.506  2.459   1.00 16.67 ? 365  PRO A CD  1 
ATOM   870  N  N   . GLU A 1 106 ? -13.755 -9.224  5.460   1.00 15.39 ? 366  GLU A N   1 
ATOM   871  C  CA  . GLU A 1 106 ? -12.941 -9.566  6.620   1.00 16.12 ? 366  GLU A CA  1 
ATOM   872  C  C   . GLU A 1 106 ? -11.480 -9.202  6.406   1.00 15.07 ? 366  GLU A C   1 
ATOM   873  O  O   . GLU A 1 106 ? -10.829 -8.664  7.301   1.00 14.70 ? 366  GLU A O   1 
ATOM   874  C  CB  . GLU A 1 106 ? -13.060 -11.056 6.936   1.00 19.75 ? 366  GLU A CB  1 
ATOM   875  C  CG  . GLU A 1 106 ? -14.425 -11.490 7.456   1.00 25.59 ? 366  GLU A CG  1 
ATOM   876  C  CD  . GLU A 1 106 ? -15.524 -11.495 6.390   1.00 28.14 ? 366  GLU A CD  1 
ATOM   877  O  OE1 . GLU A 1 106 ? -16.709 -11.436 6.781   1.00 31.19 ? 366  GLU A OE1 1 
ATOM   878  O  OE2 . GLU A 1 106 ? -15.214 -11.577 5.180   1.00 26.06 ? 366  GLU A OE2 1 
ATOM   879  N  N   . GLU A 1 107 ? -10.956 -9.532  5.230   1.00 13.74 ? 367  GLU A N   1 
ATOM   880  C  CA  . GLU A 1 107 ? -9.570  -9.220  4.920   1.00 12.54 ? 367  GLU A CA  1 
ATOM   881  C  C   . GLU A 1 107 ? -9.353  -7.714  4.847   1.00 11.04 ? 367  GLU A C   1 
ATOM   882  O  O   . GLU A 1 107 ? -8.279  -7.226  5.190   1.00 10.35 ? 367  GLU A O   1 
ATOM   883  C  CB  . GLU A 1 107 ? -9.125  -9.930  3.642   1.00 14.81 ? 367  GLU A CB  1 
ATOM   884  C  CG  . GLU A 1 107 ? -8.926  -11.427 3.861   1.00 19.11 ? 367  GLU A CG  1 
ATOM   885  C  CD  . GLU A 1 107 ? -8.618  -12.191 2.587   1.00 25.00 ? 367  GLU A CD  1 
ATOM   886  O  OE1 . GLU A 1 107 ? -7.429  -12.263 2.203   1.00 28.03 ? 367  GLU A OE1 1 
ATOM   887  O  OE2 . GLU A 1 107 ? -9.566  -12.734 1.977   1.00 29.13 ? 367  GLU A OE2 1 
ATOM   888  N  N   . LYS A 1 108 ? -10.384 -6.970  4.446   1.00 12.99 ? 368  LYS A N   1 
ATOM   889  C  CA  . LYS A 1 108 ? -10.271 -5.512  4.396   1.00 13.02 ? 368  LYS A CA  1 
ATOM   890  C  C   . LYS A 1 108 ? -10.081 -5.003  5.830   1.00 13.13 ? 368  LYS A C   1 
ATOM   891  O  O   . LYS A 1 108 ? -9.189  -4.204  6.107   1.00 11.97 ? 368  LYS A O   1 
ATOM   892  C  CB  . LYS A 1 108 ? -11.525 -4.870  3.791   1.00 12.35 ? 368  LYS A CB  1 
ATOM   893  C  CG  . LYS A 1 108 ? -11.461 -3.347  3.758   1.00 14.24 ? 368  LYS A CG  1 
ATOM   894  C  CD  . LYS A 1 108 ? -12.725 -2.716  3.194   1.00 16.49 ? 368  LYS A CD  1 
ATOM   895  C  CE  . LYS A 1 108 ? -13.820 -2.553  4.242   1.00 22.80 ? 368  LYS A CE  1 
ATOM   896  N  NZ  . LYS A 1 108 ? -14.306 -3.855  4.797   1.00 30.87 ? 368  LYS A NZ  1 
ATOM   897  N  N   . GLU A 1 109 ? -10.918 -5.497  6.739   1.00 13.39 ? 369  GLU A N   1 
ATOM   898  C  CA  . GLU A 1 109 ? -10.849 -5.104  8.145   1.00 14.79 ? 369  GLU A CA  1 
ATOM   899  C  C   . GLU A 1 109 ? -9.483  -5.458  8.749   1.00 11.40 ? 369  GLU A C   1 
ATOM   900  O  O   . GLU A 1 109 ? -8.850  -4.628  9.404   1.00 11.08 ? 369  GLU A O   1 
ATOM   901  C  CB  . GLU A 1 109 ? -11.979 -5.771  8.937   1.00 18.04 ? 369  GLU A CB  1 
ATOM   902  C  CG  . GLU A 1 109 ? -11.996 -5.387  10.413  1.00 30.66 ? 369  GLU A CG  1 
ATOM   903  C  CD  . GLU A 1 109 ? -13.159 -5.995  11.195  1.00 36.93 ? 369  GLU A CD  1 
ATOM   904  O  OE1 . GLU A 1 109 ? -13.876 -6.868  10.649  1.00 41.89 ? 369  GLU A OE1 1 
ATOM   905  O  OE2 . GLU A 1 109 ? -13.354 -5.593  12.366  1.00 38.53 ? 369  GLU A OE2 1 
ATOM   906  N  N   . GLU A 1 110 ? -9.014  -6.673  8.481   1.00 10.00 ? 370  GLU A N   1 
ATOM   907  C  CA  . GLU A 1 110 ? -7.722  -7.122  8.989   1.00 9.38  ? 370  GLU A CA  1 
ATOM   908  C  C   . GLU A 1 110 ? -6.577  -6.248  8.475   1.00 9.19  ? 370  GLU A C   1 
ATOM   909  O  O   . GLU A 1 110 ? -5.718  -5.828  9.252   1.00 9.32  ? 370  GLU A O   1 
ATOM   910  C  CB  . GLU A 1 110 ? -7.480  -8.586  8.623   1.00 10.43 ? 370  GLU A CB  1 
ATOM   911  C  CG  . GLU A 1 110 ? -8.411  -9.546  9.337   1.00 11.22 ? 370  GLU A CG  1 
ATOM   912  C  CD  . GLU A 1 110 ? -8.334  -10.962 8.795   1.00 13.55 ? 370  GLU A CD  1 
ATOM   913  O  OE1 . GLU A 1 110 ? -8.695  -11.898 9.540   1.00 13.69 ? 370  GLU A OE1 1 
ATOM   914  O  OE2 . GLU A 1 110 ? -7.939  -11.137 7.620   1.00 14.28 ? 370  GLU A OE2 1 
ATOM   915  N  N   . TRP A 1 111 ? -6.583  -5.951  7.179   1.00 7.98  ? 371  TRP A N   1 
ATOM   916  C  CA  . TRP A 1 111 ? -5.545  -5.112  6.582   1.00 8.28  ? 371  TRP A CA  1 
ATOM   917  C  C   . TRP A 1 111 ? -5.549  -3.694  7.148   1.00 8.35  ? 371  TRP A C   1 
ATOM   918  O  O   . TRP A 1 111 ? -4.499  -3.165  7.519   1.00 8.22  ? 371  TRP A O   1 
ATOM   919  C  CB  . TRP A 1 111 ? -5.689  -5.073  5.057   1.00 10.46 ? 371  TRP A CB  1 
ATOM   920  C  CG  . TRP A 1 111 ? -4.958  -6.196  4.360   1.00 9.74  ? 371  TRP A CG  1 
ATOM   921  C  CD1 . TRP A 1 111 ? -5.511  -7.309  3.787   1.00 9.25  ? 371  TRP A CD1 1 
ATOM   922  C  CD2 . TRP A 1 111 ? -3.541  -6.304  4.157   1.00 9.05  ? 371  TRP A CD2 1 
ATOM   923  N  NE1 . TRP A 1 111 ? -4.526  -8.100  3.243   1.00 8.73  ? 371  TRP A NE1 1 
ATOM   924  C  CE2 . TRP A 1 111 ? -3.308  -7.507  3.453   1.00 8.61  ? 371  TRP A CE2 1 
ATOM   925  C  CE3 . TRP A 1 111 ? -2.443  -5.498  4.503   1.00 7.97  ? 371  TRP A CE3 1 
ATOM   926  C  CZ2 . TRP A 1 111 ? -2.020  -7.927  3.083   1.00 9.28  ? 371  TRP A CZ2 1 
ATOM   927  C  CZ3 . TRP A 1 111 ? -1.160  -5.919  4.135   1.00 9.96  ? 371  TRP A CZ3 1 
ATOM   928  C  CH2 . TRP A 1 111 ? -0.963  -7.122  3.432   1.00 8.20  ? 371  TRP A CH2 1 
HETATM 929  N  N   . MSE A 1 112 ? -6.730  -3.084  7.212   1.00 9.00  ? 372  MSE A N   1 
HETATM 930  C  CA  . MSE A 1 112 ? -6.858  -1.731  7.747   1.00 10.33 ? 372  MSE A CA  1 
HETATM 931  C  C   . MSE A 1 112 ? -6.354  -1.686  9.189   1.00 9.81  ? 372  MSE A C   1 
HETATM 932  O  O   . MSE A 1 112 ? -5.617  -0.780  9.567   1.00 10.47 ? 372  MSE A O   1 
HETATM 933  C  CB  . MSE A 1 112 ? -8.308  -1.242  7.669   1.00 10.50 ? 372  MSE A CB  1 
HETATM 934  C  CG  . MSE A 1 112 ? -8.807  -1.003  6.247   1.00 12.22 ? 372  MSE A CG  1 
HETATM 935  SE SE  . MSE A 1 112 ? -10.427 -0.165  6.169   1.00 19.26 ? 372  MSE A SE  1 
HETATM 936  C  CE  . MSE A 1 112 ? -9.958  1.465   6.681   1.00 19.37 ? 372  MSE A CE  1 
ATOM   937  N  N   . LYS A 1 113 ? -6.697  -2.704  9.973   1.00 10.16 ? 373  LYS A N   1 
ATOM   938  C  CA  . LYS A 1 113 ? -6.259  -2.761  11.362  1.00 11.35 ? 373  LYS A CA  1 
ATOM   939  C  C   . LYS A 1 113 ? -4.753  -2.942  11.491  1.00 9.68  ? 373  LYS A C   1 
ATOM   940  O  O   . LYS A 1 113 ? -4.115  -2.289  12.318  1.00 10.15 ? 373  LYS A O   1 
ATOM   941  C  CB  . LYS A 1 113 ? -7.006  -3.859  12.116  1.00 13.58 ? 373  LYS A CB  1 
ATOM   942  C  CG  . LYS A 1 113 ? -8.438  -3.481  12.400  1.00 20.79 ? 373  LYS A CG  1 
ATOM   943  C  CD  . LYS A 1 113 ? -9.166  -4.524  13.214  1.00 28.11 ? 373  LYS A CD  1 
ATOM   944  C  CE  . LYS A 1 113 ? -10.548 -3.997  13.590  1.00 33.21 ? 373  LYS A CE  1 
ATOM   945  N  NZ  . LYS A 1 113 ? -11.331 -4.965  14.404  1.00 39.89 ? 373  LYS A NZ  1 
ATOM   946  N  N   . SER A 1 114 ? -4.185  -3.820  10.669  1.00 7.91  ? 374  SER A N   1 
ATOM   947  C  CA  . SER A 1 114 ? -2.745  -4.068  10.686  1.00 8.12  ? 374  SER A CA  1 
ATOM   948  C  C   . SER A 1 114 ? -1.965  -2.800  10.308  1.00 9.22  ? 374  SER A C   1 
ATOM   949  O  O   . SER A 1 114 ? -0.967  -2.453  10.945  1.00 8.17  ? 374  SER A O   1 
ATOM   950  C  CB  . SER A 1 114 ? -2.392  -5.196  9.715   1.00 9.81  ? 374  SER A CB  1 
ATOM   951  O  OG  . SER A 1 114 ? -2.977  -6.418  10.116  1.00 8.42  ? 374  SER A OG  1 
ATOM   952  N  N   . ILE A 1 115 ? -2.426  -2.120  9.262   1.00 8.52  ? 375  ILE A N   1 
ATOM   953  C  CA  . ILE A 1 115 ? -1.787  -0.898  8.789   1.00 8.56  ? 375  ILE A CA  1 
ATOM   954  C  C   . ILE A 1 115 ? -1.877  0.211   9.837   1.00 8.49  ? 375  ILE A C   1 
ATOM   955  O  O   . ILE A 1 115 ? -0.866  0.825   10.173  1.00 8.87  ? 375  ILE A O   1 
ATOM   956  C  CB  . ILE A 1 115 ? -2.402  -0.448  7.440   1.00 9.36  ? 375  ILE A CB  1 
ATOM   957  C  CG1 . ILE A 1 115 ? -2.039  -1.468  6.352   1.00 8.21  ? 375  ILE A CG1 1 
ATOM   958  C  CG2 . ILE A 1 115 ? -1.922  0.959   7.059   1.00 9.31  ? 375  ILE A CG2 1 
ATOM   959  C  CD1 . ILE A 1 115 ? -2.850  -1.343  5.071   1.00 8.61  ? 375  ILE A CD1 1 
ATOM   960  N  N   . LYS A 1 116 ? -3.066  0.424   10.398  1.00 10.13 ? 376  LYS A N   1 
ATOM   961  C  CA  . LYS A 1 116 ? -3.234  1.456   11.421  1.00 11.79 ? 376  LYS A CA  1 
ATOM   962  C  C   . LYS A 1 116 ? -2.361  1.178   12.639  1.00 11.69 ? 376  LYS A C   1 
ATOM   963  O  O   . LYS A 1 116 ? -1.729  2.086   13.179  1.00 11.63 ? 376  LYS A O   1 
ATOM   964  C  CB  . LYS A 1 116 ? -4.697  1.589   11.843  1.00 14.68 ? 376  LYS A CB  1 
ATOM   965  C  CG  . LYS A 1 116 ? -5.502  2.537   10.973  1.00 22.26 ? 376  LYS A CG  1 
ATOM   966  C  CD  . LYS A 1 116 ? -4.831  3.916   10.917  1.00 29.37 ? 376  LYS A CD  1 
ATOM   967  C  CE  . LYS A 1 116 ? -5.685  4.953   10.186  1.00 34.77 ? 376  LYS A CE  1 
ATOM   968  N  NZ  . LYS A 1 116 ? -5.019  6.285   10.063  1.00 36.27 ? 376  LYS A NZ  1 
ATOM   969  N  N   . ALA A 1 117 ? -2.302  -0.088  13.049  1.00 10.51 ? 377  ALA A N   1 
ATOM   970  C  CA  . ALA A 1 117 ? -1.493  -0.482  14.194  1.00 10.32 ? 377  ALA A CA  1 
ATOM   971  C  C   . ALA A 1 117 ? -0.015  -0.221  13.909  1.00 12.42 ? 377  ALA A C   1 
ATOM   972  O  O   . ALA A 1 117 ? 0.727   0.240   14.782  1.00 13.43 ? 377  ALA A O   1 
ATOM   973  C  CB  . ALA A 1 117 ? -1.725  -1.954  14.526  1.00 10.40 ? 377  ALA A CB  1 
ATOM   974  N  N   . SER A 1 118 ? 0.405   -0.501  12.677  1.00 10.01 ? 378  SER A N   1 
ATOM   975  C  CA  . SER A 1 118 ? 1.793   -0.291  12.277  1.00 9.65  ? 378  SER A CA  1 
ATOM   976  C  C   . SER A 1 118 ? 2.158   1.195   12.349  1.00 8.72  ? 378  SER A C   1 
ATOM   977  O  O   . SER A 1 118 ? 3.184   1.563   12.926  1.00 10.41 ? 378  SER A O   1 
ATOM   978  C  CB  . SER A 1 118 ? 2.015   -0.826  10.858  1.00 9.03  ? 378  SER A CB  1 
ATOM   979  O  OG  . SER A 1 118 ? 3.365   -0.656  10.458  1.00 10.47 ? 378  SER A OG  1 
ATOM   980  N  N   . ILE A 1 119 ? 1.287   2.036   11.798  1.00 8.78  ? 379  ILE A N   1 
ATOM   981  C  CA  . ILE A 1 119 ? 1.487   3.486   11.780  1.00 10.64 ? 379  ILE A CA  1 
ATOM   982  C  C   . ILE A 1 119 ? 1.580   4.064   13.200  1.00 11.14 ? 379  ILE A C   1 
ATOM   983  O  O   . ILE A 1 119 ? 2.474   4.858   13.493  1.00 10.31 ? 379  ILE A O   1 
ATOM   984  C  CB  . ILE A 1 119 ? 0.353   4.191   10.982  1.00 10.82 ? 379  ILE A CB  1 
ATOM   985  C  CG1 . ILE A 1 119 ? 0.463   3.835   9.492   1.00 9.55  ? 379  ILE A CG1 1 
ATOM   986  C  CG2 . ILE A 1 119 ? 0.400   5.707   11.186  1.00 10.62 ? 379  ILE A CG2 1 
ATOM   987  C  CD1 . ILE A 1 119 ? -0.716  4.293   8.645   1.00 9.56  ? 379  ILE A CD1 1 
ATOM   988  N  N   . SER A 1 120 ? 0.695   3.610   14.085  1.00 12.99 ? 380  SER A N   1 
ATOM   989  C  CA  . SER A 1 120 ? 0.659   4.070   15.483  1.00 16.53 ? 380  SER A CA  1 
ATOM   990  C  C   . SER A 1 120 ? 1.838   3.573   16.317  1.00 16.12 ? 380  SER A C   1 
ATOM   991  O  O   . SER A 1 120 ? 2.282   4.252   17.245  1.00 17.53 ? 380  SER A O   1 
ATOM   992  C  CB  . SER A 1 120 ? -0.643  3.617   16.151  1.00 15.10 ? 380  SER A CB  1 
ATOM   993  O  OG  . SER A 1 120 ? -1.756  4.232   15.539  1.00 22.24 ? 380  SER A OG  1 
ATOM   994  N  N   . ARG A 1 121 ? 2.283   2.357   16.012  1.00 15.28 ? 381  ARG A N   1 
ATOM   995  C  CA  . ARG A 1 121 ? 3.395   1.692   16.692  1.00 16.39 ? 381  ARG A CA  1 
ATOM   996  C  C   . ARG A 1 121 ? 4.732   2.412   16.465  1.00 15.16 ? 381  ARG A C   1 
ATOM   997  O  O   . ARG A 1 121 ? 5.621   2.393   17.320  1.00 15.80 ? 381  ARG A O   1 
ATOM   998  C  CB  . ARG A 1 121 ? 3.489   0.253   16.175  1.00 16.98 ? 381  ARG A CB  1 
ATOM   999  C  CG  . ARG A 1 121 ? 4.520   -0.627  16.850  1.00 24.57 ? 381  ARG A CG  1 
ATOM   1000 C  CD  . ARG A 1 121 ? 4.674   -1.940  16.088  1.00 27.23 ? 381  ARG A CD  1 
ATOM   1001 N  NE  . ARG A 1 121 ? 3.372   -2.532  15.797  1.00 30.82 ? 381  ARG A NE  1 
ATOM   1002 C  CZ  . ARG A 1 121 ? 3.044   -3.118  14.651  1.00 28.51 ? 381  ARG A CZ  1 
ATOM   1003 N  NH1 . ARG A 1 121 ? 3.919   -3.211  13.659  1.00 30.23 ? 381  ARG A NH1 1 
ATOM   1004 N  NH2 . ARG A 1 121 ? 1.817   -3.581  14.485  1.00 30.14 ? 381  ARG A NH2 1 
ATOM   1005 N  N   . ASP A 1 122 ? 4.879   3.001   15.283  1.00 14.02 ? 382  ASP A N   1 
ATOM   1006 C  CA  . ASP A 1 122 ? 6.083   3.728   14.898  1.00 11.79 ? 382  ASP A CA  1 
ATOM   1007 C  C   . ASP A 1 122 ? 6.463   4.749   15.982  1.00 11.67 ? 382  ASP A C   1 
ATOM   1008 O  O   . ASP A 1 122 ? 5.700   5.667   16.270  1.00 12.86 ? 382  ASP A O   1 
ATOM   1009 C  CB  . ASP A 1 122 ? 5.803   4.419   13.563  1.00 11.17 ? 382  ASP A CB  1 
ATOM   1010 C  CG  . ASP A 1 122 ? 6.968   5.241   13.047  1.00 12.32 ? 382  ASP A CG  1 
ATOM   1011 O  OD1 . ASP A 1 122 ? 8.049   5.290   13.669  1.00 11.70 ? 382  ASP A OD1 1 
ATOM   1012 O  OD2 . ASP A 1 122 ? 6.780   5.850   11.977  1.00 14.90 ? 382  ASP A OD2 1 
ATOM   1013 N  N   . PRO A 1 123 ? 7.657   4.603   16.583  1.00 12.24 ? 383  PRO A N   1 
ATOM   1014 C  CA  . PRO A 1 123 ? 8.122   5.517   17.635  1.00 13.78 ? 383  PRO A CA  1 
ATOM   1015 C  C   . PRO A 1 123 ? 8.283   6.955   17.159  1.00 15.57 ? 383  PRO A C   1 
ATOM   1016 O  O   . PRO A 1 123 ? 8.341   7.880   17.967  1.00 16.13 ? 383  PRO A O   1 
ATOM   1017 C  CB  . PRO A 1 123 ? 9.486   4.940   18.020  1.00 13.97 ? 383  PRO A CB  1 
ATOM   1018 C  CG  . PRO A 1 123 ? 9.396   3.512   17.639  1.00 15.99 ? 383  PRO A CG  1 
ATOM   1019 C  CD  . PRO A 1 123 ? 8.660   3.560   16.329  1.00 12.88 ? 383  PRO A CD  1 
ATOM   1020 N  N   . PHE A 1 124 ? 8.371   7.141   15.848  1.00 14.00 ? 384  PHE A N   1 
ATOM   1021 C  CA  . PHE A 1 124 ? 8.561   8.472   15.291  1.00 15.03 ? 384  PHE A CA  1 
ATOM   1022 C  C   . PHE A 1 124 ? 7.264   9.029   14.725  1.00 18.32 ? 384  PHE A C   1 
ATOM   1023 O  O   . PHE A 1 124 ? 7.261   10.029  14.017  1.00 18.49 ? 384  PHE A O   1 
ATOM   1024 C  CB  . PHE A 1 124 ? 9.682   8.411   14.248  1.00 14.34 ? 384  PHE A CB  1 
ATOM   1025 C  CG  . PHE A 1 124 ? 10.887  7.630   14.713  1.00 13.74 ? 384  PHE A CG  1 
ATOM   1026 C  CD1 . PHE A 1 124 ? 11.266  6.453   14.073  1.00 13.50 ? 384  PHE A CD1 1 
ATOM   1027 C  CD2 . PHE A 1 124 ? 11.600  8.033   15.842  1.00 13.29 ? 384  PHE A CD2 1 
ATOM   1028 C  CE1 . PHE A 1 124 ? 12.333  5.687   14.551  1.00 12.78 ? 384  PHE A CE1 1 
ATOM   1029 C  CE2 . PHE A 1 124 ? 12.662  7.279   16.326  1.00 11.64 ? 384  PHE A CE2 1 
ATOM   1030 C  CZ  . PHE A 1 124 ? 13.028  6.103   15.681  1.00 12.98 ? 384  PHE A CZ  1 
ATOM   1031 N  N   . TYR A 1 125 ? 6.155   8.418   15.134  1.00 21.49 ? 385  TYR A N   1 
ATOM   1032 C  CA  . TYR A 1 125 ? 4.819   8.812   14.703  1.00 27.80 ? 385  TYR A CA  1 
ATOM   1033 C  C   . TYR A 1 125 ? 4.500   10.280  15.029  1.00 32.14 ? 385  TYR A C   1 
ATOM   1034 O  O   . TYR A 1 125 ? 4.750   10.748  16.139  1.00 30.36 ? 385  TYR A O   1 
ATOM   1035 C  CB  . TYR A 1 125 ? 3.791   7.879   15.356  1.00 28.96 ? 385  TYR A CB  1 
ATOM   1036 C  CG  . TYR A 1 125 ? 2.348   8.199   15.048  1.00 29.33 ? 385  TYR A CG  1 
ATOM   1037 C  CD1 . TYR A 1 125 ? 1.407   8.296   16.072  1.00 31.69 ? 385  TYR A CD1 1 
ATOM   1038 C  CD2 . TYR A 1 125 ? 1.917   8.402   13.740  1.00 29.28 ? 385  TYR A CD2 1 
ATOM   1039 C  CE1 . TYR A 1 125 ? 0.074   8.589   15.800  1.00 33.88 ? 385  TYR A CE1 1 
ATOM   1040 C  CE2 . TYR A 1 125 ? 0.588   8.695   13.454  1.00 31.49 ? 385  TYR A CE2 1 
ATOM   1041 C  CZ  . TYR A 1 125 ? -0.326  8.788   14.484  1.00 34.62 ? 385  TYR A CZ  1 
ATOM   1042 O  OH  . TYR A 1 125 ? -1.643  9.083   14.213  1.00 37.83 ? 385  TYR A OH  1 
ATOM   1043 N  N   . ASP A 1 126 ? 3.961   10.988  14.036  1.00 40.01 ? 386  ASP A N   1 
ATOM   1044 C  CA  . ASP A 1 126 ? 3.577   12.399  14.148  1.00 47.62 ? 386  ASP A CA  1 
ATOM   1045 C  C   . ASP A 1 126 ? 4.679   13.399  14.493  1.00 51.40 ? 386  ASP A C   1 
ATOM   1046 O  O   . ASP A 1 126 ? 4.398   14.577  14.734  1.00 53.75 ? 386  ASP A O   1 
ATOM   1047 C  CB  . ASP A 1 126 ? 2.396   12.576  15.117  1.00 49.61 ? 386  ASP A CB  1 
ATOM   1048 C  CG  . ASP A 1 126 ? 1.066   12.173  14.506  1.00 51.59 ? 386  ASP A CG  1 
ATOM   1049 O  OD1 . ASP A 1 126 ? 0.938   12.136  13.260  1.00 53.17 ? 386  ASP A OD1 1 
ATOM   1050 O  OD2 . ASP A 1 126 ? 0.122   11.910  15.285  1.00 52.94 ? 386  ASP A OD2 1 
HETATM 1051 N  N   . MSE A 1 127 ? 5.930   12.950  14.491  1.00 54.71 ? 387  MSE A N   1 
HETATM 1052 C  CA  . MSE A 1 127 ? 7.059   13.827  14.782  1.00 57.59 ? 387  MSE A CA  1 
HETATM 1053 C  C   . MSE A 1 127 ? 7.546   14.585  13.541  1.00 59.01 ? 387  MSE A C   1 
HETATM 1054 O  O   . MSE A 1 127 ? 6.871   14.594  12.509  1.00 61.15 ? 387  MSE A O   1 
HETATM 1055 C  CB  . MSE A 1 127 ? 8.210   13.040  15.399  1.00 59.02 ? 387  MSE A CB  1 
HETATM 1056 C  CG  . MSE A 1 127 ? 8.126   12.916  16.904  1.00 62.61 ? 387  MSE A CG  1 
HETATM 1057 SE SE  . MSE A 1 127 ? 8.999   11.488  17.578  1.00 68.08 ? 387  MSE A SE  1 
HETATM 1058 C  CE  . MSE A 1 127 ? 7.663   10.718  18.455  1.00 66.06 ? 387  MSE A CE  1 
HETATM 1059 C  C1  . 4IP B 2 .   ? 0.653   0.822   -14.269 1.00 16.66 ? 1101 4IP A C1  1 
HETATM 1060 O  O1  . 4IP B 2 .   ? -0.406  0.565   -15.165 1.00 19.67 ? 1101 4IP A O1  1 
HETATM 1061 C  C2  . 4IP B 2 .   ? 0.500   -0.141  -13.101 1.00 14.35 ? 1101 4IP A C2  1 
HETATM 1062 O  O2  . 4IP B 2 .   ? -0.780  0.048   -12.493 1.00 14.40 ? 1101 4IP A O2  1 
HETATM 1063 C  C3  . 4IP B 2 .   ? 1.609   0.092   -12.092 1.00 13.74 ? 1101 4IP A C3  1 
HETATM 1064 O  O3  . 4IP B 2 .   ? 1.444   -0.797  -10.993 1.00 12.79 ? 1101 4IP A O3  1 
HETATM 1065 C  C4  . 4IP B 2 .   ? 1.568   1.520   -11.590 1.00 15.27 ? 1101 4IP A C4  1 
HETATM 1066 O  O4  . 4IP B 2 .   ? 2.640   1.692   -10.656 1.00 13.82 ? 1101 4IP A O4  1 
HETATM 1067 C  C5  . 4IP B 2 .   ? 1.718   2.510   -12.739 1.00 16.58 ? 1101 4IP A C5  1 
HETATM 1068 O  O5  . 4IP B 2 .   ? 1.613   3.831   -12.175 1.00 17.86 ? 1101 4IP A O5  1 
HETATM 1069 C  C6  . 4IP B 2 .   ? 0.615   2.281   -13.782 1.00 17.35 ? 1101 4IP A C6  1 
HETATM 1070 O  O6  . 4IP B 2 .   ? 0.940   3.029   -14.960 1.00 17.16 ? 1101 4IP A O6  1 
HETATM 1071 P  P1  . 4IP B 2 .   ? -0.155  -0.026  -16.635 1.00 21.63 ? 1101 4IP A P1  1 
HETATM 1072 O  O1P . 4IP B 2 .   ? -1.486  -0.188  -17.263 1.00 19.30 ? 1101 4IP A O1P 1 
HETATM 1073 O  O2P . 4IP B 2 .   ? 0.564   -1.294  -16.368 1.00 22.53 ? 1101 4IP A O2P 1 
HETATM 1074 O  O3P . 4IP B 2 .   ? 0.687   0.965   -17.350 1.00 25.04 ? 1101 4IP A O3P 1 
HETATM 1075 P  P3  . 4IP B 2 .   ? 2.574   -1.835  -10.540 1.00 13.86 ? 1101 4IP A P3  1 
HETATM 1076 O  O4P . 4IP B 2 .   ? 2.026   -2.570  -9.361  1.00 13.18 ? 1101 4IP A O4P 1 
HETATM 1077 O  O5P . 4IP B 2 .   ? 2.761   -2.672  -11.749 1.00 14.45 ? 1101 4IP A O5P 1 
HETATM 1078 O  O6P . 4IP B 2 .   ? 3.806   -1.057  -10.216 1.00 11.86 ? 1101 4IP A O6P 1 
HETATM 1079 P  P4  . 4IP B 2 .   ? 2.462   1.969   -9.073  1.00 13.37 ? 1101 4IP A P4  1 
HETATM 1080 O  O7P . 4IP B 2 .   ? 1.013   2.063   -8.774  1.00 11.84 ? 1101 4IP A O7P 1 
HETATM 1081 O  O8P . 4IP B 2 .   ? 3.119   0.776   -8.492  1.00 12.37 ? 1101 4IP A O8P 1 
HETATM 1082 O  O9P . 4IP B 2 .   ? 3.223   3.201   -8.762  1.00 14.92 ? 1101 4IP A O9P 1 
HETATM 1083 P  P5  . 4IP B 2 .   ? 2.261   5.162   -12.833 1.00 19.24 ? 1101 4IP A P5  1 
HETATM 1084 O  OPF . 4IP B 2 .   ? 3.702   4.897   -13.042 1.00 18.47 ? 1101 4IP A OPF 1 
HETATM 1085 O  OPG . 4IP B 2 .   ? 2.021   6.279   -11.883 1.00 19.45 ? 1101 4IP A OPG 1 
HETATM 1086 O  OPH . 4IP B 2 .   ? 1.472   5.334   -14.078 1.00 20.72 ? 1101 4IP A OPH 1 
HETATM 1087 O  O   . HOH C 3 .   ? 7.504   4.121   7.337   1.00 10.95 ? 1    HOH A O   1 
HETATM 1088 O  O   . HOH C 3 .   ? 3.975   6.028   11.304  1.00 12.49 ? 2    HOH A O   1 
HETATM 1089 O  O   . HOH C 3 .   ? 2.084   -7.286  14.056  1.00 10.96 ? 3    HOH A O   1 
HETATM 1090 O  O   . HOH C 3 .   ? -4.391  -13.357 0.258   1.00 15.05 ? 4    HOH A O   1 
HETATM 1091 O  O   . HOH C 3 .   ? -2.055  -12.667 -10.042 1.00 11.55 ? 5    HOH A O   1 
HETATM 1092 O  O   . HOH C 3 .   ? -3.797  -11.303 4.987   1.00 11.11 ? 6    HOH A O   1 
HETATM 1093 O  O   . HOH C 3 .   ? 7.760   -8.334  -7.946  1.00 7.21  ? 7    HOH A O   1 
HETATM 1094 O  O   . HOH C 3 .   ? -4.689  -13.686 6.130   1.00 24.09 ? 8    HOH A O   1 
HETATM 1095 O  O   . HOH C 3 .   ? 5.780   0.615   12.937  1.00 18.35 ? 9    HOH A O   1 
HETATM 1096 O  O   . HOH C 3 .   ? 0.764   -9.531  12.789  1.00 11.35 ? 10   HOH A O   1 
HETATM 1097 O  O   . HOH C 3 .   ? 7.599   -10.585 -11.696 1.00 9.84  ? 11   HOH A O   1 
HETATM 1098 O  O   . HOH C 3 .   ? -5.200  -10.263 1.544   1.00 10.97 ? 12   HOH A O   1 
HETATM 1099 O  O   . HOH C 3 .   ? 4.088   3.377   -6.188  1.00 15.73 ? 13   HOH A O   1 
HETATM 1100 O  O   . HOH C 3 .   ? -4.199  4.215   -6.213  1.00 12.37 ? 14   HOH A O   1 
HETATM 1101 O  O   . HOH C 3 .   ? -0.145  -10.677 -9.951  1.00 11.19 ? 15   HOH A O   1 
HETATM 1102 O  O   . HOH C 3 .   ? 5.045   7.389   2.103   1.00 15.27 ? 16   HOH A O   1 
HETATM 1103 O  O   . HOH C 3 .   ? -1.721  -0.833  -9.992  1.00 10.78 ? 17   HOH A O   1 
HETATM 1104 O  O   . HOH C 3 .   ? 4.991   -2.756  9.716   1.00 13.07 ? 18   HOH A O   1 
HETATM 1105 O  O   . HOH C 3 .   ? -8.075  -1.712  -14.569 1.00 27.13 ? 19   HOH A O   1 
HETATM 1106 O  O   . HOH C 3 .   ? 7.508   -5.220  10.983  1.00 16.73 ? 20   HOH A O   1 
HETATM 1107 O  O   . HOH C 3 .   ? 6.347   7.988   4.532   1.00 20.35 ? 21   HOH A O   1 
HETATM 1108 O  O   . HOH C 3 .   ? 6.677   9.220   -4.535  1.00 16.74 ? 22   HOH A O   1 
HETATM 1109 O  O   . HOH C 3 .   ? 4.436   0.576   -14.467 1.00 23.81 ? 23   HOH A O   1 
HETATM 1110 O  O   . HOH C 3 .   ? 10.919  -5.251  -9.439  1.00 23.53 ? 24   HOH A O   1 
HETATM 1111 O  O   . HOH C 3 .   ? 0.667   -4.284  12.219  1.00 13.12 ? 25   HOH A O   1 
HETATM 1112 O  O   . HOH C 3 .   ? 9.050   7.961   20.506  1.00 13.08 ? 26   HOH A O   1 
HETATM 1113 O  O   . HOH C 3 .   ? 5.658   0.500   -11.917 1.00 15.00 ? 27   HOH A O   1 
HETATM 1114 O  O   . HOH C 3 .   ? -15.581 -0.646  -0.507  1.00 17.79 ? 28   HOH A O   1 
HETATM 1115 O  O   . HOH C 3 .   ? -2.931  -15.680 1.282   1.00 46.99 ? 29   HOH A O   1 
HETATM 1116 O  O   . HOH C 3 .   ? 1.442   -5.284  -14.984 1.00 24.39 ? 30   HOH A O   1 
HETATM 1117 O  O   . HOH C 3 .   ? -8.544  -14.728 10.105  1.00 17.29 ? 31   HOH A O   1 
HETATM 1118 O  O   . HOH C 3 .   ? 3.857   -2.258  -14.228 1.00 28.44 ? 32   HOH A O   1 
HETATM 1119 O  O   . HOH C 3 .   ? -2.979  -7.851  -12.189 1.00 15.69 ? 33   HOH A O   1 
HETATM 1120 O  O   . HOH C 3 .   ? 4.152   -6.514  -14.600 1.00 17.08 ? 34   HOH A O   1 
HETATM 1121 O  O   . HOH C 3 .   ? 4.021   -11.153 -15.867 1.00 20.52 ? 35   HOH A O   1 
HETATM 1122 O  O   . HOH C 3 .   ? 3.042   5.803   -9.336  1.00 12.94 ? 36   HOH A O   1 
HETATM 1123 O  O   . HOH C 3 .   ? -1.570  -7.701  12.118  1.00 13.06 ? 37   HOH A O   1 
HETATM 1124 O  O   . HOH C 3 .   ? 8.656   -6.769  -10.157 1.00 13.99 ? 38   HOH A O   1 
HETATM 1125 O  O   . HOH C 3 .   ? 3.442   7.426   -4.986  1.00 14.20 ? 39   HOH A O   1 
HETATM 1126 O  O   . HOH C 3 .   ? 7.769   9.057   -11.070 1.00 30.27 ? 40   HOH A O   1 
HETATM 1127 O  O   . HOH C 3 .   ? -17.692 -3.766  -0.940  1.00 22.48 ? 41   HOH A O   1 
HETATM 1128 O  O   . HOH C 3 .   ? -0.457  -0.064  17.296  1.00 29.72 ? 42   HOH A O   1 
HETATM 1129 O  O   . HOH C 3 .   ? -15.920 6.564   -1.292  1.00 23.93 ? 43   HOH A O   1 
HETATM 1130 O  O   . HOH C 3 .   ? 4.412   10.364  2.019   1.00 23.99 ? 44   HOH A O   1 
HETATM 1131 O  O   . HOH C 3 .   ? -16.575 -0.593  -3.254  1.00 16.51 ? 45   HOH A O   1 
HETATM 1132 O  O   . HOH C 3 .   ? 6.124   -14.132 0.887   1.00 29.50 ? 46   HOH A O   1 
HETATM 1133 O  O   . HOH C 3 .   ? -4.316  6.527   -8.047  1.00 17.88 ? 47   HOH A O   1 
HETATM 1134 O  O   . HOH C 3 .   ? -8.495  -8.417  -3.831  1.00 18.76 ? 48   HOH A O   1 
HETATM 1135 O  O   . HOH C 3 .   ? -3.217  8.964   -7.309  1.00 23.93 ? 49   HOH A O   1 
HETATM 1136 O  O   . HOH C 3 .   ? 7.312   -12.436 -1.445  1.00 26.45 ? 50   HOH A O   1 
HETATM 1137 O  O   . HOH C 3 .   ? -1.988  12.260  -0.088  1.00 22.95 ? 51   HOH A O   1 
HETATM 1138 O  O   . HOH C 3 .   ? -7.012  -10.436 -5.208  1.00 24.41 ? 52   HOH A O   1 
HETATM 1139 O  O   . HOH C 3 .   ? 9.187   -3.757  -13.116 1.00 17.69 ? 53   HOH A O   1 
HETATM 1140 O  O   . HOH C 3 .   ? 6.688   -2.974  -14.351 1.00 26.98 ? 54   HOH A O   1 
HETATM 1141 O  O   . HOH C 3 .   ? -11.098 -7.574  -4.811  1.00 27.32 ? 55   HOH A O   1 
HETATM 1142 O  O   . HOH C 3 .   ? -3.320  -16.696 -8.022  1.00 24.08 ? 56   HOH A O   1 
HETATM 1143 O  O   . HOH C 3 .   ? 0.814   -2.782  17.749  1.00 48.14 ? 57   HOH A O   1 
HETATM 1144 O  O   . HOH C 3 .   ? -16.093 -4.712  2.823   1.00 23.26 ? 58   HOH A O   1 
HETATM 1145 O  O   . HOH C 3 .   ? 7.967   0.206   14.920  1.00 23.55 ? 59   HOH A O   1 
HETATM 1146 O  O   . HOH C 3 .   ? 2.948   -6.745  16.820  1.00 34.49 ? 60   HOH A O   1 
HETATM 1147 O  O   . HOH C 3 .   ? -13.142 5.547   6.932   1.00 32.58 ? 61   HOH A O   1 
HETATM 1148 O  O   . HOH C 3 .   ? -6.978  -6.534  -12.190 1.00 61.53 ? 62   HOH A O   1 
HETATM 1149 O  O   . HOH C 3 .   ? 2.968   8.682   10.989  1.00 24.69 ? 63   HOH A O   1 
HETATM 1150 O  O   . HOH C 3 .   ? -7.435  -13.710 6.995   1.00 29.97 ? 64   HOH A O   1 
HETATM 1151 O  O   . HOH C 3 .   ? 8.199   -6.749  -15.780 1.00 38.17 ? 65   HOH A O   1 
HETATM 1152 O  O   . HOH C 3 .   ? 8.055   11.683  -4.080  1.00 28.20 ? 66   HOH A O   1 
HETATM 1153 O  O   . HOH C 3 .   ? -9.303  6.896   -6.128  1.00 32.54 ? 67   HOH A O   1 
HETATM 1154 O  O   . HOH C 3 .   ? 15.030  -2.412  -11.973 1.00 33.98 ? 68   HOH A O   1 
HETATM 1155 O  O   . HOH C 3 .   ? 15.195  6.771   -8.416  1.00 25.63 ? 69   HOH A O   1 
HETATM 1156 O  O   . HOH C 3 .   ? -6.653  -13.850 -1.915  1.00 30.03 ? 70   HOH A O   1 
HETATM 1157 O  O   . HOH C 3 .   ? -2.389  -2.570  -18.000 1.00 28.05 ? 71   HOH A O   1 
HETATM 1158 O  O   . HOH C 3 .   ? -4.895  -17.348 -5.025  1.00 34.17 ? 72   HOH A O   1 
HETATM 1159 O  O   . HOH C 3 .   ? -1.154  3.858   -20.602 1.00 49.56 ? 73   HOH A O   1 
HETATM 1160 O  O   . HOH C 3 .   ? -8.960  -10.447 -7.287  1.00 34.19 ? 74   HOH A O   1 
HETATM 1161 O  O   . HOH C 3 .   ? -4.778  -4.403  -15.318 1.00 34.88 ? 75   HOH A O   1 
HETATM 1162 O  O   . HOH C 3 .   ? -2.110  0.480   -19.844 1.00 37.12 ? 76   HOH A O   1 
HETATM 1163 O  O   . HOH C 3 .   ? 7.027   -9.443  -15.275 1.00 19.34 ? 77   HOH A O   1 
HETATM 1164 O  O   . HOH C 3 .   ? -6.556  -2.739  -17.087 1.00 59.35 ? 78   HOH A O   1 
HETATM 1165 O  O   . HOH C 3 .   ? 6.560   -2.114  12.764  1.00 34.00 ? 79   HOH A O   1 
HETATM 1166 O  O   . HOH C 3 .   ? -5.387  -1.261  14.470  1.00 19.25 ? 80   HOH A O   1 
HETATM 1167 O  O   . HOH C 3 .   ? 13.683  -6.066  9.336   1.00 43.08 ? 81   HOH A O   1 
HETATM 1168 O  O   . HOH C 3 .   ? 2.500   6.847   -16.378 1.00 29.04 ? 82   HOH A O   1 
HETATM 1169 O  O   . HOH C 3 .   ? -0.786  -5.579  14.549  1.00 27.91 ? 83   HOH A O   1 
HETATM 1170 O  O   . HOH C 3 .   ? -9.498  -4.688  -13.819 1.00 35.64 ? 84   HOH A O   1 
HETATM 1171 O  O   . HOH C 3 .   ? 4.640   -8.606  -18.091 1.00 50.66 ? 85   HOH A O   1 
HETATM 1172 O  O   . HOH C 3 .   ? -11.704 9.138   -1.838  1.00 42.54 ? 86   HOH A O   1 
HETATM 1173 O  O   . HOH C 3 .   ? 5.850   6.501   -13.802 1.00 37.27 ? 87   HOH A O   1 
HETATM 1174 O  O   . HOH C 3 .   ? 4.494   5.487   19.111  1.00 37.58 ? 88   HOH A O   1 
HETATM 1175 O  O   . HOH C 3 .   ? 10.841  -7.230  10.290  1.00 49.01 ? 89   HOH A O   1 
HETATM 1176 O  O   . HOH C 3 .   ? 6.001   1.404   19.723  1.00 29.59 ? 90   HOH A O   1 
HETATM 1177 O  O   . HOH C 3 .   ? -15.926 -9.706  -1.202  1.00 24.65 ? 91   HOH A O   1 
HETATM 1178 O  O   . HOH C 3 .   ? 10.823  -6.484  -17.780 1.00 60.53 ? 92   HOH A O   1 
HETATM 1179 O  O   . HOH C 3 .   ? -2.693  5.182   12.800  1.00 32.60 ? 93   HOH A O   1 
HETATM 1180 O  O   . HOH C 3 .   ? -14.941 -6.827  -8.628  1.00 42.73 ? 94   HOH A O   1 
HETATM 1181 O  O   . HOH C 3 .   ? 0.942   -8.031  -13.806 1.00 25.45 ? 95   HOH A O   1 
HETATM 1182 O  O   . HOH C 3 .   ? -0.446  -10.291 -12.945 1.00 37.65 ? 96   HOH A O   1 
HETATM 1183 O  O   . HOH C 3 .   ? -7.537  11.222  -5.444  1.00 33.49 ? 97   HOH A O   1 
HETATM 1184 O  O   . HOH C 3 .   ? -7.807  13.035  7.687   1.00 53.62 ? 98   HOH A O   1 
HETATM 1185 O  O   . HOH C 3 .   ? 4.702   3.431   -15.444 1.00 25.99 ? 99   HOH A O   1 
HETATM 1186 O  O   . HOH C 3 .   ? -5.962  10.124  -7.727  1.00 34.61 ? 100  HOH A O   1 
HETATM 1187 O  O   . HOH C 3 .   ? 8.851   8.629   -14.092 1.00 59.01 ? 101  HOH A O   1 
HETATM 1188 O  O   . HOH C 3 .   ? -8.825  8.490   8.324   1.00 34.12 ? 102  HOH A O   1 
HETATM 1189 O  O   . HOH C 3 .   ? 6.814   -0.987  -16.649 1.00 49.98 ? 103  HOH A O   1 
HETATM 1190 O  O   . HOH C 3 .   ? -2.226  -6.304  20.450  1.00 49.46 ? 104  HOH A O   1 
HETATM 1191 O  O   . HOH C 3 .   ? 8.162   -3.491  15.487  1.00 59.90 ? 105  HOH A O   1 
HETATM 1192 O  O   . HOH C 3 .   ? -6.102  11.083  9.833   1.00 41.79 ? 106  HOH A O   1 
HETATM 1193 O  O   . HOH C 3 .   ? -6.475  -3.794  15.807  1.00 36.10 ? 107  HOH A O   1 
HETATM 1194 O  O   . HOH C 3 .   ? -14.884 -13.462 -0.613  1.00 58.54 ? 108  HOH A O   1 
HETATM 1195 O  O   . HOH C 3 .   ? -11.853 -9.188  10.645  1.00 34.83 ? 109  HOH A O   1 
HETATM 1196 O  O   . HOH C 3 .   ? 0.485   -6.055  18.699  1.00 58.69 ? 110  HOH A O   1 
HETATM 1197 O  O   . HOH C 3 .   ? -9.151  7.378   -10.170 1.00 29.58 ? 111  HOH A O   1 
HETATM 1198 O  O   . HOH C 3 .   ? -6.976  7.318   -7.910  1.00 25.72 ? 112  HOH A O   1 
HETATM 1199 O  O   . HOH C 3 .   ? -11.406 3.722   -9.235  1.00 30.75 ? 113  HOH A O   1 
HETATM 1200 O  O   . HOH C 3 .   ? -3.885  -4.662  16.856  1.00 29.91 ? 114  HOH A O   1 
HETATM 1201 O  O   . HOH C 3 .   ? 11.841  9.371   -9.483  1.00 59.47 ? 115  HOH A O   1 
HETATM 1202 O  O   . HOH C 3 .   ? -14.951 6.827   -4.328  1.00 30.48 ? 116  HOH A O   1 
HETATM 1203 O  O   . HOH C 3 .   ? 2.570   3.976   -17.911 1.00 58.43 ? 117  HOH A O   1 
HETATM 1204 O  O   . HOH C 3 .   ? 13.015  -3.864  -13.612 1.00 59.53 ? 118  HOH A O   1 
HETATM 1205 O  O   . HOH C 3 .   ? 10.141  -8.763  -11.423 1.00 28.61 ? 119  HOH A O   1 
HETATM 1206 O  O   . HOH C 3 .   ? -17.028 4.698   2.984   1.00 39.23 ? 120  HOH A O   1 
HETATM 1207 O  O   . HOH C 3 .   ? 2.396   23.511  4.204   1.00 43.89 ? 121  HOH A O   1 
HETATM 1208 O  O   . HOH C 3 .   ? -8.334  12.393  -2.643  1.00 46.78 ? 122  HOH A O   1 
HETATM 1209 O  O   . HOH C 3 .   ? -16.539 1.788   2.130   1.00 47.17 ? 123  HOH A O   1 
HETATM 1210 O  O   . HOH C 3 .   ? 10.001  -7.803  14.408  1.00 62.05 ? 124  HOH A O   1 
HETATM 1211 O  O   . HOH C 3 .   ? -3.095  -7.431  -15.293 1.00 62.64 ? 125  HOH A O   1 
HETATM 1212 O  O   . HOH C 3 .   ? 9.394   -16.482 -1.630  1.00 32.38 ? 126  HOH A O   1 
HETATM 1213 O  O   . HOH C 3 .   ? -15.815 -16.325 -1.428  1.00 56.92 ? 127  HOH A O   1 
HETATM 1214 O  O   . HOH C 3 .   ? 0.284   9.285   9.826   1.00 37.03 ? 128  HOH A O   1 
HETATM 1215 O  O   . HOH C 3 .   ? 5.771   -5.031  -16.491 1.00 38.17 ? 129  HOH A O   1 
HETATM 1216 O  O   . HOH C 3 .   ? 2.664   12.739  0.835   1.00 41.53 ? 130  HOH A O   1 
HETATM 1217 O  O   . HOH C 3 .   ? -5.406  -16.053 4.441   1.00 46.92 ? 131  HOH A O   1 
HETATM 1218 O  O   . HOH C 3 .   ? 4.455   -21.387 0.067   1.00 36.46 ? 132  HOH A O   1 
HETATM 1219 O  O   . HOH C 3 .   ? -4.124  0.739   15.933  1.00 44.02 ? 133  HOH A O   1 
HETATM 1220 O  O   . HOH C 3 .   ? -7.732  -2.946  -20.528 1.00 57.88 ? 134  HOH A O   1 
HETATM 1221 O  O   . HOH C 3 .   ? 8.012   12.579  -13.187 1.00 62.07 ? 135  HOH A O   1 
HETATM 1222 O  O   . HOH C 3 .   ? -2.530  8.528   10.816  1.00 34.14 ? 136  HOH A O   1 
# 
